data_7W9L
#
_entry.id   7W9L
#
_cell.length_a   1.00
_cell.length_b   1.00
_cell.length_c   1.00
_cell.angle_alpha   90.00
_cell.angle_beta   90.00
_cell.angle_gamma   90.00
#
_symmetry.space_group_name_H-M   'P 1'
#
loop_
_entity.id
_entity.type
_entity.pdbx_description
1 polymer 'Sodium channel protein type 9 subunit alpha'
2 polymer 'Sodium channel subunit beta-1'
3 polymer 'Sodium channel subunit beta-2'
4 branched 2-acetamido-2-deoxy-beta-D-glucopyranose-(1-4)-2-acetamido-2-deoxy-beta-D-glucopyranose
5 non-polymer 2-acetamido-2-deoxy-beta-D-glucopyranose
6 non-polymer O-[(R)-{[(2R)-2,3-bis(octadecanoyloxy)propyl]oxy}(hydroxy)phosphoryl]-L-serine
7 non-polymer 'CHOLESTEROL HEMISUCCINATE'
8 non-polymer (3beta,14beta,17beta,25R)-3-[4-methoxy-3-(methoxymethyl)butoxy]spirost-5-en
9 non-polymer 1-O-OCTADECYL-SN-GLYCERO-3-PHOSPHOCHOLINE
10 non-polymer 1,2-DIOLEOYL-SN-GLYCERO-3-PHOSPHOCHOLINE
#
loop_
_entity_poly.entity_id
_entity_poly.type
_entity_poly.pdbx_seq_one_letter_code
_entity_poly.pdbx_strand_id
1 'polypeptide(L)'
;MASWSHPQFEKGGGARGGSGGGSWSHPQFEKGFDYKDDDDKGTMAMLPPPGPQSFVHFTKQSLALIEQRIAERKSKEPKE
EKKDDDEEAPKPSSDLEAGKQLPFIYGDIPPGMVSEPLEDLDPYYADKKTFIVLNKGKTIFRFNATPALYMLSPFSPLRR
ISIKILVHSLFSMLIMCTILTNCIFMTMNNPPDWTKNVEYTFTGIYTFESLVKILARGFCVGEFTFLRDPWNWLDFVVIV
FAYLTEFVNLGNVSALRTFRVLRALKTISVIPGLKTIVGALIQSVKKLSDVMILTVFCLSVFALIGLQLFMGNLKHKCFR
NSLENNETLESIMNTLESEEDFRKYFYYLEGSKDALLCGFSTDSGQCPEGYTCVKIGRNPDYGYTSFDTFSWAFLALFRL
MTQDYWENLYQQTLRAAGKTYMIFFVVVIFLGSFYLINLILAVVAMAYKEQNQANIEEAKQKELEFQQMLDRLKKEQEEA
EAIAAAAAEYTSIRRSRIMGLSESSSETSKLSSKSAKERRNRRKKKNQKKLSSGEEKGDAEKLSKSESEDSIRRKSFHLG
VEGHRRAHEKRLSTPNQSPLSIRGSLFSARRSSRTSLFSFKGRGRDIGSETEFADDEHSIFGDNESRRGSLFVPHRPQER
RSSNISQASRSPPMLPVNGKMHSAVDCNGVVSLVDGRSALMLPNGQLLPEVIIDKATSDDSGTTNQIHKKRRCSSYLLSE
DMLNDPNLRQRAMSRASILTNTVEELEESRQKCPPWWYRFAHKFLIWNCSPYWIKFKKCIYFIVMDPFVDLAITICIVLN
TLFMAMEHHPMTEEFKNVLAIGNLVFTGIFAAEMVLKLIAMDPYEYFQVGWNIFDSLIVTLSLVELFLADVEGLSVLRSF
RLLRVFKLAKSWPTLNMLIKIIGNSVGALGNLTLVLAIIVFIFAVVGMQLFGKSYKECVCKINDDCTLPRWHMNDFFHSF
LIVFRVLCGEWIETMWDCMEVAGQAMCLIVYMMVMVIGNLVVLNLFLALLLSSFSSDNLTAIEEDPDANNLQIAVTRIKK
GINYVKQTLREFILKAFSKKPKISREIRQAEDLNTKKENYISNHTLAEMSKGHNFLKEKDKISGFGSSVDKHLMEDSDGQ
SFIHNPSLTVTVPIAPGESDLENMNAEELSSDSDSEYSKVRLNRSSSSECSTVDNPLPGEGEEAEAEPMNSDEPEACFTD
GCVWRFSCCQVNIESGKGKIWWNIRKTCYKIVEHSWFESFIVLMILLSSGALAFEDIYIERKKTIKIILEYADKIFTYIF
ILEMLLKWIAYGYKTYFTNAWCWLDFLIVDVSLVTLVANTLGYSDLGPIKSLRTLRALRPLRALSRFEGMRVVVNALIGA
IPSIMNVLLVCLIFWLIFSIMGVNLFAGKFYECINTTDGSRFPASQVPNRSECFALMNVSQNVRWKNLKVNFDNVGLGYL
SLLQVATFKGWTIIMYAAVDSVNVDKQPKYEYSLYMYIYFVVFIIFGSFFTLNLFIGVIIDNFNQQKKKLGGQDIFMTEE
QKKYYNAMKKLGSKKPQKPIPRPGNKIQGCIFDLVTNQAFDISIMVLICLNMVTMMVEKEGQSQHMTEVLYWINVVFIIL
FTGECVLKLISLRHYYFTVGWNIFDFVVVIISIVGMFLADLIETYFVSPTLFRVIRLARIGRILRLVKGAKGIRTLLFAL
MMSLPALFNIGLLLFLVMFIYAIFGMSNFAYVKKEDGINDMFNFETFGNSMICLFQITTSAGWDGLLAPILNSKPPDCDP
KKVHPGSSVEGDCGNPSVGIFYFVSYIIISFLVVVNMYIAVILENFSVATEESTEPLSEDDFEMFYEVWEKFDPDATQFI
EFSKLSDFAAALDPPLLIAKPNKVQLIAMDLPMVSGDRIHCLDILFAFTKRVLGESGEMDSLRSQMEERFMSANPSKVSY
EPITTTLKRKQEDVSATVIQRAYRRYRLRQNVKNISSIYIKDGDRDDDLLNKKDMAFDNVNENSSPEKTDATSSTTSPPS
YDSVTKPDKEKYEQDRTEKEDKGKDSKESKK
;
A
2 'polypeptide(L)'
;MGRLLALVVGAALVSSACGGCVEVDSETEAVYGMTFKILCISCKRRSETNAETFTEWTFRQKGTEEFVKILRYENEVLQL
EEDERFEGRVVWNGSRGTKDLQDLSIFITNVTYNHSGDYECHVYRLLFFENYEHNTSVVKKIHIEVVDKANRDMASIVSE
IMMYVLIVVLTIWLVAEMIYCYKKIAAATETAAQENASEYLAITSESKENCTGVQVAE
;
B
3 'polypeptide(L)'
;MHRDAWLPRPAFSLTGLSLFFSLVPPGRSMEVTVPATLNVLNGSDARLPCTFNSCYTVNHKQFSLNWTYQECNNCSEEMF
LQFRMKIINLKLERFQDRVEFSGNPSKYDVSVMLRNVQPEDEGIYNCYIMNPPDRHRGHGKIHLQVLMEEPPERDSTVAV
IVGASVGGFLAVVILVLMVVKCVRRKKEQKLSTDDLKTEEEGKTDGEGNPDDGAK
;
C
#
# COMPACT_ATOMS: atom_id res chain seq x y z
N GLY A 51 -44.71 -0.75 -34.31
CA GLY A 51 -45.17 -1.70 -35.32
C GLY A 51 -45.28 -3.12 -34.80
N PRO A 52 -46.39 -3.44 -34.16
CA PRO A 52 -46.57 -4.78 -33.58
C PRO A 52 -46.60 -5.89 -34.60
N GLN A 53 -46.87 -5.56 -35.86
CA GLN A 53 -46.92 -6.56 -36.92
C GLN A 53 -45.84 -6.30 -37.96
N SER A 54 -44.65 -5.94 -37.50
CA SER A 54 -43.52 -5.63 -38.38
C SER A 54 -42.65 -6.88 -38.47
N PHE A 55 -43.15 -7.88 -39.21
CA PHE A 55 -42.47 -9.16 -39.32
C PHE A 55 -42.79 -9.77 -40.67
N VAL A 56 -41.87 -9.61 -41.63
CA VAL A 56 -42.02 -10.18 -42.96
C VAL A 56 -40.73 -10.91 -43.30
N HIS A 57 -40.84 -12.16 -43.74
CA HIS A 57 -39.68 -12.93 -44.14
C HIS A 57 -38.89 -12.18 -45.20
N PHE A 58 -37.57 -12.11 -45.03
CA PHE A 58 -36.73 -11.49 -46.05
C PHE A 58 -36.86 -12.26 -47.36
N THR A 59 -37.49 -11.62 -48.33
CA THR A 59 -37.71 -12.28 -49.62
C THR A 59 -36.90 -11.65 -50.74
N LYS A 60 -36.89 -12.33 -51.87
CA LYS A 60 -36.19 -11.81 -53.03
C LYS A 60 -36.89 -10.55 -53.43
N GLN A 61 -38.21 -10.55 -53.30
CA GLN A 61 -38.97 -9.37 -53.66
C GLN A 61 -38.58 -8.20 -52.78
N SER A 62 -38.40 -8.44 -51.48
CA SER A 62 -37.99 -7.37 -50.60
C SER A 62 -36.62 -6.89 -51.01
N LEU A 63 -35.74 -7.83 -51.30
CA LEU A 63 -34.39 -7.46 -51.72
C LEU A 63 -34.48 -6.56 -52.94
N ALA A 64 -35.31 -6.95 -53.90
CA ALA A 64 -35.52 -6.13 -55.08
C ALA A 64 -35.88 -4.71 -54.70
N LEU A 65 -36.84 -4.55 -53.78
CA LEU A 65 -37.20 -3.20 -53.33
C LEU A 65 -36.02 -2.51 -52.68
N ILE A 66 -35.23 -3.25 -51.90
CA ILE A 66 -34.07 -2.67 -51.24
C ILE A 66 -33.09 -2.11 -52.26
N GLU A 67 -32.65 -2.95 -53.20
CA GLU A 67 -31.70 -2.52 -54.21
C GLU A 67 -32.27 -1.40 -55.06
N GLN A 68 -33.59 -1.42 -55.29
CA GLN A 68 -34.21 -0.35 -56.04
C GLN A 68 -34.10 0.97 -55.30
N ARG A 69 -34.38 0.96 -53.99
CA ARG A 69 -34.25 2.19 -53.21
C ARG A 69 -32.79 2.64 -53.12
N ILE A 70 -31.86 1.69 -53.07
CA ILE A 70 -30.44 2.05 -53.13
C ILE A 70 -30.14 2.78 -54.43
N ALA A 71 -30.68 2.27 -55.54
CA ALA A 71 -30.47 2.92 -56.83
C ALA A 71 -31.09 4.31 -56.85
N GLU A 72 -32.29 4.46 -56.26
CA GLU A 72 -32.91 5.77 -56.20
C GLU A 72 -32.06 6.75 -55.39
N ARG A 73 -31.47 6.28 -54.29
CA ARG A 73 -30.56 7.14 -53.53
C ARG A 73 -29.35 7.52 -54.37
N LYS A 74 -28.69 6.53 -54.96
CA LYS A 74 -27.46 6.81 -55.70
C LYS A 74 -27.71 7.70 -56.91
N SER A 75 -28.93 7.70 -57.43
CA SER A 75 -29.25 8.52 -58.59
C SER A 75 -29.49 9.99 -58.24
N LYS A 76 -29.61 10.34 -56.96
CA LYS A 76 -29.89 11.71 -56.56
C LYS A 76 -28.77 12.32 -55.72
N GLU A 77 -27.58 11.73 -55.72
CA GLU A 77 -26.44 12.32 -55.03
C GLU A 77 -25.45 12.91 -56.02
N PRO A 90 -30.19 10.96 -40.26
CA PRO A 90 -30.67 9.92 -39.34
C PRO A 90 -29.54 9.01 -38.85
N LYS A 91 -29.73 8.42 -37.68
CA LYS A 91 -28.80 7.49 -37.05
C LYS A 91 -29.46 6.14 -36.85
N PRO A 92 -28.68 5.07 -36.67
CA PRO A 92 -29.28 3.78 -36.31
C PRO A 92 -29.93 3.86 -34.94
N SER A 93 -31.20 3.47 -34.88
CA SER A 93 -31.96 3.60 -33.63
C SER A 93 -31.37 2.70 -32.57
N SER A 94 -31.04 3.30 -31.42
CA SER A 94 -30.34 2.58 -30.37
C SER A 94 -31.23 1.60 -29.62
N ASP A 95 -32.44 1.33 -30.10
CA ASP A 95 -33.30 0.32 -29.49
C ASP A 95 -33.51 -0.90 -30.36
N LEU A 96 -32.99 -0.90 -31.60
CA LEU A 96 -33.10 -2.03 -32.49
C LEU A 96 -31.74 -2.60 -32.89
N GLU A 97 -30.69 -2.21 -32.17
CA GLU A 97 -29.36 -2.72 -32.48
C GLU A 97 -29.29 -4.21 -32.19
N ALA A 98 -28.19 -4.82 -32.62
CA ALA A 98 -27.94 -6.20 -32.24
C ALA A 98 -27.47 -6.26 -30.80
N GLY A 99 -27.71 -7.41 -30.17
CA GLY A 99 -27.22 -7.68 -28.84
C GLY A 99 -28.16 -7.31 -27.72
N LYS A 100 -29.02 -6.32 -27.92
CA LYS A 100 -29.98 -5.93 -26.90
C LYS A 100 -31.18 -6.87 -26.94
N GLN A 101 -32.25 -6.50 -26.25
CA GLN A 101 -33.47 -7.30 -26.24
C GLN A 101 -34.52 -6.64 -27.10
N LEU A 102 -35.40 -7.45 -27.67
CA LEU A 102 -36.38 -6.95 -28.62
C LEU A 102 -37.40 -6.06 -27.91
N PRO A 103 -37.72 -4.89 -28.47
CA PRO A 103 -38.73 -4.03 -27.86
C PRO A 103 -40.08 -4.72 -27.78
N PHE A 104 -40.89 -4.29 -26.81
CA PHE A 104 -42.12 -5.02 -26.50
C PHE A 104 -43.23 -4.74 -27.51
N ILE A 105 -43.17 -3.61 -28.22
CA ILE A 105 -44.28 -3.20 -29.07
C ILE A 105 -44.59 -4.30 -30.09
N TYR A 106 -43.59 -5.11 -30.41
CA TYR A 106 -43.77 -6.21 -31.33
C TYR A 106 -44.43 -7.42 -30.69
N GLY A 107 -44.37 -7.54 -29.36
CA GLY A 107 -44.94 -8.70 -28.74
C GLY A 107 -44.17 -9.96 -29.10
N ASP A 108 -44.89 -11.07 -29.10
CA ASP A 108 -44.27 -12.35 -29.38
C ASP A 108 -44.19 -12.59 -30.90
N ILE A 109 -43.30 -13.48 -31.29
CA ILE A 109 -43.00 -13.73 -32.69
C ILE A 109 -43.87 -14.86 -33.21
N PRO A 110 -44.37 -14.79 -34.43
CA PRO A 110 -45.03 -15.95 -35.04
C PRO A 110 -44.15 -17.18 -34.95
N PRO A 111 -44.75 -18.37 -34.90
CA PRO A 111 -43.96 -19.58 -34.66
C PRO A 111 -42.96 -19.87 -35.77
N GLY A 112 -43.30 -19.53 -37.00
CA GLY A 112 -42.43 -19.83 -38.13
C GLY A 112 -41.37 -18.79 -38.36
N MET A 113 -41.70 -17.54 -38.04
CA MET A 113 -40.81 -16.43 -38.41
C MET A 113 -39.58 -16.39 -37.52
N VAL A 114 -39.67 -16.88 -36.29
CA VAL A 114 -38.53 -16.85 -35.37
C VAL A 114 -37.37 -17.60 -36.00
N SER A 115 -36.15 -17.09 -35.79
CA SER A 115 -34.93 -17.69 -36.30
C SER A 115 -35.03 -17.92 -37.81
N GLU A 116 -35.15 -16.81 -38.52
CA GLU A 116 -35.27 -16.83 -39.97
C GLU A 116 -34.94 -15.44 -40.48
N PRO A 117 -34.47 -15.29 -41.71
CA PRO A 117 -34.24 -13.95 -42.25
C PRO A 117 -35.46 -13.07 -42.17
N LEU A 118 -35.38 -12.03 -41.34
CA LEU A 118 -36.46 -11.06 -41.18
C LEU A 118 -36.01 -9.75 -41.78
N GLU A 119 -36.94 -9.02 -42.38
CA GLU A 119 -36.62 -7.71 -42.92
C GLU A 119 -36.08 -6.81 -41.83
N ASP A 120 -35.03 -6.04 -42.13
CA ASP A 120 -34.39 -5.23 -41.12
C ASP A 120 -35.36 -4.18 -40.59
N LEU A 121 -35.51 -4.12 -39.28
CA LEU A 121 -36.64 -3.42 -38.69
C LEU A 121 -36.34 -1.94 -38.49
N ASP A 122 -35.09 -1.60 -38.20
CA ASP A 122 -34.73 -0.19 -38.06
C ASP A 122 -34.88 0.52 -39.40
N PRO A 123 -35.70 1.56 -39.47
CA PRO A 123 -35.82 2.28 -40.76
C PRO A 123 -34.55 2.99 -41.16
N TYR A 124 -33.60 3.13 -40.24
CA TYR A 124 -32.31 3.71 -40.60
C TYR A 124 -31.65 2.90 -41.70
N TYR A 125 -31.63 1.58 -41.55
CA TYR A 125 -31.06 0.71 -42.57
C TYR A 125 -32.04 0.40 -43.68
N ALA A 126 -33.21 1.03 -43.69
CA ALA A 126 -34.26 0.65 -44.64
C ALA A 126 -33.82 0.74 -46.09
N ASP A 127 -32.70 1.40 -46.36
CA ASP A 127 -32.18 1.41 -47.72
C ASP A 127 -31.11 0.35 -47.95
N LYS A 128 -30.18 0.20 -46.99
CA LYS A 128 -29.06 -0.73 -47.17
C LYS A 128 -29.54 -2.16 -47.33
N LYS A 129 -28.72 -3.02 -47.91
CA LYS A 129 -29.03 -4.45 -48.00
C LYS A 129 -28.68 -5.10 -46.68
N THR A 130 -29.57 -4.97 -45.69
CA THR A 130 -29.34 -5.60 -44.40
C THR A 130 -30.61 -6.34 -43.99
N PHE A 131 -30.45 -7.27 -43.06
CA PHE A 131 -31.58 -8.05 -42.58
C PHE A 131 -31.28 -8.59 -41.20
N ILE A 132 -32.33 -8.78 -40.41
CA ILE A 132 -32.22 -9.24 -39.04
C ILE A 132 -32.72 -10.68 -38.97
N VAL A 133 -32.23 -11.40 -37.96
CA VAL A 133 -32.82 -12.65 -37.53
C VAL A 133 -32.92 -12.64 -36.02
N LEU A 134 -34.06 -13.08 -35.51
CA LEU A 134 -34.39 -12.96 -34.10
C LEU A 134 -34.32 -14.32 -33.43
N ASN A 135 -33.85 -14.34 -32.19
CA ASN A 135 -33.69 -15.55 -31.42
C ASN A 135 -35.01 -15.88 -30.70
N LYS A 136 -35.20 -17.16 -30.39
CA LYS A 136 -36.34 -17.60 -29.60
C LYS A 136 -36.35 -16.98 -28.21
N GLY A 137 -35.29 -16.28 -27.84
CA GLY A 137 -35.27 -15.49 -26.63
C GLY A 137 -35.41 -14.02 -26.94
N LYS A 138 -35.96 -13.73 -28.12
CA LYS A 138 -36.24 -12.36 -28.55
C LYS A 138 -34.96 -11.52 -28.63
N THR A 139 -33.88 -12.14 -29.09
CA THR A 139 -32.60 -11.45 -29.26
C THR A 139 -32.48 -10.99 -30.71
N ILE A 140 -31.74 -9.91 -30.92
CA ILE A 140 -31.63 -9.27 -32.23
C ILE A 140 -30.24 -9.56 -32.79
N PHE A 141 -30.17 -9.77 -34.10
CA PHE A 141 -28.89 -10.03 -34.77
C PHE A 141 -28.92 -9.37 -36.14
N ARG A 142 -28.06 -8.37 -36.32
CA ARG A 142 -27.91 -7.73 -37.62
C ARG A 142 -27.19 -8.67 -38.58
N PHE A 143 -27.37 -8.41 -39.87
CA PHE A 143 -26.62 -9.10 -40.90
C PHE A 143 -26.45 -8.18 -42.10
N ASN A 144 -25.89 -8.73 -43.17
CA ASN A 144 -25.73 -8.00 -44.42
C ASN A 144 -26.31 -8.84 -45.54
N ALA A 145 -27.22 -8.25 -46.30
CA ALA A 145 -27.94 -9.00 -47.30
C ALA A 145 -27.10 -9.31 -48.53
N THR A 146 -25.93 -8.70 -48.67
CA THR A 146 -25.05 -9.06 -49.77
C THR A 146 -24.71 -10.54 -49.69
N PRO A 147 -24.71 -11.27 -50.80
CA PRO A 147 -24.37 -12.69 -50.74
C PRO A 147 -22.99 -12.91 -50.13
N ALA A 148 -22.95 -13.77 -49.12
CA ALA A 148 -21.72 -13.97 -48.37
C ALA A 148 -20.65 -14.60 -49.25
N LEU A 149 -19.46 -13.99 -49.22
CA LEU A 149 -18.33 -14.45 -50.04
C LEU A 149 -18.68 -14.48 -51.51
N TYR A 150 -19.62 -13.62 -51.91
CA TYR A 150 -20.10 -13.56 -53.30
C TYR A 150 -20.61 -14.92 -53.76
N MET A 151 -20.94 -15.77 -52.79
CA MET A 151 -21.40 -17.11 -53.14
C MET A 151 -22.74 -17.42 -52.49
N LEU A 152 -22.91 -17.04 -51.23
CA LEU A 152 -24.04 -17.51 -50.44
C LEU A 152 -25.04 -16.38 -50.24
N SER A 153 -26.10 -16.41 -51.03
CA SER A 153 -27.21 -15.49 -50.88
C SER A 153 -27.92 -15.74 -49.55
N PRO A 154 -28.58 -14.71 -49.00
CA PRO A 154 -29.36 -14.92 -47.78
C PRO A 154 -30.53 -15.88 -47.98
N PHE A 155 -30.75 -16.31 -49.22
CA PHE A 155 -31.81 -17.25 -49.53
C PHE A 155 -31.30 -18.65 -49.77
N SER A 156 -30.00 -18.84 -49.93
CA SER A 156 -29.45 -20.18 -50.03
C SER A 156 -29.73 -20.94 -48.74
N PRO A 157 -30.36 -22.11 -48.82
CA PRO A 157 -30.67 -22.86 -47.59
C PRO A 157 -29.46 -23.14 -46.73
N LEU A 158 -28.27 -23.21 -47.34
CA LEU A 158 -27.04 -23.41 -46.58
C LEU A 158 -26.82 -22.27 -45.61
N ARG A 159 -26.74 -21.04 -46.12
CA ARG A 159 -26.59 -19.89 -45.24
C ARG A 159 -27.80 -19.72 -44.34
N ARG A 160 -28.97 -20.16 -44.82
CA ARG A 160 -30.16 -20.11 -43.97
C ARG A 160 -29.96 -20.91 -42.71
N ILE A 161 -29.62 -22.20 -42.83
CA ILE A 161 -29.40 -23.02 -41.66
C ILE A 161 -28.17 -22.57 -40.91
N SER A 162 -27.24 -21.91 -41.61
CA SER A 162 -26.09 -21.33 -40.92
C SER A 162 -26.54 -20.29 -39.91
N ILE A 163 -27.31 -19.30 -40.35
CA ILE A 163 -27.90 -18.36 -39.41
C ILE A 163 -28.65 -19.12 -38.33
N LYS A 164 -29.50 -20.06 -38.74
CA LYS A 164 -30.27 -20.87 -37.79
C LYS A 164 -29.39 -21.33 -36.63
N ILE A 165 -28.31 -22.03 -36.96
CA ILE A 165 -27.45 -22.59 -35.92
C ILE A 165 -26.66 -21.52 -35.19
N LEU A 166 -26.39 -20.39 -35.83
CA LEU A 166 -25.67 -19.34 -35.11
C LEU A 166 -26.51 -18.72 -34.02
N VAL A 167 -27.73 -18.27 -34.35
CA VAL A 167 -28.60 -17.66 -33.35
C VAL A 167 -29.29 -18.80 -32.60
N HIS A 168 -28.90 -19.02 -31.36
CA HIS A 168 -29.50 -20.06 -30.55
C HIS A 168 -28.99 -19.86 -29.12
N SER A 169 -29.39 -20.79 -28.25
CA SER A 169 -28.82 -20.85 -26.91
C SER A 169 -28.02 -22.12 -26.70
N LEU A 170 -28.28 -23.17 -27.48
CA LEU A 170 -27.43 -24.35 -27.42
C LEU A 170 -26.01 -24.01 -27.85
N PHE A 171 -25.89 -23.07 -28.78
CA PHE A 171 -24.58 -22.80 -29.38
C PHE A 171 -23.69 -22.00 -28.43
N SER A 172 -24.25 -21.01 -27.76
CA SER A 172 -23.46 -20.24 -26.80
C SER A 172 -23.00 -21.13 -25.65
N MET A 173 -23.90 -22.00 -25.16
CA MET A 173 -23.51 -22.92 -24.10
C MET A 173 -22.45 -23.90 -24.59
N LEU A 174 -22.58 -24.36 -25.84
CA LEU A 174 -21.56 -25.21 -26.42
C LEU A 174 -20.19 -24.52 -26.38
N ILE A 175 -20.11 -23.31 -26.92
CA ILE A 175 -18.83 -22.62 -26.98
C ILE A 175 -18.29 -22.36 -25.59
N MET A 176 -19.16 -21.97 -24.66
CA MET A 176 -18.69 -21.68 -23.31
C MET A 176 -18.17 -22.93 -22.62
N CYS A 177 -18.84 -24.05 -22.80
CA CYS A 177 -18.37 -25.29 -22.19
C CYS A 177 -17.03 -25.71 -22.79
N THR A 178 -16.89 -25.58 -24.11
CA THR A 178 -15.60 -25.91 -24.72
C THR A 178 -14.50 -25.00 -24.17
N ILE A 179 -14.79 -23.71 -24.01
CA ILE A 179 -13.79 -22.79 -23.47
C ILE A 179 -13.40 -23.20 -22.07
N LEU A 180 -14.37 -23.59 -21.25
CA LEU A 180 -14.03 -23.96 -19.88
C LEU A 180 -13.20 -25.23 -19.84
N THR A 181 -13.56 -26.23 -20.66
CA THR A 181 -12.72 -27.42 -20.71
C THR A 181 -11.32 -27.07 -21.18
N ASN A 182 -11.20 -26.17 -22.15
CA ASN A 182 -9.88 -25.83 -22.65
C ASN A 182 -9.07 -25.09 -21.60
N CYS A 183 -9.74 -24.28 -20.79
CA CYS A 183 -9.05 -23.65 -19.67
C CYS A 183 -8.52 -24.70 -18.71
N ILE A 184 -9.38 -25.64 -18.32
CA ILE A 184 -8.95 -26.71 -17.43
C ILE A 184 -7.73 -27.40 -18.00
N PHE A 185 -7.72 -27.67 -19.30
CA PHE A 185 -6.57 -28.34 -19.89
C PHE A 185 -5.35 -27.46 -19.94
N MET A 186 -5.52 -26.14 -20.08
CA MET A 186 -4.39 -25.24 -20.00
C MET A 186 -3.73 -25.32 -18.64
N THR A 187 -4.53 -25.45 -17.58
CA THR A 187 -3.95 -25.43 -16.24
C THR A 187 -2.87 -26.47 -16.04
N MET A 188 -2.96 -27.62 -16.68
CA MET A 188 -1.89 -28.60 -16.56
C MET A 188 -0.61 -28.07 -17.19
N ASN A 189 0.53 -28.37 -16.56
CA ASN A 189 1.79 -27.90 -17.10
C ASN A 189 2.41 -28.97 -18.01
N ASN A 190 2.48 -30.20 -17.53
CA ASN A 190 3.00 -31.29 -18.35
C ASN A 190 1.84 -32.20 -18.74
N PRO A 191 1.17 -31.95 -19.85
CA PRO A 191 0.02 -32.75 -20.20
C PRO A 191 0.45 -34.12 -20.71
N PRO A 192 -0.31 -35.15 -20.38
CA PRO A 192 -0.02 -36.47 -20.94
C PRO A 192 -0.37 -36.55 -22.41
N ASP A 193 -0.28 -37.75 -22.98
CA ASP A 193 -0.36 -37.92 -24.43
C ASP A 193 -1.72 -37.59 -25.01
N TRP A 194 -2.82 -38.05 -24.40
CA TRP A 194 -4.13 -37.89 -25.02
C TRP A 194 -4.52 -36.42 -25.13
N THR A 195 -3.86 -35.54 -24.37
CA THR A 195 -4.16 -34.13 -24.50
C THR A 195 -3.91 -33.63 -25.92
N LYS A 196 -3.06 -34.33 -26.68
CA LYS A 196 -2.92 -34.01 -28.09
C LYS A 196 -4.26 -34.12 -28.80
N ASN A 197 -4.95 -35.24 -28.61
CA ASN A 197 -6.25 -35.40 -29.24
C ASN A 197 -7.28 -34.45 -28.65
N VAL A 198 -7.15 -34.11 -27.37
CA VAL A 198 -8.12 -33.18 -26.80
C VAL A 198 -7.95 -31.78 -27.40
N GLU A 199 -6.71 -31.33 -27.57
CA GLU A 199 -6.49 -30.05 -28.21
C GLU A 199 -6.90 -30.11 -29.68
N TYR A 200 -6.76 -31.28 -30.30
CA TYR A 200 -7.36 -31.49 -31.62
C TYR A 200 -8.84 -31.19 -31.58
N THR A 201 -9.54 -31.76 -30.60
CA THR A 201 -10.98 -31.54 -30.50
C THR A 201 -11.31 -30.06 -30.29
N PHE A 202 -10.52 -29.37 -29.49
CA PHE A 202 -10.83 -27.96 -29.25
C PHE A 202 -10.59 -27.13 -30.51
N THR A 203 -9.47 -27.36 -31.19
CA THR A 203 -9.28 -26.70 -32.47
C THR A 203 -10.41 -27.02 -33.42
N GLY A 204 -10.93 -28.24 -33.36
CA GLY A 204 -12.05 -28.60 -34.22
C GLY A 204 -13.30 -27.78 -33.91
N ILE A 205 -13.66 -27.70 -32.64
CA ILE A 205 -14.85 -26.95 -32.26
C ILE A 205 -14.68 -25.48 -32.63
N TYR A 206 -13.50 -24.91 -32.37
CA TYR A 206 -13.30 -23.50 -32.72
C TYR A 206 -13.39 -23.29 -34.23
N THR A 207 -12.76 -24.17 -35.00
CA THR A 207 -12.84 -24.07 -36.45
C THR A 207 -14.28 -24.14 -36.91
N PHE A 208 -15.06 -25.06 -36.34
CA PHE A 208 -16.43 -25.23 -36.81
C PHE A 208 -17.29 -24.02 -36.48
N GLU A 209 -17.14 -23.48 -35.27
CA GLU A 209 -17.96 -22.33 -34.90
C GLU A 209 -17.55 -21.10 -35.70
N SER A 210 -16.25 -20.93 -35.93
CA SER A 210 -15.81 -19.82 -36.75
C SER A 210 -16.28 -19.97 -38.18
N LEU A 211 -16.33 -21.21 -38.67
CA LEU A 211 -16.85 -21.44 -40.01
C LEU A 211 -18.33 -21.10 -40.08
N VAL A 212 -19.08 -21.48 -39.04
CA VAL A 212 -20.49 -21.11 -39.00
C VAL A 212 -20.66 -19.61 -39.08
N LYS A 213 -19.93 -18.89 -38.21
CA LYS A 213 -20.08 -17.44 -38.18
C LYS A 213 -19.70 -16.81 -39.51
N ILE A 214 -18.55 -17.19 -40.06
CA ILE A 214 -18.08 -16.56 -41.29
C ILE A 214 -18.97 -16.93 -42.45
N LEU A 215 -19.53 -18.14 -42.45
CA LEU A 215 -20.42 -18.53 -43.52
C LEU A 215 -21.75 -17.81 -43.43
N ALA A 216 -22.18 -17.46 -42.21
CA ALA A 216 -23.47 -16.79 -42.06
C ALA A 216 -23.36 -15.30 -42.33
N ARG A 217 -22.49 -14.62 -41.59
CA ARG A 217 -22.43 -13.18 -41.64
C ARG A 217 -21.44 -12.65 -42.66
N GLY A 218 -20.87 -13.51 -43.50
CA GLY A 218 -19.90 -13.05 -44.48
C GLY A 218 -18.56 -12.76 -43.86
N PHE A 219 -17.47 -12.96 -44.61
CA PHE A 219 -16.14 -12.81 -44.04
C PHE A 219 -15.73 -11.36 -43.94
N CYS A 220 -15.57 -10.70 -45.07
CA CYS A 220 -15.42 -9.26 -45.10
C CYS A 220 -16.10 -8.65 -46.30
N VAL A 221 -16.76 -9.46 -47.13
CA VAL A 221 -17.28 -9.03 -48.42
C VAL A 221 -18.40 -8.01 -48.26
N GLY A 222 -18.82 -7.75 -47.03
CA GLY A 222 -19.87 -6.78 -46.76
C GLY A 222 -19.56 -5.93 -45.54
N GLU A 223 -20.35 -4.89 -45.32
CA GLU A 223 -20.16 -4.00 -44.16
C GLU A 223 -20.44 -4.80 -42.89
N PHE A 224 -21.67 -5.24 -42.64
CA PHE A 224 -21.93 -6.12 -41.50
C PHE A 224 -21.36 -7.49 -41.78
N THR A 225 -20.29 -7.80 -41.07
CA THR A 225 -19.58 -9.02 -41.38
C THR A 225 -18.79 -9.56 -40.19
N PHE A 226 -18.22 -10.75 -40.34
CA PHE A 226 -17.42 -11.35 -39.29
C PHE A 226 -16.35 -10.39 -38.79
N LEU A 227 -15.45 -9.99 -39.66
CA LEU A 227 -14.21 -9.36 -39.20
C LEU A 227 -14.48 -8.03 -38.50
N ARG A 228 -15.58 -7.36 -38.84
CA ARG A 228 -15.87 -6.09 -38.20
C ARG A 228 -16.09 -6.28 -36.71
N ASP A 229 -16.56 -7.45 -36.33
CA ASP A 229 -16.61 -7.81 -34.92
C ASP A 229 -15.19 -7.81 -34.39
N PRO A 230 -14.88 -6.99 -33.42
CA PRO A 230 -13.49 -6.92 -32.95
C PRO A 230 -13.06 -8.19 -32.26
N TRP A 231 -13.96 -8.79 -31.46
CA TRP A 231 -13.61 -10.02 -30.78
C TRP A 231 -13.40 -11.17 -31.78
N ASN A 232 -14.12 -11.12 -32.90
CA ASN A 232 -13.90 -12.13 -33.91
C ASN A 232 -12.50 -12.07 -34.48
N TRP A 233 -11.87 -10.90 -34.47
CA TRP A 233 -10.44 -10.87 -34.76
C TRP A 233 -9.64 -11.72 -33.78
N LEU A 234 -9.98 -11.66 -32.49
CA LEU A 234 -9.27 -12.51 -31.55
C LEU A 234 -9.51 -13.97 -31.85
N ASP A 235 -10.74 -14.33 -32.22
CA ASP A 235 -11.03 -15.70 -32.59
C ASP A 235 -10.21 -16.12 -33.79
N PHE A 236 -10.09 -15.23 -34.78
CA PHE A 236 -9.32 -15.54 -35.98
C PHE A 236 -7.87 -15.75 -35.64
N VAL A 237 -7.32 -14.91 -34.77
CA VAL A 237 -5.93 -15.07 -34.35
C VAL A 237 -5.75 -16.41 -33.66
N VAL A 238 -6.66 -16.75 -32.75
CA VAL A 238 -6.56 -18.02 -32.03
C VAL A 238 -6.53 -19.18 -33.00
N ILE A 239 -7.48 -19.20 -33.95
CA ILE A 239 -7.59 -20.35 -34.83
C ILE A 239 -6.38 -20.45 -35.74
N VAL A 240 -5.88 -19.32 -36.24
CA VAL A 240 -4.75 -19.40 -37.17
C VAL A 240 -3.50 -19.82 -36.43
N PHE A 241 -3.33 -19.35 -35.19
CA PHE A 241 -2.16 -19.79 -34.43
C PHE A 241 -2.25 -21.26 -34.08
N ALA A 242 -3.45 -21.76 -33.80
CA ALA A 242 -3.60 -23.19 -33.59
C ALA A 242 -3.18 -23.97 -34.83
N TYR A 243 -3.69 -23.54 -35.99
CA TYR A 243 -3.30 -24.17 -37.26
C TYR A 243 -1.79 -24.18 -37.42
N LEU A 244 -1.15 -23.02 -37.25
CA LEU A 244 0.30 -22.95 -37.45
C LEU A 244 1.02 -23.86 -36.45
N THR A 245 0.80 -23.63 -35.16
CA THR A 245 1.49 -24.41 -34.12
C THR A 245 1.30 -25.90 -34.34
N GLU A 246 0.22 -26.30 -35.00
CA GLU A 246 0.06 -27.72 -35.26
C GLU A 246 0.74 -28.18 -36.55
N PHE A 247 0.81 -27.32 -37.57
CA PHE A 247 1.21 -27.77 -38.89
C PHE A 247 2.53 -27.20 -39.41
N VAL A 248 3.30 -26.50 -38.58
CA VAL A 248 4.58 -25.99 -39.03
C VAL A 248 5.75 -26.42 -38.16
N ASN A 249 5.54 -26.72 -36.88
CA ASN A 249 6.62 -26.97 -35.94
C ASN A 249 7.69 -25.88 -36.03
N LEU A 250 7.25 -24.65 -35.75
CA LEU A 250 8.10 -23.48 -35.97
C LEU A 250 9.37 -23.54 -35.14
N GLY A 251 9.25 -23.89 -33.88
CA GLY A 251 10.39 -23.90 -33.00
C GLY A 251 10.25 -22.89 -31.88
N ASN A 252 11.05 -23.07 -30.83
CA ASN A 252 10.95 -22.24 -29.63
C ASN A 252 9.52 -22.23 -29.10
N VAL A 253 8.89 -23.41 -29.12
CA VAL A 253 7.45 -23.51 -28.89
C VAL A 253 7.08 -23.07 -27.48
N SER A 254 8.07 -22.91 -26.60
CA SER A 254 7.81 -22.54 -25.21
C SER A 254 6.99 -21.25 -25.13
N ALA A 255 7.14 -20.37 -26.12
CA ALA A 255 6.36 -19.15 -26.18
C ALA A 255 5.17 -19.24 -27.12
N LEU A 256 5.26 -20.00 -28.21
CA LEU A 256 4.12 -20.17 -29.10
C LEU A 256 2.95 -20.81 -28.37
N ARG A 257 3.23 -21.87 -27.61
CA ARG A 257 2.19 -22.55 -26.85
C ARG A 257 1.41 -21.57 -25.98
N THR A 258 2.06 -20.50 -25.53
CA THR A 258 1.40 -19.50 -24.71
C THR A 258 0.27 -18.84 -25.47
N PHE A 259 0.50 -18.56 -26.76
CA PHE A 259 -0.48 -17.82 -27.54
C PHE A 259 -1.85 -18.46 -27.55
N ARG A 260 -1.94 -19.75 -27.26
CA ARG A 260 -3.24 -20.40 -27.19
C ARG A 260 -3.98 -20.07 -25.91
N VAL A 261 -3.37 -19.31 -25.00
CA VAL A 261 -4.11 -18.87 -23.82
C VAL A 261 -5.16 -17.84 -24.21
N LEU A 262 -4.99 -17.20 -25.36
CA LEU A 262 -5.98 -16.24 -25.80
C LEU A 262 -7.34 -16.89 -26.01
N ARG A 263 -7.36 -18.22 -26.17
CA ARG A 263 -8.63 -18.92 -26.14
C ARG A 263 -9.43 -18.55 -24.93
N ALA A 264 -8.81 -18.54 -23.75
CA ALA A 264 -9.50 -18.17 -22.53
C ALA A 264 -10.10 -16.77 -22.58
N LEU A 265 -9.67 -15.93 -23.52
CA LEU A 265 -10.30 -14.64 -23.66
C LEU A 265 -11.63 -14.73 -24.37
N LYS A 266 -11.84 -15.74 -25.22
CA LYS A 266 -13.11 -15.88 -25.90
C LYS A 266 -14.26 -15.98 -24.90
N THR A 267 -13.95 -16.31 -23.65
CA THR A 267 -14.90 -16.20 -22.55
C THR A 267 -15.62 -14.87 -22.62
N ILE A 268 -14.85 -13.78 -22.57
CA ILE A 268 -15.39 -12.44 -22.61
C ILE A 268 -16.35 -12.25 -23.77
N SER A 269 -16.12 -12.94 -24.89
CA SER A 269 -17.05 -12.82 -25.99
C SER A 269 -18.30 -13.65 -25.75
N VAL A 270 -18.17 -14.76 -25.04
CA VAL A 270 -19.27 -15.71 -24.94
C VAL A 270 -20.16 -15.46 -23.73
N ILE A 271 -19.55 -15.34 -22.54
CA ILE A 271 -20.31 -15.10 -21.31
C ILE A 271 -21.21 -13.89 -21.49
N PRO A 272 -22.52 -14.07 -21.47
CA PRO A 272 -23.43 -12.96 -21.78
C PRO A 272 -23.23 -11.81 -20.81
N GLY A 273 -22.77 -10.68 -21.35
CA GLY A 273 -22.66 -9.46 -20.58
C GLY A 273 -21.31 -9.18 -19.98
N LEU A 274 -20.23 -9.67 -20.58
CA LEU A 274 -18.91 -9.27 -20.12
C LEU A 274 -18.31 -8.20 -21.00
N LYS A 275 -18.65 -8.19 -22.29
CA LYS A 275 -18.17 -7.15 -23.18
C LYS A 275 -18.44 -5.77 -22.58
N THR A 276 -19.61 -5.60 -21.97
CA THR A 276 -19.93 -4.30 -21.39
C THR A 276 -19.03 -3.98 -20.21
N ILE A 277 -18.64 -4.99 -19.44
CA ILE A 277 -17.78 -4.73 -18.27
C ILE A 277 -16.37 -4.39 -18.71
N VAL A 278 -15.83 -5.11 -19.69
CA VAL A 278 -14.50 -4.76 -20.16
C VAL A 278 -14.52 -3.41 -20.86
N GLY A 279 -15.61 -3.09 -21.55
CA GLY A 279 -15.73 -1.74 -22.08
C GLY A 279 -15.76 -0.69 -21.00
N ALA A 280 -16.43 -0.99 -19.89
CA ALA A 280 -16.48 -0.07 -18.78
C ALA A 280 -15.08 0.16 -18.21
N LEU A 281 -14.31 -0.91 -18.04
CA LEU A 281 -12.95 -0.73 -17.53
C LEU A 281 -12.09 0.06 -18.50
N ILE A 282 -12.20 -0.25 -19.79
CA ILE A 282 -11.38 0.46 -20.78
C ILE A 282 -11.72 1.94 -20.78
N GLN A 283 -13.00 2.28 -20.68
CA GLN A 283 -13.36 3.69 -20.63
C GLN A 283 -13.01 4.31 -19.28
N SER A 284 -12.91 3.51 -18.22
CA SER A 284 -12.48 4.05 -16.94
C SER A 284 -10.99 4.36 -16.93
N VAL A 285 -10.23 3.71 -17.80
CA VAL A 285 -8.81 4.05 -17.91
C VAL A 285 -8.64 5.44 -18.51
N LYS A 286 -9.39 5.76 -19.57
CA LYS A 286 -9.13 6.98 -20.34
C LYS A 286 -9.22 8.24 -19.50
N LYS A 287 -9.68 8.16 -18.27
CA LYS A 287 -9.57 9.28 -17.35
C LYS A 287 -8.22 9.33 -16.65
N LEU A 288 -7.48 8.22 -16.64
CA LEU A 288 -6.12 8.21 -16.12
C LEU A 288 -5.15 8.71 -17.19
N SER A 289 -5.48 9.86 -17.78
CA SER A 289 -4.58 10.49 -18.71
C SER A 289 -3.62 11.40 -17.97
N ASP A 290 -4.15 12.38 -17.25
CA ASP A 290 -3.31 13.31 -16.52
C ASP A 290 -2.60 12.62 -15.38
N VAL A 291 -3.29 11.74 -14.67
CA VAL A 291 -2.77 11.18 -13.43
C VAL A 291 -1.74 10.11 -13.74
N MET A 292 -1.54 9.81 -15.02
CA MET A 292 -0.41 8.97 -15.40
C MET A 292 0.75 9.74 -15.98
N ILE A 293 0.47 10.79 -16.74
CA ILE A 293 1.52 11.78 -17.03
C ILE A 293 2.18 12.21 -15.73
N LEU A 294 1.38 12.57 -14.75
CA LEU A 294 1.91 13.09 -13.49
C LEU A 294 2.66 12.04 -12.72
N THR A 295 2.19 10.79 -12.70
CA THR A 295 2.91 9.79 -11.94
C THR A 295 4.24 9.46 -12.61
N VAL A 296 4.26 9.40 -13.94
CA VAL A 296 5.53 9.20 -14.61
C VAL A 296 6.47 10.36 -14.32
N PHE A 297 5.92 11.58 -14.30
CA PHE A 297 6.75 12.75 -14.08
C PHE A 297 7.31 12.79 -12.67
N CYS A 298 6.47 12.49 -11.67
CA CYS A 298 6.94 12.51 -10.29
C CYS A 298 7.90 11.37 -10.01
N LEU A 299 7.60 10.17 -10.48
CA LEU A 299 8.56 9.09 -10.37
C LEU A 299 9.87 9.48 -11.04
N SER A 300 9.82 10.16 -12.18
CA SER A 300 11.05 10.55 -12.85
C SER A 300 11.83 11.61 -12.10
N VAL A 301 11.16 12.62 -11.56
CA VAL A 301 11.87 13.64 -10.80
C VAL A 301 12.48 13.04 -9.55
N PHE A 302 11.69 12.30 -8.79
CA PHE A 302 12.25 11.67 -7.61
C PHE A 302 13.31 10.65 -7.98
N ALA A 303 13.27 10.11 -9.19
CA ALA A 303 14.28 9.14 -9.58
C ALA A 303 15.57 9.85 -9.97
N LEU A 304 15.48 11.02 -10.57
CA LEU A 304 16.67 11.82 -10.81
C LEU A 304 17.28 12.27 -9.49
N ILE A 305 16.44 12.62 -8.51
CA ILE A 305 16.95 12.94 -7.19
C ILE A 305 17.67 11.75 -6.58
N GLY A 306 17.02 10.59 -6.54
CA GLY A 306 17.66 9.41 -6.00
C GLY A 306 18.93 9.07 -6.75
N LEU A 307 18.91 9.22 -8.07
CA LEU A 307 20.09 8.99 -8.87
C LEU A 307 21.19 9.98 -8.53
N GLN A 308 20.83 11.19 -8.13
CA GLN A 308 21.85 12.19 -7.89
C GLN A 308 22.46 12.04 -6.51
N LEU A 309 21.67 11.55 -5.56
CA LEU A 309 22.18 11.39 -4.20
C LEU A 309 22.86 10.04 -4.00
N PHE A 310 22.19 8.96 -4.37
CA PHE A 310 22.62 7.62 -4.04
C PHE A 310 23.35 6.93 -5.19
N MET A 311 23.76 7.66 -6.21
CA MET A 311 24.37 7.02 -7.36
C MET A 311 25.52 6.15 -6.95
N GLY A 312 25.39 4.86 -7.11
CA GLY A 312 26.41 3.92 -6.76
C GLY A 312 26.55 3.69 -5.28
N ASN A 313 25.66 4.26 -4.47
CA ASN A 313 25.78 4.06 -3.03
C ASN A 313 25.52 2.60 -2.66
N LEU A 314 24.48 1.99 -3.21
CA LEU A 314 24.20 0.63 -2.81
C LEU A 314 25.20 -0.30 -3.45
N LYS A 315 26.48 -0.03 -3.24
CA LYS A 315 27.54 -0.87 -3.74
C LYS A 315 28.62 -0.99 -2.67
N HIS A 316 28.57 -0.13 -1.66
CA HIS A 316 29.53 -0.22 -0.57
C HIS A 316 29.45 -1.59 0.05
N LYS A 317 30.61 -2.16 0.35
CA LYS A 317 30.67 -3.52 0.84
C LYS A 317 31.85 -3.59 1.79
N CYS A 318 31.65 -4.17 2.97
CA CYS A 318 32.71 -4.11 3.95
C CYS A 318 33.87 -4.98 3.52
N PHE A 319 34.84 -4.40 2.83
CA PHE A 319 35.95 -5.16 2.29
C PHE A 319 36.97 -5.47 3.38
N ARG A 320 37.82 -6.46 3.12
CA ARG A 320 38.79 -6.89 4.09
C ARG A 320 39.88 -5.83 4.25
N ASN A 321 40.87 -6.13 5.09
CA ASN A 321 41.92 -5.16 5.34
C ASN A 321 43.31 -5.77 5.38
N SER A 322 43.44 -7.09 5.27
CA SER A 322 44.75 -7.71 5.42
C SER A 322 44.97 -8.67 4.24
N LEU A 323 44.66 -8.21 3.04
CA LEU A 323 44.93 -8.99 1.85
C LEU A 323 46.41 -9.36 1.80
N GLU A 324 46.68 -10.65 1.91
CA GLU A 324 48.06 -11.13 1.80
C GLU A 324 48.32 -11.52 0.35
N ASN A 325 49.46 -12.16 0.10
CA ASN A 325 49.83 -12.62 -1.24
C ASN A 325 49.86 -11.46 -2.24
N ASN A 326 50.14 -10.26 -1.73
CA ASN A 326 50.28 -9.06 -2.56
C ASN A 326 49.03 -8.81 -3.40
N GLU A 327 47.89 -9.32 -2.95
CA GLU A 327 46.65 -9.10 -3.67
C GLU A 327 46.17 -7.67 -3.46
N THR A 328 45.25 -7.25 -4.33
CA THR A 328 44.63 -5.94 -4.23
C THR A 328 43.15 -6.10 -4.50
N LEU A 329 42.42 -4.99 -4.44
CA LEU A 329 41.00 -5.07 -4.67
C LEU A 329 40.66 -5.58 -6.05
N GLU A 330 41.42 -5.20 -7.08
CA GLU A 330 41.06 -5.57 -8.45
C GLU A 330 41.42 -7.02 -8.77
N SER A 331 42.66 -7.42 -8.50
CA SER A 331 43.06 -8.80 -8.73
C SER A 331 42.09 -9.76 -8.07
N ILE A 332 41.52 -9.36 -6.94
CA ILE A 332 40.51 -10.18 -6.29
C ILE A 332 39.19 -10.09 -7.03
N MET A 333 38.66 -8.88 -7.18
CA MET A 333 37.34 -8.71 -7.75
C MET A 333 37.23 -9.28 -9.15
N ASN A 334 38.35 -9.66 -9.74
CA ASN A 334 38.31 -10.43 -10.99
C ASN A 334 38.09 -11.91 -10.73
N THR A 335 39.01 -12.56 -10.02
CA THR A 335 38.89 -13.98 -9.77
C THR A 335 38.02 -14.27 -8.55
N LEU A 336 36.73 -14.00 -8.64
CA LEU A 336 35.83 -14.21 -7.52
C LEU A 336 34.42 -14.38 -8.04
N GLU A 337 33.89 -15.60 -7.95
CA GLU A 337 32.60 -15.88 -8.57
C GLU A 337 31.57 -16.39 -7.57
N SER A 338 31.97 -17.26 -6.65
CA SER A 338 31.00 -17.97 -5.83
C SER A 338 30.69 -17.20 -4.55
N GLU A 339 29.40 -17.12 -4.23
CA GLU A 339 28.96 -16.49 -3.00
C GLU A 339 29.48 -17.20 -1.76
N GLU A 340 30.13 -18.34 -1.94
CA GLU A 340 30.91 -18.95 -0.88
C GLU A 340 32.33 -18.42 -0.88
N ASP A 341 32.75 -17.72 -1.93
CA ASP A 341 34.07 -17.10 -1.96
C ASP A 341 34.04 -15.62 -1.67
N PHE A 342 33.03 -14.89 -2.13
CA PHE A 342 32.86 -13.51 -1.71
C PHE A 342 32.94 -13.39 -0.20
N ARG A 343 32.34 -14.35 0.51
CA ARG A 343 32.35 -14.29 1.97
C ARG A 343 33.76 -14.27 2.52
N LYS A 344 34.69 -14.92 1.83
CA LYS A 344 36.06 -14.94 2.35
C LYS A 344 36.71 -13.57 2.28
N TYR A 345 36.21 -12.69 1.44
CA TYR A 345 36.85 -11.41 1.19
C TYR A 345 35.97 -10.22 1.53
N PHE A 346 34.72 -10.45 1.88
CA PHE A 346 33.83 -9.36 2.21
C PHE A 346 33.18 -9.72 3.53
N TYR A 347 32.12 -9.03 3.93
CA TYR A 347 31.49 -9.36 5.20
C TYR A 347 30.03 -9.66 4.95
N TYR A 348 29.68 -10.95 4.98
CA TYR A 348 28.32 -11.39 4.82
C TYR A 348 27.76 -11.72 6.20
N LEU A 349 26.59 -11.19 6.51
CA LEU A 349 25.94 -11.49 7.78
C LEU A 349 25.78 -12.99 7.93
N GLU A 350 25.53 -13.46 9.16
CA GLU A 350 25.51 -14.90 9.42
C GLU A 350 24.70 -15.65 8.38
N GLY A 351 23.44 -15.28 8.20
CA GLY A 351 22.69 -15.83 7.10
C GLY A 351 22.20 -14.76 6.17
N SER A 352 22.78 -14.68 4.98
CA SER A 352 22.38 -13.73 3.97
C SER A 352 23.18 -14.03 2.71
N LYS A 353 22.90 -13.29 1.65
CA LYS A 353 23.51 -13.52 0.35
C LYS A 353 23.96 -12.21 -0.26
N ASP A 354 24.35 -11.26 0.57
CA ASP A 354 24.92 -10.01 0.11
C ASP A 354 26.04 -9.64 1.05
N ALA A 355 26.81 -8.64 0.69
CA ALA A 355 27.76 -8.10 1.64
C ALA A 355 26.99 -7.17 2.57
N LEU A 356 27.69 -6.65 3.56
CA LEU A 356 27.05 -5.77 4.53
C LEU A 356 27.22 -4.34 4.02
N LEU A 357 26.13 -3.75 3.55
CA LEU A 357 26.17 -2.36 3.11
C LEU A 357 26.69 -1.47 4.22
N CYS A 358 27.75 -0.74 3.96
CA CYS A 358 28.30 0.20 4.91
C CYS A 358 28.28 1.60 4.32
N GLY A 359 28.90 2.54 5.00
CA GLY A 359 28.89 3.90 4.53
C GLY A 359 30.05 4.69 5.11
N PHE A 360 30.46 5.71 4.37
CA PHE A 360 31.62 6.48 4.76
C PHE A 360 31.32 7.50 5.84
N SER A 361 30.06 7.90 6.00
CA SER A 361 29.71 8.89 6.99
C SER A 361 29.74 8.28 8.38
N THR A 362 29.30 9.03 9.38
CA THR A 362 29.29 8.52 10.74
C THR A 362 27.92 8.01 11.15
N ASP A 363 26.85 8.45 10.49
CA ASP A 363 25.52 7.99 10.82
C ASP A 363 25.03 6.89 9.89
N SER A 364 25.89 6.34 9.06
CA SER A 364 25.52 5.19 8.24
C SER A 364 25.86 3.91 9.01
N GLY A 365 25.84 2.77 8.35
CA GLY A 365 26.23 1.54 8.98
C GLY A 365 27.68 1.55 9.35
N GLN A 366 28.14 0.43 9.88
CA GLN A 366 29.51 0.37 10.38
C GLN A 366 30.13 -0.96 10.02
N CYS A 367 31.29 -0.92 9.44
CA CYS A 367 31.95 -2.19 9.21
C CYS A 367 32.62 -2.65 10.49
N PRO A 368 32.58 -3.94 10.80
CA PRO A 368 33.31 -4.45 11.94
C PRO A 368 34.78 -4.12 11.82
N GLU A 369 35.47 -4.16 12.96
CA GLU A 369 36.88 -3.81 12.98
C GLU A 369 37.65 -4.68 11.99
N GLY A 370 38.71 -4.13 11.42
CA GLY A 370 39.46 -4.82 10.40
C GLY A 370 38.72 -5.01 9.09
N TYR A 371 37.88 -4.04 8.74
CA TYR A 371 37.11 -4.08 7.51
C TYR A 371 36.84 -2.66 7.07
N THR A 372 37.28 -2.26 5.89
CA THR A 372 37.07 -0.91 5.44
C THR A 372 35.91 -0.85 4.45
N CYS A 373 35.19 0.26 4.47
CA CYS A 373 34.03 0.42 3.63
C CYS A 373 34.45 0.93 2.26
N VAL A 374 34.32 0.10 1.24
CA VAL A 374 34.76 0.44 -0.11
C VAL A 374 33.59 0.24 -1.06
N LYS A 375 33.67 0.89 -2.22
CA LYS A 375 32.60 0.88 -3.20
C LYS A 375 33.02 0.02 -4.38
N ILE A 376 32.61 -1.25 -4.37
CA ILE A 376 32.94 -2.18 -5.43
C ILE A 376 31.98 -3.33 -5.39
N GLY A 377 31.82 -4.00 -6.53
CA GLY A 377 31.08 -5.24 -6.55
C GLY A 377 29.80 -5.21 -7.36
N ARG A 378 28.70 -5.57 -6.71
CA ARG A 378 27.46 -5.89 -7.39
C ARG A 378 26.32 -5.44 -6.52
N ASN A 379 25.40 -4.68 -7.05
CA ASN A 379 24.37 -4.12 -6.24
C ASN A 379 23.65 -5.15 -5.45
N PRO A 380 22.87 -4.74 -4.49
CA PRO A 380 22.22 -5.69 -3.65
C PRO A 380 21.02 -6.34 -4.26
N ASP A 381 20.52 -7.43 -3.69
CA ASP A 381 19.37 -8.17 -4.20
C ASP A 381 19.49 -8.66 -5.58
N TYR A 382 20.40 -9.61 -5.79
CA TYR A 382 20.65 -10.15 -7.13
C TYR A 382 21.17 -9.05 -8.05
N GLY A 383 21.38 -7.86 -7.51
CA GLY A 383 21.90 -6.75 -8.29
C GLY A 383 20.84 -5.92 -9.00
N TYR A 384 19.60 -6.39 -8.96
CA TYR A 384 18.51 -5.68 -9.64
C TYR A 384 18.13 -4.33 -9.05
N THR A 385 18.08 -4.20 -7.74
CA THR A 385 17.61 -2.92 -7.17
C THR A 385 18.74 -2.03 -6.67
N SER A 386 18.79 -0.80 -7.18
CA SER A 386 19.81 0.16 -6.77
C SER A 386 19.48 1.50 -7.41
N PHE A 387 20.44 2.40 -7.48
CA PHE A 387 20.21 3.69 -8.13
C PHE A 387 21.28 3.97 -9.19
N ASP A 388 22.02 2.95 -9.59
CA ASP A 388 23.16 3.19 -10.47
C ASP A 388 22.76 3.79 -11.80
N THR A 389 21.59 3.44 -12.32
CA THR A 389 21.18 3.88 -13.64
C THR A 389 19.80 4.51 -13.47
N PHE A 390 19.46 5.46 -14.33
CA PHE A 390 18.13 6.02 -14.23
C PHE A 390 17.08 4.92 -14.24
N SER A 391 17.30 3.87 -15.03
CA SER A 391 16.32 2.81 -15.11
C SER A 391 16.09 2.18 -13.75
N TRP A 392 17.16 1.71 -13.10
CA TRP A 392 16.96 1.13 -11.78
C TRP A 392 16.44 2.15 -10.79
N ALA A 393 16.73 3.43 -10.98
CA ALA A 393 16.13 4.43 -10.10
C ALA A 393 14.63 4.44 -10.26
N PHE A 394 14.16 4.40 -11.50
CA PHE A 394 12.72 4.40 -11.76
C PHE A 394 12.09 3.15 -11.20
N LEU A 395 12.78 2.02 -11.30
CA LEU A 395 12.24 0.79 -10.75
C LEU A 395 12.15 0.86 -9.24
N ALA A 396 13.25 1.19 -8.57
CA ALA A 396 13.23 1.30 -7.12
C ALA A 396 12.20 2.31 -6.65
N LEU A 397 11.92 3.32 -7.47
CA LEU A 397 10.91 4.27 -7.04
C LEU A 397 9.51 3.78 -7.34
N PHE A 398 9.33 2.93 -8.33
CA PHE A 398 8.04 2.27 -8.42
C PHE A 398 7.81 1.37 -7.20
N ARG A 399 8.86 0.72 -6.72
CA ARG A 399 8.77 0.04 -5.43
C ARG A 399 8.30 0.99 -4.37
N LEU A 400 9.12 2.00 -4.08
CA LEU A 400 8.90 2.91 -2.98
C LEU A 400 7.58 3.64 -3.10
N MET A 401 7.02 3.72 -4.31
CA MET A 401 5.67 4.29 -4.46
C MET A 401 4.62 3.27 -4.09
N THR A 402 4.67 2.08 -4.71
CA THR A 402 3.70 1.06 -4.34
C THR A 402 3.98 0.45 -2.97
N GLN A 403 4.95 0.98 -2.24
CA GLN A 403 5.23 0.58 -0.87
C GLN A 403 5.43 -0.92 -0.76
N ASP A 404 5.91 -1.51 -1.85
CA ASP A 404 6.02 -2.95 -1.96
C ASP A 404 7.37 -3.40 -1.47
N TYR A 405 7.43 -3.86 -0.22
CA TYR A 405 8.69 -4.27 0.39
C TYR A 405 9.69 -3.16 0.24
N TRP A 406 9.27 -1.93 0.53
CA TRP A 406 10.21 -0.82 0.53
C TRP A 406 11.00 -0.75 1.81
N GLU A 407 10.62 -1.50 2.84
CA GLU A 407 11.39 -1.54 4.06
C GLU A 407 12.84 -1.90 3.80
N ASN A 408 13.09 -2.76 2.82
CA ASN A 408 14.45 -3.18 2.57
C ASN A 408 15.23 -2.13 1.80
N LEU A 409 14.59 -1.40 0.89
CA LEU A 409 15.25 -0.26 0.29
C LEU A 409 15.57 0.78 1.33
N TYR A 410 14.64 1.00 2.26
CA TYR A 410 14.87 1.92 3.36
C TYR A 410 16.09 1.50 4.15
N GLN A 411 16.06 0.32 4.73
CA GLN A 411 17.17 -0.14 5.54
C GLN A 411 18.40 -0.49 4.75
N GLN A 412 18.39 -0.33 3.43
CA GLN A 412 19.62 -0.49 2.67
C GLN A 412 20.26 0.84 2.31
N THR A 413 19.49 1.80 1.80
CA THR A 413 20.06 3.12 1.59
C THR A 413 20.47 3.77 2.90
N LEU A 414 19.54 3.86 3.85
CA LEU A 414 19.88 4.43 5.15
C LEU A 414 21.13 3.78 5.73
N ARG A 415 21.38 2.52 5.40
CA ARG A 415 22.59 1.89 5.89
C ARG A 415 23.79 2.30 5.06
N ALA A 416 23.62 2.52 3.77
CA ALA A 416 24.75 2.85 2.92
C ALA A 416 25.00 4.35 2.89
N ALA A 417 23.98 5.12 2.50
CA ALA A 417 24.15 6.56 2.38
C ALA A 417 24.28 7.22 3.74
N GLY A 418 23.36 6.87 4.64
CA GLY A 418 23.38 7.48 5.96
C GLY A 418 21.96 7.65 6.46
N LYS A 419 21.75 7.58 7.77
CA LYS A 419 20.42 7.74 8.36
C LYS A 419 19.80 9.10 8.07
N THR A 420 20.63 10.11 7.82
CA THR A 420 20.15 11.45 7.54
C THR A 420 19.23 11.48 6.33
N TYR A 421 19.46 10.57 5.37
CA TYR A 421 18.67 10.53 4.14
C TYR A 421 17.26 10.00 4.33
N MET A 422 16.81 9.84 5.57
CA MET A 422 15.43 9.42 5.80
C MET A 422 14.49 10.51 5.35
N ILE A 423 14.97 11.74 5.27
CA ILE A 423 14.15 12.85 4.80
C ILE A 423 13.73 12.58 3.38
N PHE A 424 14.62 12.02 2.57
CA PHE A 424 14.28 11.68 1.19
C PHE A 424 13.08 10.76 1.19
N PHE A 425 13.12 9.70 1.99
CA PHE A 425 12.01 8.74 2.03
C PHE A 425 10.74 9.38 2.55
N VAL A 426 10.84 10.23 3.56
CA VAL A 426 9.67 10.93 4.05
C VAL A 426 9.00 11.66 2.89
N VAL A 427 9.79 12.31 2.04
CA VAL A 427 9.20 13.06 0.95
C VAL A 427 8.64 12.10 -0.09
N VAL A 428 9.38 11.04 -0.39
CA VAL A 428 8.91 10.11 -1.42
C VAL A 428 7.66 9.40 -1.00
N ILE A 429 7.57 8.97 0.25
CA ILE A 429 6.41 8.21 0.67
C ILE A 429 5.26 9.15 0.84
N PHE A 430 5.53 10.36 1.29
CA PHE A 430 4.37 11.23 1.38
C PHE A 430 3.90 11.84 0.07
N LEU A 431 4.82 12.16 -0.81
CA LEU A 431 4.32 12.62 -2.09
C LEU A 431 4.11 11.34 -2.87
N GLY A 432 5.16 10.72 -3.34
CA GLY A 432 4.92 9.61 -4.23
C GLY A 432 4.06 8.46 -3.81
N SER A 433 4.24 7.85 -2.65
CA SER A 433 3.31 6.81 -2.26
C SER A 433 1.95 7.27 -1.86
N PHE A 434 1.88 8.35 -1.11
CA PHE A 434 0.59 8.73 -0.57
C PHE A 434 -0.19 9.55 -1.51
N TYR A 435 0.50 10.37 -2.26
CA TYR A 435 -0.29 11.27 -3.07
C TYR A 435 -0.70 10.58 -4.32
N LEU A 436 0.17 9.81 -4.92
CA LEU A 436 -0.26 9.24 -6.19
C LEU A 436 -1.37 8.22 -6.00
N ILE A 437 -1.27 7.37 -4.97
CA ILE A 437 -2.25 6.32 -4.85
C ILE A 437 -3.61 6.95 -4.60
N ASN A 438 -3.64 8.14 -4.07
CA ASN A 438 -4.85 8.82 -3.76
C ASN A 438 -5.29 9.49 -5.03
N LEU A 439 -4.33 9.96 -5.85
CA LEU A 439 -4.91 10.54 -7.05
C LEU A 439 -5.58 9.47 -7.90
N ILE A 440 -4.92 8.33 -8.07
CA ILE A 440 -5.55 7.19 -8.74
C ILE A 440 -6.91 6.93 -8.11
N LEU A 441 -6.92 6.61 -6.81
CA LEU A 441 -8.17 6.28 -6.15
C LEU A 441 -9.18 7.39 -6.29
N ALA A 442 -8.74 8.61 -6.55
CA ALA A 442 -9.70 9.67 -6.82
C ALA A 442 -10.33 9.48 -8.19
N VAL A 443 -9.51 9.52 -9.24
CA VAL A 443 -10.05 9.67 -10.59
C VAL A 443 -10.93 8.49 -10.96
N VAL A 444 -10.40 7.27 -10.81
CA VAL A 444 -11.23 6.10 -11.06
C VAL A 444 -12.55 6.24 -10.32
N ALA A 445 -12.49 6.53 -9.01
CA ALA A 445 -13.71 6.77 -8.26
C ALA A 445 -14.59 7.76 -8.99
N MET A 446 -14.10 8.99 -9.18
CA MET A 446 -14.90 9.97 -9.89
C MET A 446 -15.36 9.40 -11.21
N ALA A 447 -14.43 8.87 -12.01
CA ALA A 447 -14.82 8.25 -13.27
C ALA A 447 -15.92 7.23 -13.03
N TYR A 448 -15.64 6.24 -12.18
CA TYR A 448 -16.66 5.24 -11.89
C TYR A 448 -17.96 5.89 -11.48
N LYS A 449 -17.91 6.82 -10.53
CA LYS A 449 -19.15 7.43 -10.06
C LYS A 449 -19.93 8.00 -11.22
N GLU A 450 -19.24 8.73 -12.10
CA GLU A 450 -19.91 9.29 -13.27
C GLU A 450 -20.77 8.24 -13.95
N GLN A 451 -20.16 7.12 -14.34
CA GLN A 451 -20.90 6.07 -15.02
C GLN A 451 -22.18 5.76 -14.27
N ASN A 452 -22.07 5.42 -12.98
CA ASN A 452 -23.28 5.09 -12.22
C ASN A 452 -24.37 6.07 -12.52
N GLN A 453 -24.12 7.36 -12.22
CA GLN A 453 -25.12 8.38 -12.44
C GLN A 453 -25.71 8.22 -13.83
N ALA A 454 -24.86 8.39 -14.85
CA ALA A 454 -25.31 8.24 -16.23
C ALA A 454 -26.14 6.98 -16.39
N ASN A 455 -25.54 5.81 -16.13
CA ASN A 455 -26.27 4.57 -16.33
C ASN A 455 -27.57 4.60 -15.55
N ILE A 456 -27.48 4.84 -14.25
CA ILE A 456 -28.69 4.83 -13.44
C ILE A 456 -29.67 5.83 -14.01
N GLU A 457 -29.21 7.06 -14.29
CA GLU A 457 -30.07 8.02 -14.96
C GLU A 457 -30.67 7.40 -16.20
N GLU A 458 -29.81 7.04 -17.15
CA GLU A 458 -30.29 6.40 -18.37
C GLU A 458 -31.21 5.23 -18.03
N ALA A 459 -30.79 4.39 -17.07
CA ALA A 459 -31.63 3.26 -16.69
C ALA A 459 -33.03 3.71 -16.34
N LYS A 460 -33.16 4.59 -15.35
CA LYS A 460 -34.51 4.99 -14.95
C LYS A 460 -35.21 5.66 -16.12
N GLN A 461 -34.46 6.40 -16.94
CA GLN A 461 -35.03 7.00 -18.13
C GLN A 461 -35.75 5.95 -18.96
N LYS A 462 -35.03 4.88 -19.34
CA LYS A 462 -35.67 3.81 -20.10
C LYS A 462 -36.93 3.32 -19.41
N GLU A 463 -36.84 3.12 -18.09
CA GLU A 463 -38.03 2.69 -17.34
C GLU A 463 -39.20 3.59 -17.62
N LEU A 464 -39.02 4.91 -17.47
CA LEU A 464 -40.09 5.84 -17.77
C LEU A 464 -40.64 5.60 -19.17
N GLU A 465 -39.75 5.51 -20.17
CA GLU A 465 -40.20 5.22 -21.52
C GLU A 465 -41.07 3.98 -21.55
N PHE A 466 -40.59 2.89 -20.95
CA PHE A 466 -41.39 1.67 -20.87
C PHE A 466 -42.78 1.99 -20.35
N GLN A 467 -42.87 2.68 -19.21
CA GLN A 467 -44.16 3.09 -18.70
C GLN A 467 -44.95 3.84 -19.77
N GLN A 468 -44.39 4.93 -20.30
CA GLN A 468 -45.06 5.64 -21.38
C GLN A 468 -45.38 4.69 -22.53
N MET A 469 -44.41 3.85 -22.90
CA MET A 469 -44.66 2.84 -23.92
C MET A 469 -45.90 2.02 -23.58
N LEU A 470 -45.94 1.49 -22.35
CA LEU A 470 -47.13 0.78 -21.90
C LEU A 470 -48.38 1.65 -22.04
N ASP A 471 -48.30 2.86 -21.51
CA ASP A 471 -49.46 3.78 -21.52
C ASP A 471 -50.02 4.10 -22.89
N ARG A 472 -49.16 4.18 -23.89
CA ARG A 472 -49.65 4.44 -25.25
C ARG A 472 -50.56 3.30 -25.63
N LEU A 473 -50.14 2.07 -25.32
CA LEU A 473 -50.95 0.91 -25.64
C LEU A 473 -52.29 0.95 -24.92
N LYS A 474 -52.27 1.38 -23.65
CA LYS A 474 -53.52 1.48 -22.88
C LYS A 474 -54.45 2.52 -23.50
N LYS A 475 -53.91 3.63 -23.94
CA LYS A 475 -54.71 4.67 -24.59
C LYS A 475 -55.31 4.12 -25.88
N GLU A 476 -54.52 3.34 -26.63
CA GLU A 476 -55.03 2.74 -27.86
C GLU A 476 -56.17 1.78 -27.53
N GLN A 477 -56.03 1.01 -26.45
CA GLN A 477 -57.08 0.09 -26.03
C GLN A 477 -58.34 0.86 -25.69
N GLU A 478 -58.19 1.98 -25.00
CA GLU A 478 -59.35 2.83 -24.70
C GLU A 478 -60.02 3.30 -25.99
N PRO A 771 -56.18 -34.80 11.33
CA PRO A 771 -56.28 -35.61 12.55
C PRO A 771 -55.55 -34.97 13.73
N TYR A 772 -55.34 -35.75 14.79
CA TYR A 772 -54.53 -35.29 15.90
C TYR A 772 -53.10 -34.94 15.49
N TRP A 773 -52.64 -35.47 14.34
CA TRP A 773 -51.40 -35.00 13.76
C TRP A 773 -51.43 -33.49 13.54
N ILE A 774 -52.53 -32.98 12.99
CA ILE A 774 -52.71 -31.55 12.88
C ILE A 774 -52.80 -30.89 14.25
N LYS A 775 -53.42 -31.55 15.23
CA LYS A 775 -53.44 -31.00 16.58
C LYS A 775 -52.02 -30.74 17.06
N PHE A 776 -51.19 -31.77 17.07
CA PHE A 776 -49.77 -31.64 17.40
C PHE A 776 -49.09 -30.55 16.59
N LYS A 777 -49.36 -30.49 15.28
CA LYS A 777 -48.74 -29.46 14.46
C LYS A 777 -49.07 -28.07 14.99
N LYS A 778 -50.34 -27.84 15.32
CA LYS A 778 -50.73 -26.55 15.89
C LYS A 778 -50.03 -26.32 17.22
N CYS A 779 -50.04 -27.33 18.08
CA CYS A 779 -49.33 -27.23 19.36
C CYS A 779 -47.94 -26.69 19.12
N ILE A 780 -47.13 -27.42 18.36
CA ILE A 780 -45.73 -27.05 18.19
C ILE A 780 -45.56 -25.71 17.50
N TYR A 781 -46.39 -25.39 16.51
CA TYR A 781 -46.25 -24.08 15.88
C TYR A 781 -46.48 -22.98 16.89
N PHE A 782 -47.35 -23.21 17.86
CA PHE A 782 -47.43 -22.27 18.98
C PHE A 782 -46.21 -22.39 19.86
N ILE A 783 -45.64 -23.59 19.97
CA ILE A 783 -44.50 -23.80 20.86
C ILE A 783 -43.25 -23.11 20.32
N VAL A 784 -43.18 -22.87 19.02
CA VAL A 784 -42.06 -22.08 18.55
C VAL A 784 -42.46 -20.62 18.69
N MET A 785 -42.33 -20.11 19.92
CA MET A 785 -42.71 -18.75 20.25
C MET A 785 -41.68 -17.79 19.70
N ASP A 786 -42.07 -17.04 18.67
CA ASP A 786 -41.16 -16.22 17.88
C ASP A 786 -40.13 -15.54 18.78
N PRO A 787 -40.54 -14.67 19.72
CA PRO A 787 -39.55 -13.91 20.46
C PRO A 787 -38.71 -14.76 21.39
N PHE A 788 -39.33 -15.62 22.18
CA PHE A 788 -38.57 -16.31 23.22
C PHE A 788 -37.67 -17.39 22.62
N VAL A 789 -38.21 -18.24 21.75
CA VAL A 789 -37.33 -19.24 21.17
C VAL A 789 -36.33 -18.59 20.23
N ASP A 790 -36.66 -17.44 19.65
CA ASP A 790 -35.67 -16.76 18.82
C ASP A 790 -34.51 -16.26 19.66
N LEU A 791 -34.80 -15.59 20.76
CA LEU A 791 -33.76 -15.23 21.70
C LEU A 791 -32.97 -16.44 22.16
N ALA A 792 -33.64 -17.58 22.34
CA ALA A 792 -32.95 -18.80 22.76
C ALA A 792 -31.96 -19.26 21.71
N ILE A 793 -32.41 -19.36 20.46
CA ILE A 793 -31.53 -19.75 19.38
C ILE A 793 -30.35 -18.80 19.29
N THR A 794 -30.60 -17.50 19.42
CA THR A 794 -29.50 -16.55 19.25
C THR A 794 -28.48 -16.67 20.38
N ILE A 795 -28.94 -16.73 21.62
CA ILE A 795 -27.98 -16.86 22.72
C ILE A 795 -27.25 -18.19 22.61
N CYS A 796 -27.91 -19.21 22.07
CA CYS A 796 -27.24 -20.49 21.92
C CYS A 796 -26.21 -20.45 20.80
N ILE A 797 -26.49 -19.68 19.75
CA ILE A 797 -25.50 -19.48 18.70
C ILE A 797 -24.25 -18.80 19.26
N VAL A 798 -24.47 -17.69 19.98
CA VAL A 798 -23.34 -16.97 20.54
C VAL A 798 -22.59 -17.84 21.53
N LEU A 799 -23.32 -18.64 22.31
CA LEU A 799 -22.64 -19.53 23.24
C LEU A 799 -21.87 -20.62 22.53
N ASN A 800 -22.38 -21.15 21.43
CA ASN A 800 -21.62 -22.15 20.70
C ASN A 800 -20.35 -21.55 20.14
N THR A 801 -20.42 -20.33 19.61
CA THR A 801 -19.21 -19.70 19.13
C THR A 801 -18.22 -19.49 20.27
N LEU A 802 -18.67 -18.86 21.35
CA LEU A 802 -17.77 -18.61 22.47
C LEU A 802 -17.34 -19.91 23.14
N PHE A 803 -17.97 -21.02 22.79
CA PHE A 803 -17.56 -22.29 23.35
C PHE A 803 -16.58 -23.01 22.45
N MET A 804 -16.61 -22.73 21.16
CA MET A 804 -15.57 -23.22 20.27
C MET A 804 -14.30 -22.40 20.44
N ALA A 805 -14.43 -21.10 20.66
CA ALA A 805 -13.25 -20.26 20.84
C ALA A 805 -12.44 -20.68 22.05
N MET A 806 -12.95 -21.59 22.87
CA MET A 806 -12.24 -21.99 24.07
C MET A 806 -11.21 -23.07 23.76
N GLU A 807 -10.80 -23.16 22.50
CA GLU A 807 -9.79 -24.14 22.11
C GLU A 807 -8.41 -23.54 22.24
N HIS A 808 -7.45 -24.36 22.64
CA HIS A 808 -6.05 -23.97 22.64
C HIS A 808 -5.23 -25.15 22.14
N HIS A 809 -3.91 -24.97 22.08
CA HIS A 809 -3.12 -26.08 21.56
C HIS A 809 -2.94 -27.21 22.57
N PRO A 810 -2.34 -26.96 23.74
CA PRO A 810 -2.07 -28.09 24.65
C PRO A 810 -3.27 -28.38 25.52
N MET A 811 -4.36 -28.84 24.91
CA MET A 811 -5.63 -29.01 25.60
C MET A 811 -5.59 -30.29 26.40
N THR A 812 -5.72 -30.17 27.72
CA THR A 812 -5.83 -31.34 28.56
C THR A 812 -7.06 -32.14 28.16
N GLU A 813 -6.94 -33.46 28.17
CA GLU A 813 -8.00 -34.31 27.63
C GLU A 813 -9.35 -34.05 28.29
N GLU A 814 -9.35 -33.64 29.56
CA GLU A 814 -10.61 -33.30 30.22
C GLU A 814 -11.34 -32.20 29.44
N PHE A 815 -10.69 -31.05 29.29
CA PHE A 815 -11.23 -29.97 28.47
C PHE A 815 -11.62 -30.44 27.08
N LYS A 816 -10.89 -31.37 26.49
CA LYS A 816 -11.22 -31.80 25.14
C LYS A 816 -12.53 -32.57 25.11
N ASN A 817 -12.73 -33.50 26.05
CA ASN A 817 -14.01 -34.21 26.05
C ASN A 817 -15.15 -33.28 26.45
N VAL A 818 -14.85 -32.24 27.24
CA VAL A 818 -15.86 -31.24 27.54
C VAL A 818 -16.32 -30.56 26.25
N LEU A 819 -15.36 -30.05 25.48
CA LEU A 819 -15.71 -29.46 24.19
C LEU A 819 -16.43 -30.46 23.31
N ALA A 820 -16.07 -31.73 23.41
CA ALA A 820 -16.73 -32.76 22.62
C ALA A 820 -18.21 -32.82 22.94
N ILE A 821 -18.55 -33.08 24.20
CA ILE A 821 -19.96 -33.17 24.57
C ILE A 821 -20.65 -31.83 24.38
N GLY A 822 -19.92 -30.73 24.43
CA GLY A 822 -20.53 -29.44 24.22
C GLY A 822 -20.98 -29.27 22.80
N ASN A 823 -20.08 -29.54 21.85
CA ASN A 823 -20.48 -29.50 20.45
C ASN A 823 -21.58 -30.51 20.18
N LEU A 824 -21.55 -31.64 20.88
CA LEU A 824 -22.64 -32.60 20.77
C LEU A 824 -23.97 -31.97 21.13
N VAL A 825 -24.04 -31.34 22.31
CA VAL A 825 -25.30 -30.78 22.79
C VAL A 825 -25.72 -29.62 21.90
N PHE A 826 -24.78 -28.87 21.37
CA PHE A 826 -25.16 -27.75 20.53
C PHE A 826 -25.71 -28.22 19.20
N THR A 827 -25.05 -29.21 18.58
CA THR A 827 -25.64 -29.84 17.41
C THR A 827 -27.03 -30.38 17.72
N GLY A 828 -27.19 -30.97 18.90
CA GLY A 828 -28.49 -31.50 19.27
C GLY A 828 -29.55 -30.42 19.34
N ILE A 829 -29.23 -29.31 20.01
CA ILE A 829 -30.19 -28.22 20.16
C ILE A 829 -30.55 -27.65 18.78
N PHE A 830 -29.54 -27.33 17.99
CA PHE A 830 -29.81 -26.75 16.69
C PHE A 830 -30.62 -27.70 15.83
N ALA A 831 -30.23 -28.98 15.80
CA ALA A 831 -30.99 -29.96 15.02
C ALA A 831 -32.43 -30.05 15.50
N ALA A 832 -32.63 -30.12 16.82
CA ALA A 832 -33.98 -30.22 17.34
C ALA A 832 -34.82 -29.05 16.91
N GLU A 833 -34.27 -27.84 17.00
CA GLU A 833 -35.08 -26.67 16.69
C GLU A 833 -35.33 -26.56 15.19
N MET A 834 -34.36 -26.95 14.36
CA MET A 834 -34.61 -26.91 12.92
C MET A 834 -35.66 -27.94 12.52
N VAL A 835 -35.55 -29.17 13.03
CA VAL A 835 -36.54 -30.17 12.67
C VAL A 835 -37.90 -29.80 13.26
N LEU A 836 -37.92 -29.10 14.38
CA LEU A 836 -39.19 -28.63 14.90
C LEU A 836 -39.82 -27.62 13.96
N LYS A 837 -39.08 -26.58 13.58
CA LYS A 837 -39.58 -25.61 12.62
C LYS A 837 -40.06 -26.29 11.34
N LEU A 838 -39.39 -27.36 10.95
CA LEU A 838 -39.77 -28.08 9.73
C LEU A 838 -41.17 -28.65 9.84
N ILE A 839 -41.47 -29.34 10.93
CA ILE A 839 -42.77 -29.95 11.10
C ILE A 839 -43.82 -28.91 11.57
N ALA A 840 -43.36 -27.79 12.11
CA ALA A 840 -44.28 -26.73 12.53
C ALA A 840 -45.06 -26.20 11.35
N MET A 841 -44.37 -25.95 10.25
CA MET A 841 -45.04 -25.46 9.06
C MET A 841 -45.02 -26.54 7.99
N ASP A 842 -45.35 -26.17 6.75
CA ASP A 842 -45.28 -27.11 5.66
C ASP A 842 -43.81 -27.38 5.35
N PRO A 843 -43.43 -28.63 5.02
CA PRO A 843 -42.00 -28.74 4.67
C PRO A 843 -41.64 -27.69 3.63
N TYR A 844 -42.56 -27.47 2.68
CA TYR A 844 -42.32 -26.47 1.65
C TYR A 844 -42.15 -25.09 2.25
N GLU A 845 -43.05 -24.71 3.15
CA GLU A 845 -42.95 -23.41 3.79
C GLU A 845 -41.66 -23.27 4.57
N TYR A 846 -41.20 -24.35 5.20
CA TYR A 846 -39.92 -24.33 5.90
C TYR A 846 -38.81 -24.03 4.93
N PHE A 847 -38.74 -24.78 3.83
CA PHE A 847 -37.60 -24.58 2.93
C PHE A 847 -37.71 -23.28 2.14
N GLN A 848 -38.81 -22.56 2.31
CA GLN A 848 -39.03 -21.36 1.51
C GLN A 848 -38.05 -20.27 1.91
N VAL A 849 -38.02 -19.92 3.19
CA VAL A 849 -37.18 -18.82 3.64
C VAL A 849 -35.71 -19.22 3.58
N GLY A 850 -34.88 -18.32 3.05
CA GLY A 850 -33.47 -18.57 2.87
C GLY A 850 -32.74 -19.00 4.13
N TRP A 851 -32.96 -18.28 5.23
CA TRP A 851 -32.26 -18.60 6.47
C TRP A 851 -32.52 -20.03 6.90
N ASN A 852 -33.71 -20.55 6.60
CA ASN A 852 -33.98 -21.94 6.93
C ASN A 852 -33.20 -22.91 6.04
N ILE A 853 -33.05 -22.61 4.75
CA ILE A 853 -32.12 -23.39 3.93
C ILE A 853 -30.72 -23.36 4.51
N PHE A 854 -30.25 -22.18 4.93
CA PHE A 854 -28.94 -22.07 5.56
C PHE A 854 -28.84 -23.00 6.76
N ASP A 855 -29.80 -22.88 7.68
CA ASP A 855 -29.77 -23.68 8.90
C ASP A 855 -29.83 -25.15 8.57
N SER A 856 -30.63 -25.53 7.58
CA SER A 856 -30.77 -26.93 7.23
C SER A 856 -29.46 -27.47 6.65
N LEU A 857 -28.83 -26.70 5.78
CA LEU A 857 -27.53 -27.10 5.24
C LEU A 857 -26.53 -27.31 6.37
N ILE A 858 -26.50 -26.39 7.33
CA ILE A 858 -25.50 -26.45 8.39
C ILE A 858 -25.77 -27.63 9.31
N VAL A 859 -27.04 -27.84 9.69
CA VAL A 859 -27.35 -28.97 10.55
C VAL A 859 -27.08 -30.27 9.81
N THR A 860 -27.27 -30.26 8.49
CA THR A 860 -26.93 -31.42 7.67
C THR A 860 -25.46 -31.75 7.82
N LEU A 861 -24.61 -30.76 7.58
CA LEU A 861 -23.16 -30.96 7.70
C LEU A 861 -22.81 -31.47 9.09
N SER A 862 -23.43 -30.88 10.12
CA SER A 862 -23.12 -31.27 11.48
C SER A 862 -23.44 -32.74 11.70
N LEU A 863 -24.64 -33.16 11.31
CA LEU A 863 -25.01 -34.56 11.45
C LEU A 863 -24.10 -35.44 10.62
N VAL A 864 -23.67 -34.96 9.45
CA VAL A 864 -22.76 -35.70 8.58
C VAL A 864 -21.51 -36.08 9.36
N GLU A 865 -20.80 -35.08 9.87
CA GLU A 865 -19.54 -35.42 10.50
C GLU A 865 -19.70 -35.96 11.92
N LEU A 866 -20.85 -35.76 12.57
CA LEU A 866 -21.10 -36.45 13.82
C LEU A 866 -21.30 -37.94 13.60
N PHE A 867 -22.24 -38.29 12.71
CA PHE A 867 -22.52 -39.67 12.40
C PHE A 867 -21.29 -40.38 11.84
N LEU A 868 -20.68 -39.83 10.80
CA LEU A 868 -19.63 -40.53 10.08
C LEU A 868 -18.26 -40.41 10.73
N ALA A 869 -18.07 -39.42 11.60
CA ALA A 869 -16.82 -39.25 12.34
C ALA A 869 -15.62 -39.22 11.39
N ASP A 870 -15.69 -38.30 10.43
CA ASP A 870 -14.70 -38.21 9.37
C ASP A 870 -13.35 -37.81 9.96
N VAL A 871 -12.44 -38.76 10.05
CA VAL A 871 -11.13 -38.50 10.64
C VAL A 871 -10.23 -37.78 9.64
N GLU A 872 -10.46 -37.98 8.35
CA GLU A 872 -9.59 -37.41 7.33
C GLU A 872 -9.70 -35.88 7.30
N GLY A 873 -10.91 -35.37 7.43
CA GLY A 873 -11.15 -33.93 7.37
C GLY A 873 -11.63 -33.39 8.70
N LEU A 874 -11.10 -32.22 9.08
CA LEU A 874 -11.56 -31.51 10.25
C LEU A 874 -12.29 -30.23 9.87
N SER A 875 -11.74 -29.48 8.91
CA SER A 875 -12.41 -28.29 8.40
C SER A 875 -13.71 -28.62 7.71
N VAL A 876 -13.98 -29.91 7.52
CA VAL A 876 -15.24 -30.32 6.92
C VAL A 876 -16.41 -29.87 7.78
N LEU A 877 -16.34 -30.17 9.08
CA LEU A 877 -17.34 -29.67 10.01
C LEU A 877 -16.81 -28.55 10.89
N ARG A 878 -15.71 -28.80 11.58
CA ARG A 878 -15.37 -28.03 12.77
C ARG A 878 -15.31 -26.54 12.50
N SER A 879 -15.33 -26.13 11.24
CA SER A 879 -15.43 -24.73 10.89
C SER A 879 -16.76 -24.33 10.30
N PHE A 880 -17.53 -25.27 9.77
CA PHE A 880 -18.76 -24.88 9.11
C PHE A 880 -19.91 -24.68 10.09
N ARG A 881 -19.86 -25.34 11.24
CA ARG A 881 -20.81 -25.02 12.29
C ARG A 881 -20.70 -23.59 12.76
N LEU A 882 -19.66 -22.87 12.34
CA LEU A 882 -19.45 -21.49 12.78
C LEU A 882 -20.36 -20.50 12.08
N LEU A 883 -20.67 -20.72 10.80
CA LEU A 883 -21.39 -19.72 10.03
C LEU A 883 -22.74 -19.36 10.61
N ARG A 884 -23.24 -20.11 11.60
CA ARG A 884 -24.51 -19.75 12.20
C ARG A 884 -24.47 -18.35 12.79
N VAL A 885 -23.28 -17.84 13.08
CA VAL A 885 -23.11 -16.54 13.71
C VAL A 885 -23.72 -15.47 12.80
N PHE A 886 -23.92 -15.81 11.53
CA PHE A 886 -24.49 -14.83 10.63
C PHE A 886 -25.99 -14.65 10.85
N LYS A 887 -26.67 -15.61 11.48
CA LYS A 887 -28.09 -15.41 11.76
C LYS A 887 -28.31 -14.19 12.67
N LEU A 888 -27.23 -13.69 13.25
CA LEU A 888 -27.28 -12.43 13.99
C LEU A 888 -27.58 -11.28 13.04
N ALA A 889 -27.49 -11.53 11.73
CA ALA A 889 -27.84 -10.48 10.78
C ALA A 889 -29.32 -10.11 10.88
N LYS A 890 -30.14 -11.02 11.42
CA LYS A 890 -31.54 -10.74 11.69
C LYS A 890 -31.68 -9.37 12.35
N SER A 891 -31.03 -9.20 13.49
CA SER A 891 -31.15 -8.00 14.29
C SER A 891 -30.01 -7.02 14.06
N TRP A 892 -28.78 -7.49 14.07
CA TRP A 892 -27.62 -6.63 13.91
C TRP A 892 -27.69 -5.90 12.57
N PRO A 893 -27.84 -4.60 12.57
CA PRO A 893 -27.99 -3.89 11.30
C PRO A 893 -26.66 -3.48 10.70
N THR A 894 -25.57 -4.02 11.21
CA THR A 894 -24.30 -3.78 10.54
C THR A 894 -23.74 -5.02 9.88
N LEU A 895 -23.60 -6.12 10.62
CA LEU A 895 -23.27 -7.39 9.98
C LEU A 895 -24.14 -7.64 8.76
N ASN A 896 -25.39 -7.17 8.81
CA ASN A 896 -26.25 -7.27 7.64
C ASN A 896 -25.67 -6.49 6.47
N MET A 897 -24.91 -5.43 6.75
CA MET A 897 -24.27 -4.71 5.64
C MET A 897 -23.13 -5.51 5.06
N LEU A 898 -22.42 -6.28 5.89
CA LEU A 898 -21.39 -7.17 5.36
C LEU A 898 -22.01 -8.26 4.51
N ILE A 899 -23.15 -8.80 4.94
CA ILE A 899 -23.84 -9.78 4.11
C ILE A 899 -24.29 -9.16 2.80
N LYS A 900 -24.78 -7.93 2.83
CA LYS A 900 -25.22 -7.31 1.59
C LYS A 900 -24.05 -6.98 0.68
N ILE A 901 -22.90 -6.60 1.22
CA ILE A 901 -21.72 -6.38 0.39
C ILE A 901 -21.32 -7.68 -0.31
N ILE A 902 -21.20 -8.77 0.45
CA ILE A 902 -20.84 -10.03 -0.20
C ILE A 902 -21.88 -10.43 -1.24
N GLY A 903 -23.16 -10.36 -0.89
CA GLY A 903 -24.20 -10.71 -1.85
C GLY A 903 -24.14 -9.88 -3.11
N ASN A 904 -23.77 -8.61 -2.98
CA ASN A 904 -23.47 -7.83 -4.17
C ASN A 904 -22.32 -8.46 -4.93
N SER A 905 -21.26 -8.83 -4.22
CA SER A 905 -20.07 -9.32 -4.90
C SER A 905 -20.35 -10.59 -5.69
N VAL A 906 -21.37 -11.34 -5.33
CA VAL A 906 -21.72 -12.52 -6.11
C VAL A 906 -23.10 -12.26 -6.72
N GLY A 907 -23.47 -10.99 -6.83
CA GLY A 907 -24.78 -10.66 -7.32
C GLY A 907 -24.78 -9.61 -8.40
N ALA A 908 -25.56 -8.55 -8.19
CA ALA A 908 -25.71 -7.49 -9.18
C ALA A 908 -24.37 -7.04 -9.72
N LEU A 909 -23.46 -6.66 -8.84
CA LEU A 909 -22.12 -6.27 -9.25
C LEU A 909 -21.18 -7.47 -9.22
N GLY A 910 -21.61 -8.54 -9.87
CA GLY A 910 -20.89 -9.79 -9.83
C GLY A 910 -20.19 -10.09 -11.12
N ASN A 911 -20.81 -9.72 -12.25
CA ASN A 911 -20.15 -9.90 -13.54
C ASN A 911 -18.76 -9.32 -13.51
N LEU A 912 -18.60 -8.13 -12.93
CA LEU A 912 -17.27 -7.56 -12.79
C LEU A 912 -16.33 -8.53 -12.07
N THR A 913 -16.72 -9.00 -10.89
CA THR A 913 -15.93 -10.01 -10.21
C THR A 913 -15.51 -11.13 -11.13
N LEU A 914 -16.41 -11.56 -12.01
CA LEU A 914 -16.08 -12.63 -12.93
C LEU A 914 -14.79 -12.33 -13.68
N VAL A 915 -14.70 -11.17 -14.33
CA VAL A 915 -13.51 -10.90 -15.14
C VAL A 915 -12.28 -10.94 -14.26
N LEU A 916 -12.41 -10.49 -13.01
CA LEU A 916 -11.29 -10.59 -12.09
C LEU A 916 -10.81 -12.03 -12.02
N ALA A 917 -11.70 -12.96 -11.69
CA ALA A 917 -11.35 -14.36 -11.80
C ALA A 917 -10.67 -14.65 -13.12
N ILE A 918 -11.33 -14.34 -14.24
CA ILE A 918 -10.73 -14.59 -15.54
C ILE A 918 -9.33 -14.01 -15.60
N ILE A 919 -9.18 -12.74 -15.23
CA ILE A 919 -7.87 -12.13 -15.26
C ILE A 919 -6.91 -12.92 -14.37
N VAL A 920 -7.27 -13.13 -13.11
CA VAL A 920 -6.37 -13.82 -12.22
C VAL A 920 -6.12 -15.23 -12.71
N PHE A 921 -7.02 -15.75 -13.53
CA PHE A 921 -6.72 -17.02 -14.19
C PHE A 921 -5.73 -16.82 -15.32
N ILE A 922 -6.07 -15.93 -16.26
CA ILE A 922 -5.27 -15.78 -17.47
C ILE A 922 -3.82 -15.50 -17.14
N PHE A 923 -3.56 -14.40 -16.43
CA PHE A 923 -2.20 -14.13 -15.99
C PHE A 923 -1.58 -15.35 -15.37
N ALA A 924 -2.31 -16.00 -14.45
CA ALA A 924 -1.82 -17.24 -13.87
C ALA A 924 -1.29 -18.18 -14.93
N VAL A 925 -2.13 -18.60 -15.87
CA VAL A 925 -1.67 -19.60 -16.82
C VAL A 925 -0.61 -19.01 -17.73
N VAL A 926 -0.66 -17.71 -18.02
CA VAL A 926 0.42 -17.10 -18.77
C VAL A 926 1.73 -17.31 -18.04
N GLY A 927 1.75 -16.98 -16.74
CA GLY A 927 2.96 -17.21 -15.97
C GLY A 927 3.40 -18.65 -16.00
N MET A 928 2.44 -19.57 -16.11
CA MET A 928 2.80 -20.98 -16.07
C MET A 928 3.38 -21.44 -17.39
N GLN A 929 3.12 -20.72 -18.47
CA GLN A 929 3.58 -21.18 -19.78
C GLN A 929 4.88 -20.53 -20.20
N LEU A 930 5.07 -19.25 -19.92
CA LEU A 930 6.33 -18.58 -20.22
C LEU A 930 7.43 -19.06 -19.31
N PHE A 931 7.26 -18.87 -18.02
CA PHE A 931 8.32 -19.12 -17.06
C PHE A 931 8.27 -20.53 -16.48
N GLY A 932 7.31 -21.33 -16.88
CA GLY A 932 7.12 -22.62 -16.26
C GLY A 932 8.34 -23.49 -16.26
N LYS A 933 8.76 -23.96 -17.43
CA LYS A 933 9.96 -24.78 -17.48
C LYS A 933 11.19 -24.00 -17.07
N SER A 934 11.16 -22.68 -17.23
CA SER A 934 12.33 -21.88 -16.93
C SER A 934 12.74 -22.05 -15.47
N TYR A 935 11.78 -22.11 -14.56
CA TYR A 935 12.13 -22.28 -13.16
C TYR A 935 12.84 -23.60 -12.94
N LYS A 936 12.16 -24.69 -13.05
CA LYS A 936 12.81 -25.90 -12.73
C LYS A 936 14.10 -25.94 -13.44
N GLU A 937 14.24 -25.39 -14.63
CA GLU A 937 15.55 -25.51 -15.25
C GLU A 937 16.62 -24.65 -14.60
N CYS A 938 16.26 -23.46 -14.13
CA CYS A 938 17.21 -22.52 -13.53
C CYS A 938 17.07 -22.35 -12.02
N VAL A 939 16.59 -23.36 -11.31
CA VAL A 939 16.38 -23.22 -9.89
C VAL A 939 17.65 -23.08 -9.15
N CYS A 940 18.72 -23.61 -9.69
CA CYS A 940 19.95 -23.60 -8.93
C CYS A 940 20.38 -22.13 -8.73
N LYS A 941 20.11 -21.25 -9.68
CA LYS A 941 20.38 -19.82 -9.49
C LYS A 941 19.59 -19.11 -8.41
N ILE A 942 18.30 -19.37 -8.29
CA ILE A 942 17.45 -18.64 -7.34
C ILE A 942 17.27 -19.27 -5.97
N ASN A 943 17.72 -20.50 -5.79
CA ASN A 943 17.65 -21.15 -4.49
C ASN A 943 18.82 -22.08 -4.49
N ASP A 944 19.84 -21.78 -3.70
CA ASP A 944 21.06 -22.58 -3.72
C ASP A 944 20.94 -24.07 -3.48
N ASP A 945 19.75 -24.53 -3.11
CA ASP A 945 19.59 -25.93 -2.76
C ASP A 945 19.17 -26.70 -4.00
N CYS A 946 19.04 -26.02 -5.12
CA CYS A 946 18.54 -26.66 -6.34
C CYS A 946 17.16 -27.26 -6.12
N THR A 947 16.32 -26.56 -5.36
CA THR A 947 14.94 -26.99 -5.18
C THR A 947 14.12 -25.77 -5.43
N LEU A 948 12.98 -25.94 -6.08
CA LEU A 948 12.16 -24.80 -6.41
C LEU A 948 11.91 -23.91 -5.23
N PRO A 949 11.93 -22.61 -5.44
CA PRO A 949 11.60 -21.65 -4.39
C PRO A 949 10.15 -21.75 -3.95
N ARG A 950 9.84 -21.29 -2.76
CA ARG A 950 8.46 -21.31 -2.28
C ARG A 950 7.44 -20.73 -3.22
N TRP A 951 7.79 -19.73 -4.01
CA TRP A 951 6.84 -19.21 -4.97
C TRP A 951 7.44 -19.40 -6.36
N HIS A 952 7.24 -20.56 -6.95
CA HIS A 952 7.62 -20.70 -8.34
C HIS A 952 6.42 -20.42 -9.22
N MET A 953 6.60 -20.62 -10.51
CA MET A 953 5.48 -20.66 -11.44
C MET A 953 5.53 -21.94 -12.24
N ASN A 954 6.09 -22.98 -11.67
CA ASN A 954 6.21 -24.28 -12.34
C ASN A 954 4.93 -25.09 -12.24
N ASP A 955 3.91 -24.59 -11.55
CA ASP A 955 2.64 -25.29 -11.42
C ASP A 955 1.55 -24.25 -11.54
N PHE A 956 0.36 -24.68 -11.95
CA PHE A 956 -0.71 -23.69 -12.08
C PHE A 956 -1.09 -23.14 -10.72
N PHE A 957 -1.16 -23.98 -9.71
CA PHE A 957 -1.54 -23.49 -8.40
C PHE A 957 -0.59 -22.39 -7.94
N HIS A 958 0.71 -22.66 -7.95
CA HIS A 958 1.68 -21.67 -7.52
C HIS A 958 1.66 -20.45 -8.41
N SER A 959 1.39 -20.64 -9.70
CA SER A 959 1.27 -19.48 -10.56
C SER A 959 0.13 -18.60 -10.09
N PHE A 960 -1.00 -19.20 -9.75
CA PHE A 960 -2.11 -18.40 -9.25
C PHE A 960 -1.76 -17.77 -7.93
N LEU A 961 -0.99 -18.47 -7.09
CA LEU A 961 -0.52 -17.87 -5.85
C LEU A 961 0.25 -16.60 -6.14
N ILE A 962 1.21 -16.66 -7.04
CA ILE A 962 2.03 -15.49 -7.30
C ILE A 962 1.20 -14.38 -7.90
N VAL A 963 0.23 -14.71 -8.75
CA VAL A 963 -0.62 -13.67 -9.30
C VAL A 963 -1.47 -13.05 -8.20
N PHE A 964 -1.94 -13.85 -7.26
CA PHE A 964 -2.65 -13.28 -6.13
C PHE A 964 -1.73 -12.39 -5.30
N ARG A 965 -0.50 -12.85 -5.08
CA ARG A 965 0.44 -12.08 -4.28
C ARG A 965 0.70 -10.73 -4.90
N VAL A 966 1.06 -10.69 -6.18
CA VAL A 966 1.25 -9.41 -6.84
C VAL A 966 -0.03 -8.61 -6.84
N LEU A 967 -1.19 -9.26 -6.79
CA LEU A 967 -2.40 -8.48 -6.66
C LEU A 967 -2.51 -7.81 -5.30
N CYS A 968 -2.22 -8.51 -4.21
CA CYS A 968 -2.39 -7.94 -2.88
C CYS A 968 -1.23 -7.03 -2.51
N GLY A 969 -0.34 -6.76 -3.46
CA GLY A 969 0.69 -5.77 -3.24
C GLY A 969 1.99 -6.29 -2.69
N GLU A 970 2.44 -7.46 -3.14
CA GLU A 970 3.79 -7.91 -2.84
C GLU A 970 4.32 -8.61 -4.08
N TRP A 971 4.99 -7.86 -4.95
CA TRP A 971 5.41 -8.39 -6.24
C TRP A 971 6.91 -8.46 -6.42
N ILE A 972 7.68 -7.87 -5.52
CA ILE A 972 9.06 -7.58 -5.86
C ILE A 972 9.94 -8.80 -5.70
N GLU A 973 9.82 -9.56 -4.60
CA GLU A 973 10.69 -10.71 -4.43
C GLU A 973 10.49 -11.73 -5.55
N THR A 974 9.23 -12.05 -5.84
CA THR A 974 8.96 -12.93 -6.95
C THR A 974 9.48 -12.34 -8.25
N MET A 975 9.47 -11.01 -8.37
CA MET A 975 9.99 -10.43 -9.60
C MET A 975 11.49 -10.58 -9.71
N TRP A 976 12.22 -10.49 -8.60
CA TRP A 976 13.65 -10.73 -8.67
C TRP A 976 13.92 -12.16 -9.08
N ASP A 977 13.21 -13.11 -8.49
CA ASP A 977 13.45 -14.49 -8.89
C ASP A 977 13.14 -14.70 -10.36
N CYS A 978 11.99 -14.21 -10.82
CA CYS A 978 11.60 -14.36 -12.21
C CYS A 978 12.54 -13.65 -13.16
N MET A 979 13.10 -12.50 -12.76
CA MET A 979 14.05 -11.83 -13.64
C MET A 979 15.37 -12.55 -13.65
N GLU A 980 15.73 -13.18 -12.54
CA GLU A 980 16.96 -13.97 -12.54
C GLU A 980 16.84 -15.15 -13.49
N VAL A 981 15.68 -15.79 -13.53
CA VAL A 981 15.58 -17.00 -14.35
C VAL A 981 15.21 -16.67 -15.79
N ALA A 982 14.07 -16.02 -16.01
CA ALA A 982 13.56 -15.77 -17.35
C ALA A 982 14.02 -14.44 -17.91
N GLY A 983 15.11 -13.88 -17.42
CA GLY A 983 15.59 -12.63 -17.99
C GLY A 983 14.74 -11.45 -17.58
N GLN A 984 15.34 -10.26 -17.72
CA GLN A 984 14.68 -9.02 -17.33
C GLN A 984 13.69 -8.54 -18.36
N ALA A 985 13.62 -9.21 -19.50
CA ALA A 985 12.82 -8.74 -20.62
C ALA A 985 11.37 -9.17 -20.52
N MET A 986 11.11 -10.47 -20.52
CA MET A 986 9.75 -10.95 -20.38
C MET A 986 9.21 -10.60 -19.00
N CYS A 987 10.01 -10.82 -17.97
CA CYS A 987 9.49 -10.77 -16.60
C CYS A 987 8.95 -9.39 -16.26
N LEU A 988 9.64 -8.34 -16.69
CA LEU A 988 9.14 -7.00 -16.42
C LEU A 988 7.83 -6.76 -17.13
N ILE A 989 7.73 -7.18 -18.39
CA ILE A 989 6.48 -7.00 -19.13
C ILE A 989 5.34 -7.69 -18.41
N VAL A 990 5.56 -8.95 -18.04
CA VAL A 990 4.50 -9.73 -17.41
C VAL A 990 4.09 -9.09 -16.10
N TYR A 991 5.06 -8.75 -15.25
CA TYR A 991 4.70 -8.27 -13.93
C TYR A 991 4.11 -6.88 -13.97
N MET A 992 4.54 -6.01 -14.88
CA MET A 992 3.92 -4.70 -14.96
C MET A 992 2.52 -4.79 -15.56
N MET A 993 2.33 -5.69 -16.53
CA MET A 993 0.99 -5.91 -17.03
C MET A 993 0.09 -6.41 -15.91
N VAL A 994 0.58 -7.34 -15.09
CA VAL A 994 -0.22 -7.85 -13.98
C VAL A 994 -0.55 -6.72 -13.03
N MET A 995 0.47 -6.01 -12.56
CA MET A 995 0.25 -4.86 -11.71
C MET A 995 -0.87 -3.99 -12.24
N VAL A 996 -0.68 -3.41 -13.42
CA VAL A 996 -1.63 -2.44 -13.93
C VAL A 996 -3.02 -3.05 -14.13
N ILE A 997 -3.13 -4.09 -14.95
CA ILE A 997 -4.45 -4.66 -15.24
C ILE A 997 -5.12 -5.17 -13.97
N GLY A 998 -4.45 -6.06 -13.24
CA GLY A 998 -5.07 -6.65 -12.07
C GLY A 998 -5.44 -5.62 -11.00
N ASN A 999 -4.51 -4.73 -10.65
CA ASN A 999 -4.84 -3.70 -9.68
C ASN A 999 -5.96 -2.81 -10.18
N LEU A 1000 -6.03 -2.52 -11.47
CA LEU A 1000 -7.13 -1.72 -11.98
C LEU A 1000 -8.46 -2.44 -11.82
N VAL A 1001 -8.49 -3.73 -12.11
CA VAL A 1001 -9.74 -4.46 -11.98
C VAL A 1001 -10.13 -4.59 -10.52
N VAL A 1002 -9.15 -4.85 -9.65
CA VAL A 1002 -9.45 -4.96 -8.23
C VAL A 1002 -9.96 -3.63 -7.68
N LEU A 1003 -9.38 -2.54 -8.16
CA LEU A 1003 -9.83 -1.23 -7.69
C LEU A 1003 -11.21 -0.88 -8.22
N ASN A 1004 -11.50 -1.19 -9.49
CA ASN A 1004 -12.86 -0.96 -9.97
C ASN A 1004 -13.86 -1.82 -9.22
N LEU A 1005 -13.52 -3.07 -8.96
CA LEU A 1005 -14.39 -3.93 -8.15
C LEU A 1005 -14.62 -3.33 -6.78
N PHE A 1006 -13.56 -2.91 -6.11
CA PHE A 1006 -13.67 -2.37 -4.77
C PHE A 1006 -14.55 -1.14 -4.75
N LEU A 1007 -14.27 -0.18 -5.62
CA LEU A 1007 -15.11 1.00 -5.67
C LEU A 1007 -16.53 0.68 -6.07
N ALA A 1008 -16.72 -0.36 -6.87
CA ALA A 1008 -18.06 -0.75 -7.28
C ALA A 1008 -18.87 -1.21 -6.08
N LEU A 1009 -18.31 -2.17 -5.33
CA LEU A 1009 -18.96 -2.58 -4.09
C LEU A 1009 -19.17 -1.42 -3.15
N LEU A 1010 -18.18 -0.54 -3.03
CA LEU A 1010 -18.27 0.58 -2.11
C LEU A 1010 -19.46 1.45 -2.43
N LEU A 1011 -19.58 1.89 -3.69
CA LEU A 1011 -20.69 2.78 -4.03
C LEU A 1011 -22.01 2.03 -4.06
N SER A 1012 -22.01 0.75 -4.43
CA SER A 1012 -23.27 0.02 -4.46
C SER A 1012 -23.79 -0.24 -3.05
N SER A 1013 -22.92 -0.35 -2.06
CA SER A 1013 -23.35 -0.43 -0.67
C SER A 1013 -23.73 0.92 -0.10
N PHE A 1014 -22.94 1.95 -0.39
CA PHE A 1014 -23.30 3.31 0.01
C PHE A 1014 -24.58 3.78 -0.66
N SER A 1015 -25.03 3.07 -1.69
CA SER A 1015 -26.30 3.38 -2.33
C SER A 1015 -27.47 2.99 -1.44
N SER A 1016 -27.18 2.72 -0.16
CA SER A 1016 -28.20 2.53 0.86
C SER A 1016 -29.26 3.61 0.78
N ASP A 1017 -28.85 4.83 0.44
CA ASP A 1017 -29.81 5.89 0.18
C ASP A 1017 -30.65 5.61 -1.06
N ASN A 1018 -30.06 4.95 -2.07
CA ASN A 1018 -30.76 4.65 -3.30
C ASN A 1018 -31.41 3.27 -3.30
N LEU A 1019 -30.97 2.35 -2.44
CA LEU A 1019 -31.60 1.03 -2.33
C LEU A 1019 -32.57 0.97 -1.16
N THR A 1020 -32.94 2.12 -0.59
CA THR A 1020 -33.93 2.18 0.48
C THR A 1020 -35.29 2.42 -0.17
N ALA A 1021 -36.01 1.33 -0.41
CA ALA A 1021 -37.37 1.40 -0.92
C ALA A 1021 -38.31 0.47 -0.15
N ILE A 1022 -37.87 -0.07 0.98
CA ILE A 1022 -38.67 -1.02 1.73
C ILE A 1022 -39.66 -0.26 2.63
N GLU A 1023 -40.85 -0.83 2.78
CA GLU A 1023 -41.87 -0.26 3.66
C GLU A 1023 -41.52 -0.62 5.10
N GLU A 1024 -42.46 -0.41 6.02
CA GLU A 1024 -42.28 -0.90 7.39
C GLU A 1024 -42.03 -2.40 7.37
N ASP A 1025 -40.98 -2.81 8.08
CA ASP A 1025 -40.61 -4.21 8.12
C ASP A 1025 -41.81 -5.07 8.53
N PRO A 1026 -42.02 -6.22 7.89
CA PRO A 1026 -43.07 -7.13 8.38
C PRO A 1026 -42.92 -7.45 9.85
N ASP A 1027 -41.68 -7.47 10.35
CA ASP A 1027 -41.41 -7.51 11.77
C ASP A 1027 -40.14 -6.69 12.01
N ALA A 1028 -40.23 -5.64 12.83
CA ALA A 1028 -39.10 -4.77 13.10
C ALA A 1028 -37.86 -5.57 13.51
N ASN A 1029 -37.98 -6.29 14.63
CA ASN A 1029 -36.96 -7.24 15.05
C ASN A 1029 -37.59 -8.27 15.96
N ASN A 1030 -37.57 -9.54 15.54
CA ASN A 1030 -38.13 -10.59 16.39
C ASN A 1030 -37.44 -10.62 17.74
N LEU A 1031 -36.15 -10.30 17.77
CA LEU A 1031 -35.46 -10.09 19.05
C LEU A 1031 -36.10 -8.94 19.82
N GLN A 1032 -36.41 -7.85 19.13
CA GLN A 1032 -36.96 -6.69 19.82
C GLN A 1032 -38.34 -7.00 20.39
N ILE A 1033 -39.06 -7.95 19.80
CA ILE A 1033 -40.32 -8.37 20.40
C ILE A 1033 -40.08 -8.89 21.80
N ALA A 1034 -39.11 -9.80 21.95
CA ALA A 1034 -38.76 -10.30 23.26
C ALA A 1034 -38.24 -9.20 24.16
N VAL A 1035 -37.52 -8.22 23.59
CA VAL A 1035 -37.03 -7.10 24.39
C VAL A 1035 -38.20 -6.33 25.00
N THR A 1036 -39.18 -5.95 24.18
CA THR A 1036 -40.35 -5.26 24.70
C THR A 1036 -41.09 -6.12 25.71
N ARG A 1037 -41.22 -7.41 25.44
CA ARG A 1037 -41.99 -8.27 26.34
C ARG A 1037 -41.30 -8.42 27.68
N ILE A 1038 -39.97 -8.53 27.68
CA ILE A 1038 -39.27 -8.65 28.95
C ILE A 1038 -39.26 -7.31 29.67
N LYS A 1039 -39.30 -6.20 28.94
CA LYS A 1039 -39.46 -4.91 29.59
C LYS A 1039 -40.81 -4.83 30.28
N LYS A 1040 -41.87 -5.31 29.61
CA LYS A 1040 -43.18 -5.35 30.24
C LYS A 1040 -43.15 -6.22 31.50
N GLY A 1041 -42.56 -7.41 31.39
CA GLY A 1041 -42.48 -8.29 32.53
C GLY A 1041 -41.68 -7.71 33.69
N ILE A 1042 -40.58 -7.01 33.37
CA ILE A 1042 -39.74 -6.46 34.42
C ILE A 1042 -40.43 -5.29 35.09
N ASN A 1043 -41.18 -4.48 34.33
CA ASN A 1043 -41.94 -3.40 34.95
C ASN A 1043 -43.06 -3.95 35.82
N TYR A 1044 -43.72 -5.03 35.36
CA TYR A 1044 -44.75 -5.67 36.16
C TYR A 1044 -44.18 -6.19 37.48
N VAL A 1045 -43.04 -6.89 37.42
CA VAL A 1045 -42.49 -7.45 38.65
C VAL A 1045 -41.93 -6.35 39.53
N LYS A 1046 -41.42 -5.26 38.94
CA LYS A 1046 -41.01 -4.10 39.71
C LYS A 1046 -42.18 -3.56 40.52
N GLN A 1047 -43.32 -3.34 39.85
CA GLN A 1047 -44.49 -2.83 40.54
C GLN A 1047 -44.94 -3.77 41.65
N THR A 1048 -44.97 -5.07 41.36
CA THR A 1048 -45.45 -6.03 42.35
C THR A 1048 -44.51 -6.09 43.55
N LEU A 1049 -43.19 -6.06 43.31
CA LEU A 1049 -42.27 -6.12 44.43
C LEU A 1049 -42.29 -4.83 45.24
N ARG A 1050 -42.48 -3.68 44.59
CA ARG A 1050 -42.63 -2.45 45.35
C ARG A 1050 -43.88 -2.48 46.22
N GLU A 1051 -44.98 -3.01 45.67
CA GLU A 1051 -46.20 -3.16 46.46
C GLU A 1051 -45.97 -4.07 47.66
N PHE A 1052 -45.32 -5.22 47.42
CA PHE A 1052 -45.10 -6.17 48.52
C PHE A 1052 -44.13 -5.61 49.55
N ILE A 1053 -43.18 -4.79 49.13
CA ILE A 1053 -42.26 -4.14 50.06
C ILE A 1053 -43.00 -3.14 50.92
N LEU A 1054 -43.86 -2.33 50.30
CA LEU A 1054 -44.66 -1.37 51.07
C LEU A 1054 -45.61 -2.10 52.02
N LYS A 1055 -46.08 -3.29 51.63
CA LYS A 1055 -46.94 -4.07 52.50
C LYS A 1055 -46.17 -4.62 53.69
N ALA A 1056 -44.94 -5.10 53.45
CA ALA A 1056 -44.16 -5.70 54.53
C ALA A 1056 -43.72 -4.65 55.55
N PHE A 1057 -43.31 -3.48 55.08
CA PHE A 1057 -42.88 -2.41 55.97
C PHE A 1057 -44.00 -1.40 56.19
N GLY A 1218 -15.24 39.15 51.52
CA GLY A 1218 -15.47 37.99 50.67
C GLY A 1218 -15.52 38.34 49.20
N LYS A 1219 -16.10 39.50 48.90
CA LYS A 1219 -16.11 40.03 47.54
C LYS A 1219 -14.73 39.86 46.91
N ILE A 1220 -13.69 40.14 47.68
CA ILE A 1220 -12.31 39.86 47.30
C ILE A 1220 -12.10 38.48 46.72
N TRP A 1221 -12.87 37.47 47.12
CA TRP A 1221 -12.64 36.14 46.56
C TRP A 1221 -13.04 36.10 45.10
N TRP A 1222 -14.25 36.54 44.79
CA TRP A 1222 -14.66 36.68 43.39
C TRP A 1222 -13.71 37.60 42.63
N ASN A 1223 -13.16 38.60 43.32
CA ASN A 1223 -12.13 39.44 42.71
C ASN A 1223 -10.94 38.60 42.27
N ILE A 1224 -10.41 37.80 43.19
CA ILE A 1224 -9.28 36.94 42.89
C ILE A 1224 -9.62 36.01 41.74
N ARG A 1225 -10.86 35.53 41.70
CA ARG A 1225 -11.20 34.59 40.65
C ARG A 1225 -11.22 35.27 39.29
N LYS A 1226 -11.80 36.47 39.20
CA LYS A 1226 -11.69 37.23 37.96
C LYS A 1226 -10.24 37.44 37.58
N THR A 1227 -9.41 37.75 38.57
CA THR A 1227 -7.99 37.92 38.34
C THR A 1227 -7.39 36.71 37.66
N CYS A 1228 -7.54 35.54 38.29
CA CYS A 1228 -6.94 34.33 37.74
C CYS A 1228 -7.51 34.00 36.38
N TYR A 1229 -8.81 34.23 36.18
CA TYR A 1229 -9.38 34.04 34.85
C TYR A 1229 -8.61 34.85 33.83
N LYS A 1230 -8.39 36.13 34.12
CA LYS A 1230 -7.57 36.94 33.23
C LYS A 1230 -6.20 36.31 33.02
N ILE A 1231 -5.48 35.99 34.09
CA ILE A 1231 -4.10 35.51 33.90
C ILE A 1231 -4.02 34.16 33.22
N VAL A 1232 -5.13 33.46 33.10
CA VAL A 1232 -5.05 32.20 32.38
C VAL A 1232 -5.59 32.31 30.95
N GLU A 1233 -6.44 33.28 30.66
CA GLU A 1233 -6.81 33.48 29.27
C GLU A 1233 -5.80 34.35 28.51
N HIS A 1234 -5.12 35.25 29.20
CA HIS A 1234 -4.12 36.14 28.62
C HIS A 1234 -3.14 35.38 27.75
N SER A 1235 -3.04 35.82 26.48
CA SER A 1235 -2.29 35.06 25.48
C SER A 1235 -0.85 34.79 25.87
N TRP A 1236 -0.19 35.72 26.56
CA TRP A 1236 1.18 35.46 27.00
C TRP A 1236 1.25 34.17 27.81
N PHE A 1237 0.27 33.96 28.69
CA PHE A 1237 0.32 32.75 29.51
C PHE A 1237 0.17 31.50 28.66
N GLU A 1238 -0.74 31.52 27.69
CA GLU A 1238 -0.90 30.35 26.84
C GLU A 1238 0.38 30.05 26.08
N SER A 1239 1.01 31.09 25.52
CA SER A 1239 2.25 30.88 24.79
C SER A 1239 3.34 30.33 25.69
N PHE A 1240 3.43 30.86 26.91
CA PHE A 1240 4.43 30.39 27.85
C PHE A 1240 4.19 28.92 28.20
N ILE A 1241 2.92 28.55 28.35
CA ILE A 1241 2.61 27.16 28.68
C ILE A 1241 3.00 26.25 27.54
N VAL A 1242 2.74 26.67 26.30
CA VAL A 1242 3.16 25.83 25.18
C VAL A 1242 4.67 25.72 25.10
N LEU A 1243 5.39 26.80 25.42
CA LEU A 1243 6.84 26.71 25.48
C LEU A 1243 7.28 25.67 26.49
N MET A 1244 6.71 25.71 27.68
CA MET A 1244 7.08 24.73 28.71
C MET A 1244 6.72 23.32 28.28
N ILE A 1245 5.59 23.14 27.60
CA ILE A 1245 5.22 21.82 27.13
C ILE A 1245 6.26 21.29 26.16
N LEU A 1246 6.63 22.11 25.16
CA LEU A 1246 7.63 21.66 24.20
C LEU A 1246 8.94 21.32 24.88
N LEU A 1247 9.36 22.14 25.84
CA LEU A 1247 10.62 21.85 26.51
C LEU A 1247 10.55 20.55 27.32
N SER A 1248 9.41 20.27 27.94
CA SER A 1248 9.29 19.01 28.67
C SER A 1248 9.38 17.83 27.72
N SER A 1249 8.74 17.93 26.56
CA SER A 1249 8.83 16.85 25.59
C SER A 1249 10.27 16.64 25.13
N GLY A 1250 11.00 17.73 24.90
CA GLY A 1250 12.42 17.57 24.60
C GLY A 1250 13.14 16.81 25.70
N ALA A 1251 12.94 17.24 26.95
CA ALA A 1251 13.59 16.57 28.07
C ALA A 1251 13.29 15.09 28.07
N LEU A 1252 12.07 14.71 27.67
CA LEU A 1252 11.80 13.28 27.50
C LEU A 1252 12.64 12.71 26.39
N ALA A 1253 12.79 13.44 25.29
CA ALA A 1253 13.47 12.91 24.12
C ALA A 1253 14.94 12.61 24.37
N PHE A 1254 15.57 13.32 25.31
CA PHE A 1254 16.98 13.07 25.53
C PHE A 1254 17.28 11.80 26.31
N GLU A 1255 16.27 11.08 26.77
CA GLU A 1255 16.50 9.94 27.67
C GLU A 1255 16.82 8.70 26.85
N ASP A 1256 18.01 8.68 26.28
CA ASP A 1256 18.44 7.59 25.42
C ASP A 1256 19.05 6.47 26.23
N ILE A 1257 19.73 5.55 25.54
CA ILE A 1257 20.57 4.60 26.23
C ILE A 1257 21.95 5.18 26.48
N TYR A 1258 22.35 6.16 25.68
CA TYR A 1258 23.60 6.85 25.88
C TYR A 1258 23.52 7.87 26.99
N ILE A 1259 22.36 7.99 27.66
CA ILE A 1259 22.19 9.04 28.66
C ILE A 1259 23.25 8.94 29.74
N GLU A 1260 23.68 7.73 30.07
CA GLU A 1260 24.72 7.59 31.07
C GLU A 1260 26.06 8.14 30.59
N ARG A 1261 26.25 8.27 29.28
CA ARG A 1261 27.47 8.86 28.79
C ARG A 1261 27.44 10.37 28.96
N LYS A 1262 26.33 11.01 28.60
CA LYS A 1262 26.17 12.44 28.81
C LYS A 1262 25.82 12.64 30.28
N LYS A 1263 26.85 12.73 31.12
CA LYS A 1263 26.64 12.80 32.56
C LYS A 1263 26.49 14.22 33.05
N THR A 1264 26.12 15.14 32.16
CA THR A 1264 25.77 16.48 32.59
C THR A 1264 24.36 16.81 32.14
N ILE A 1265 24.03 16.43 30.91
CA ILE A 1265 22.66 16.56 30.43
C ILE A 1265 21.71 15.81 31.34
N LYS A 1266 22.15 14.70 31.91
CA LYS A 1266 21.30 13.92 32.80
C LYS A 1266 20.82 14.77 33.98
N ILE A 1267 21.73 15.45 34.65
CA ILE A 1267 21.36 16.19 35.84
C ILE A 1267 20.54 17.41 35.50
N ILE A 1268 20.92 18.10 34.42
CA ILE A 1268 20.12 19.25 33.98
C ILE A 1268 18.69 18.80 33.69
N LEU A 1269 18.53 17.68 33.01
CA LEU A 1269 17.19 17.24 32.67
C LEU A 1269 16.42 16.80 33.89
N GLU A 1270 17.08 16.19 34.86
CA GLU A 1270 16.39 15.84 36.10
C GLU A 1270 15.83 17.09 36.77
N TYR A 1271 16.69 18.09 36.97
CA TYR A 1271 16.20 19.29 37.64
C TYR A 1271 15.17 20.03 36.79
N ALA A 1272 15.28 19.93 35.47
CA ALA A 1272 14.28 20.56 34.63
C ALA A 1272 12.96 19.82 34.69
N ASP A 1273 12.97 18.51 34.89
CA ASP A 1273 11.73 17.80 35.11
C ASP A 1273 11.07 18.26 36.40
N LYS A 1274 11.88 18.52 37.43
CA LYS A 1274 11.31 19.09 38.64
C LYS A 1274 10.68 20.44 38.36
N ILE A 1275 11.39 21.32 37.67
CA ILE A 1275 10.84 22.64 37.39
C ILE A 1275 9.57 22.54 36.57
N PHE A 1276 9.53 21.62 35.61
CA PHE A 1276 8.36 21.51 34.75
C PHE A 1276 7.16 21.00 35.53
N THR A 1277 7.34 19.98 36.37
CA THR A 1277 6.19 19.53 37.13
C THR A 1277 5.72 20.61 38.09
N TYR A 1278 6.65 21.45 38.57
CA TYR A 1278 6.22 22.55 39.42
C TYR A 1278 5.40 23.56 38.62
N ILE A 1279 5.89 23.94 37.44
CA ILE A 1279 5.16 24.90 36.64
C ILE A 1279 3.77 24.37 36.31
N PHE A 1280 3.68 23.10 35.96
CA PHE A 1280 2.38 22.58 35.57
C PHE A 1280 1.45 22.46 36.77
N ILE A 1281 1.97 22.20 37.95
CA ILE A 1281 1.10 22.28 39.13
C ILE A 1281 0.60 23.70 39.32
N LEU A 1282 1.48 24.69 39.17
CA LEU A 1282 1.00 26.06 39.33
C LEU A 1282 -0.01 26.43 38.27
N GLU A 1283 0.16 25.92 37.06
CA GLU A 1283 -0.77 26.19 35.99
C GLU A 1283 -2.12 25.55 36.27
N MET A 1284 -2.10 24.32 36.80
CA MET A 1284 -3.33 23.67 37.22
C MET A 1284 -4.05 24.49 38.27
N LEU A 1285 -3.35 24.88 39.33
CA LEU A 1285 -3.98 25.69 40.37
C LEU A 1285 -4.56 26.97 39.80
N LEU A 1286 -3.85 27.62 38.89
CA LEU A 1286 -4.40 28.83 38.30
C LEU A 1286 -5.69 28.54 37.57
N LYS A 1287 -5.70 27.53 36.71
CA LYS A 1287 -6.93 27.22 36.00
C LYS A 1287 -8.06 26.93 36.97
N TRP A 1288 -7.75 26.19 38.04
CA TRP A 1288 -8.77 25.89 39.05
C TRP A 1288 -9.36 27.17 39.59
N ILE A 1289 -8.54 28.00 40.22
CA ILE A 1289 -9.04 29.23 40.78
C ILE A 1289 -9.78 30.04 39.74
N ALA A 1290 -9.45 29.87 38.47
CA ALA A 1290 -10.12 30.65 37.45
C ALA A 1290 -11.46 30.04 37.06
N TYR A 1291 -11.44 28.83 36.50
CA TYR A 1291 -12.67 28.25 36.01
C TYR A 1291 -13.56 27.78 37.15
N GLY A 1292 -13.02 26.92 38.02
CA GLY A 1292 -13.80 26.31 39.08
C GLY A 1292 -13.96 24.84 38.82
N TYR A 1293 -13.95 24.02 39.85
CA TYR A 1293 -14.00 22.58 39.62
C TYR A 1293 -15.11 22.21 38.67
N LYS A 1294 -16.26 22.87 38.78
CA LYS A 1294 -17.39 22.52 37.94
C LYS A 1294 -17.10 22.73 36.49
N THR A 1295 -16.49 23.85 36.16
CA THR A 1295 -16.22 24.16 34.78
C THR A 1295 -15.02 23.39 34.35
N TYR A 1296 -14.11 23.18 35.28
CA TYR A 1296 -12.86 22.52 34.96
C TYR A 1296 -13.09 21.05 34.63
N PHE A 1297 -13.62 20.30 35.59
CA PHE A 1297 -13.79 18.88 35.36
C PHE A 1297 -14.78 18.58 34.25
N THR A 1298 -15.61 19.55 33.87
CA THR A 1298 -16.45 19.33 32.69
C THR A 1298 -15.59 19.17 31.43
N ASN A 1299 -14.53 19.95 31.31
CA ASN A 1299 -13.74 20.02 30.08
C ASN A 1299 -12.78 18.84 30.02
N ALA A 1300 -12.92 18.04 28.97
CA ALA A 1300 -12.13 16.82 28.80
C ALA A 1300 -10.63 17.07 28.72
N TRP A 1301 -10.23 18.04 27.89
CA TRP A 1301 -8.82 18.40 27.80
C TRP A 1301 -8.25 18.67 29.18
N CYS A 1302 -9.01 19.40 29.99
CA CYS A 1302 -8.59 19.67 31.35
C CYS A 1302 -8.42 18.37 32.14
N TRP A 1303 -9.20 17.35 31.83
CA TRP A 1303 -9.01 16.07 32.49
C TRP A 1303 -7.71 15.40 32.04
N LEU A 1304 -7.38 15.48 30.76
CA LEU A 1304 -6.12 14.85 30.36
C LEU A 1304 -4.95 15.56 31.02
N ASP A 1305 -5.01 16.89 31.06
CA ASP A 1305 -3.97 17.64 31.76
C ASP A 1305 -3.91 17.25 33.22
N PHE A 1306 -5.06 17.16 33.89
CA PHE A 1306 -5.08 16.82 35.30
C PHE A 1306 -4.45 15.46 35.54
N LEU A 1307 -4.86 14.46 34.75
CA LEU A 1307 -4.31 13.13 34.92
C LEU A 1307 -2.80 13.12 34.74
N ILE A 1308 -2.31 13.76 33.68
CA ILE A 1308 -0.89 13.64 33.40
C ILE A 1308 -0.07 14.41 34.43
N VAL A 1309 -0.56 15.56 34.89
CA VAL A 1309 0.18 16.28 35.91
C VAL A 1309 0.09 15.54 37.24
N ASP A 1310 -0.97 14.78 37.48
CA ASP A 1310 -1.03 14.01 38.72
C ASP A 1310 -0.05 12.85 38.69
N VAL A 1311 0.09 12.20 37.54
CA VAL A 1311 1.13 11.18 37.42
C VAL A 1311 2.49 11.79 37.66
N SER A 1312 2.74 12.97 37.09
CA SER A 1312 4.03 13.63 37.35
C SER A 1312 4.20 13.93 38.83
N LEU A 1313 3.15 14.39 39.49
CA LEU A 1313 3.25 14.73 40.90
C LEU A 1313 3.54 13.52 41.76
N VAL A 1314 2.88 12.39 41.47
CA VAL A 1314 3.11 11.21 42.29
C VAL A 1314 4.50 10.65 42.03
N THR A 1315 4.97 10.72 40.78
CA THR A 1315 6.35 10.34 40.53
C THR A 1315 7.30 11.21 41.32
N LEU A 1316 7.04 12.52 41.37
CA LEU A 1316 7.91 13.44 42.09
C LEU A 1316 7.93 13.12 43.58
N VAL A 1317 6.76 12.87 44.16
CA VAL A 1317 6.73 12.63 45.60
C VAL A 1317 7.37 11.28 45.93
N ALA A 1318 7.18 10.29 45.05
CA ALA A 1318 7.83 9.00 45.27
C ALA A 1318 9.34 9.12 45.16
N ASN A 1319 9.82 9.98 44.26
CA ASN A 1319 11.25 10.19 44.14
C ASN A 1319 11.81 10.88 45.37
N THR A 1320 11.18 11.97 45.80
CA THR A 1320 11.72 12.73 46.91
C THR A 1320 11.64 11.95 48.22
N LEU A 1321 10.60 11.13 48.38
CA LEU A 1321 10.52 10.28 49.57
C LEU A 1321 11.60 9.22 49.56
N GLY A 1322 12.11 8.86 48.38
CA GLY A 1322 13.08 7.80 48.25
C GLY A 1322 12.50 6.44 47.95
N TYR A 1323 11.21 6.36 47.62
CA TYR A 1323 10.58 5.08 47.34
C TYR A 1323 10.79 4.70 45.88
N SER A 1324 11.81 5.27 45.25
CA SER A 1324 12.13 4.88 43.89
C SER A 1324 12.55 3.41 43.85
N ASP A 1325 12.52 2.85 42.64
CA ASP A 1325 12.92 1.48 42.34
C ASP A 1325 11.97 0.45 42.94
N LEU A 1326 10.86 0.88 43.55
CA LEU A 1326 9.89 -0.05 44.12
C LEU A 1326 8.89 -0.47 43.03
N GLY A 1327 9.43 -1.18 42.04
CA GLY A 1327 8.62 -1.80 41.02
C GLY A 1327 7.76 -0.82 40.26
N PRO A 1328 6.44 -0.89 40.50
CA PRO A 1328 5.48 -0.02 39.81
C PRO A 1328 5.94 1.41 39.64
N ILE A 1329 6.39 2.04 40.73
CA ILE A 1329 6.83 3.43 40.67
C ILE A 1329 7.84 3.62 39.55
N LYS A 1330 8.88 2.78 39.52
CA LYS A 1330 9.82 2.82 38.41
C LYS A 1330 9.11 2.66 37.08
N SER A 1331 8.27 1.63 36.96
CA SER A 1331 7.47 1.46 35.76
C SER A 1331 6.62 2.70 35.49
N LEU A 1332 6.14 3.33 36.55
CA LEU A 1332 5.30 4.52 36.42
C LEU A 1332 6.05 5.64 35.71
N ARG A 1333 7.37 5.65 35.85
CA ARG A 1333 8.16 6.67 35.16
C ARG A 1333 7.96 6.59 33.66
N THR A 1334 7.78 5.38 33.14
CA THR A 1334 7.58 5.24 31.69
C THR A 1334 6.27 5.87 31.27
N LEU A 1335 5.31 5.93 32.19
CA LEU A 1335 4.03 6.56 31.89
C LEU A 1335 4.25 8.06 31.75
N ARG A 1336 5.38 8.53 32.25
CA ARG A 1336 5.84 9.90 32.04
C ARG A 1336 5.85 10.20 30.55
N ALA A 1337 6.06 9.18 29.73
CA ALA A 1337 6.09 9.36 28.28
C ALA A 1337 4.80 9.92 27.74
N LEU A 1338 3.73 9.96 28.54
CA LEU A 1338 2.48 10.54 28.05
C LEU A 1338 2.48 12.05 28.17
N ARG A 1339 3.58 12.62 28.61
CA ARG A 1339 3.70 14.04 28.83
C ARG A 1339 3.51 14.88 27.57
N PRO A 1340 4.01 14.46 26.40
CA PRO A 1340 3.79 15.29 25.21
C PRO A 1340 2.34 15.47 24.89
N LEU A 1341 1.49 14.56 25.34
CA LEU A 1341 0.08 14.62 24.98
C LEU A 1341 -0.56 15.88 25.54
N ARG A 1342 0.08 16.52 26.50
CA ARG A 1342 -0.42 17.75 27.08
C ARG A 1342 -0.48 18.84 26.03
N ALA A 1343 0.30 18.69 24.96
CA ALA A 1343 0.30 19.65 23.86
C ALA A 1343 -0.88 19.50 22.94
N LEU A 1344 -1.65 18.42 23.10
CA LEU A 1344 -2.72 18.14 22.16
C LEU A 1344 -3.80 19.21 22.23
N SER A 1345 -3.88 19.93 23.34
CA SER A 1345 -4.96 20.89 23.57
C SER A 1345 -4.58 22.32 23.19
N ARG A 1346 -3.33 22.58 22.86
CA ARG A 1346 -2.89 23.94 22.60
C ARG A 1346 -2.86 24.31 21.13
N PHE A 1347 -2.64 23.35 20.25
CA PHE A 1347 -2.59 23.61 18.81
C PHE A 1347 -3.93 23.27 18.19
N GLU A 1348 -4.62 24.28 17.65
CA GLU A 1348 -5.96 24.06 17.15
C GLU A 1348 -6.01 23.09 15.98
N GLY A 1349 -4.92 22.90 15.27
CA GLY A 1349 -4.90 21.88 14.25
C GLY A 1349 -5.09 20.50 14.83
N MET A 1350 -4.22 20.13 15.77
CA MET A 1350 -4.37 18.84 16.44
C MET A 1350 -5.69 18.75 17.19
N ARG A 1351 -6.15 19.82 17.82
CA ARG A 1351 -7.43 19.74 18.50
C ARG A 1351 -8.56 19.44 17.53
N VAL A 1352 -8.57 20.09 16.37
CA VAL A 1352 -9.71 19.89 15.47
C VAL A 1352 -9.64 18.52 14.81
N VAL A 1353 -8.44 18.06 14.46
CA VAL A 1353 -8.34 16.70 13.91
C VAL A 1353 -8.76 15.68 14.96
N VAL A 1354 -8.31 15.84 16.20
CA VAL A 1354 -8.64 14.86 17.21
C VAL A 1354 -10.12 14.85 17.52
N ASN A 1355 -10.76 16.02 17.59
CA ASN A 1355 -12.18 15.99 17.88
C ASN A 1355 -12.97 15.49 16.67
N ALA A 1356 -12.44 15.63 15.46
CA ALA A 1356 -13.07 14.98 14.32
C ALA A 1356 -13.04 13.47 14.47
N LEU A 1357 -11.85 12.91 14.68
CA LEU A 1357 -11.75 11.46 14.85
C LEU A 1357 -12.56 10.97 16.04
N ILE A 1358 -12.68 11.76 17.10
CA ILE A 1358 -13.49 11.35 18.23
C ILE A 1358 -14.97 11.44 17.90
N GLY A 1359 -15.36 12.35 17.05
CA GLY A 1359 -16.73 12.29 16.59
C GLY A 1359 -17.01 11.14 15.68
N ALA A 1360 -15.98 10.59 15.04
CA ALA A 1360 -16.19 9.45 14.16
C ALA A 1360 -15.96 8.08 14.80
N ILE A 1361 -15.46 8.02 16.03
CA ILE A 1361 -15.31 6.75 16.73
C ILE A 1361 -16.59 5.89 16.77
N PRO A 1362 -17.76 6.43 17.13
CA PRO A 1362 -18.95 5.56 17.21
C PRO A 1362 -19.16 4.65 16.02
N SER A 1363 -19.08 5.17 14.79
CA SER A 1363 -19.29 4.31 13.63
C SER A 1363 -18.28 3.18 13.57
N ILE A 1364 -17.01 3.48 13.81
CA ILE A 1364 -16.03 2.41 13.73
C ILE A 1364 -16.18 1.46 14.89
N MET A 1365 -16.95 1.81 15.92
CA MET A 1365 -17.23 0.79 16.91
C MET A 1365 -18.10 -0.33 16.33
N ASN A 1366 -19.18 0.01 15.63
CA ASN A 1366 -19.96 -1.02 14.98
C ASN A 1366 -19.16 -1.75 13.91
N VAL A 1367 -18.45 -1.01 13.05
CA VAL A 1367 -17.74 -1.68 11.97
C VAL A 1367 -16.38 -2.19 12.40
N LEU A 1368 -16.10 -2.16 13.70
CA LEU A 1368 -15.05 -3.00 14.25
C LEU A 1368 -15.61 -4.17 15.03
N LEU A 1369 -16.84 -4.07 15.53
CA LEU A 1369 -17.45 -5.23 16.15
C LEU A 1369 -17.77 -6.30 15.11
N VAL A 1370 -18.35 -5.89 13.98
CA VAL A 1370 -18.57 -6.87 12.92
C VAL A 1370 -17.25 -7.47 12.48
N CYS A 1371 -16.22 -6.65 12.37
CA CYS A 1371 -14.92 -7.14 11.95
C CYS A 1371 -14.34 -8.11 12.96
N LEU A 1372 -14.55 -7.85 14.25
CA LEU A 1372 -14.00 -8.73 15.26
C LEU A 1372 -14.71 -10.07 15.26
N ILE A 1373 -16.04 -10.06 15.11
CA ILE A 1373 -16.75 -11.33 14.99
C ILE A 1373 -16.25 -12.10 13.77
N PHE A 1374 -16.08 -11.40 12.65
CA PHE A 1374 -15.68 -12.05 11.42
C PHE A 1374 -14.31 -12.69 11.58
N TRP A 1375 -13.33 -11.92 12.07
CA TRP A 1375 -12.01 -12.47 12.30
C TRP A 1375 -12.02 -13.55 13.37
N LEU A 1376 -12.97 -13.52 14.31
CA LEU A 1376 -13.06 -14.61 15.28
C LEU A 1376 -13.50 -15.90 14.60
N ILE A 1377 -14.47 -15.80 13.69
CA ILE A 1377 -14.83 -16.95 12.87
C ILE A 1377 -13.58 -17.50 12.19
N PHE A 1378 -12.83 -16.62 11.56
CA PHE A 1378 -11.66 -17.08 10.82
C PHE A 1378 -10.60 -17.64 11.75
N SER A 1379 -10.49 -17.11 12.95
CA SER A 1379 -9.44 -17.56 13.86
C SER A 1379 -9.78 -18.90 14.49
N ILE A 1380 -11.06 -19.16 14.76
CA ILE A 1380 -11.43 -20.49 15.22
C ILE A 1380 -11.26 -21.49 14.10
N MET A 1381 -11.68 -21.14 12.89
CA MET A 1381 -11.37 -21.96 11.72
C MET A 1381 -9.87 -22.27 11.68
N GLY A 1382 -9.05 -21.28 11.94
CA GLY A 1382 -7.61 -21.46 11.98
C GLY A 1382 -7.19 -22.45 13.04
N VAL A 1383 -7.47 -22.13 14.29
CA VAL A 1383 -7.09 -22.93 15.45
C VAL A 1383 -7.46 -24.39 15.21
N ASN A 1384 -8.59 -24.62 14.55
CA ASN A 1384 -8.98 -26.00 14.27
C ASN A 1384 -8.04 -26.68 13.30
N LEU A 1385 -7.49 -25.94 12.34
CA LEU A 1385 -6.62 -26.52 11.33
C LEU A 1385 -5.18 -26.53 11.79
N PHE A 1386 -4.71 -25.39 12.28
CA PHE A 1386 -3.32 -25.22 12.67
C PHE A 1386 -3.31 -25.02 14.17
N ALA A 1387 -2.91 -26.04 14.92
CA ALA A 1387 -2.91 -25.89 16.36
C ALA A 1387 -1.71 -26.67 16.88
N GLY A 1388 -0.60 -25.97 17.05
CA GLY A 1388 0.63 -26.61 17.42
C GLY A 1388 1.21 -27.48 16.34
N LYS A 1389 0.72 -27.37 15.11
CA LYS A 1389 1.33 -28.04 13.98
C LYS A 1389 2.47 -27.21 13.41
N PHE A 1390 2.87 -26.16 14.13
CA PHE A 1390 3.96 -25.29 13.73
C PHE A 1390 5.26 -25.65 14.40
N TYR A 1391 5.22 -26.62 15.32
CA TYR A 1391 6.36 -26.95 16.16
C TYR A 1391 7.40 -27.66 15.33
N GLU A 1392 8.26 -26.89 14.67
CA GLU A 1392 9.32 -27.49 13.87
C GLU A 1392 10.52 -27.80 14.76
N CYS A 1393 11.43 -28.60 14.25
CA CYS A 1393 12.55 -29.03 15.06
C CYS A 1393 13.77 -28.43 14.46
N ILE A 1394 13.90 -27.11 14.53
CA ILE A 1394 15.00 -26.44 13.87
C ILE A 1394 16.33 -26.67 14.47
N ASN A 1395 17.37 -26.44 13.67
CA ASN A 1395 18.70 -26.50 14.18
C ASN A 1395 19.04 -25.06 14.36
N THR A 1396 19.42 -24.66 15.55
CA THR A 1396 19.64 -23.26 15.80
C THR A 1396 20.92 -22.74 15.16
N THR A 1397 21.89 -23.61 14.91
CA THR A 1397 23.16 -23.11 14.39
C THR A 1397 22.97 -22.31 13.11
N ASP A 1398 22.27 -22.89 12.14
CA ASP A 1398 21.95 -22.18 10.90
C ASP A 1398 20.48 -21.78 10.84
N GLY A 1399 19.59 -22.58 11.42
CA GLY A 1399 18.18 -22.26 11.44
C GLY A 1399 17.40 -23.01 10.39
N SER A 1400 17.84 -24.22 10.08
CA SER A 1400 17.28 -25.01 8.98
C SER A 1400 16.45 -26.14 9.55
N ARG A 1401 15.14 -26.11 9.29
CA ARG A 1401 14.25 -27.17 9.72
C ARG A 1401 14.82 -28.52 9.33
N PHE A 1402 14.97 -29.40 10.30
CA PHE A 1402 15.54 -30.72 10.04
C PHE A 1402 14.72 -31.44 8.98
N PRO A 1403 15.31 -32.39 8.26
CA PRO A 1403 14.55 -33.11 7.23
C PRO A 1403 13.62 -34.12 7.86
N ALA A 1404 12.36 -34.06 7.46
CA ALA A 1404 11.34 -34.91 8.07
C ALA A 1404 11.60 -36.39 7.86
N SER A 1405 12.60 -36.77 7.07
CA SER A 1405 12.92 -38.18 6.92
C SER A 1405 13.44 -38.78 8.22
N GLN A 1406 14.44 -38.14 8.82
CA GLN A 1406 14.75 -38.37 10.22
C GLN A 1406 13.84 -37.49 11.06
N VAL A 1407 14.00 -37.58 12.38
CA VAL A 1407 13.21 -36.85 13.38
C VAL A 1407 11.76 -36.65 12.96
N PRO A 1408 11.02 -37.71 12.64
CA PRO A 1408 9.62 -37.53 12.24
C PRO A 1408 8.74 -36.99 13.35
N ASN A 1409 8.65 -37.73 14.45
CA ASN A 1409 7.79 -37.39 15.56
C ASN A 1409 8.59 -36.74 16.67
N ARG A 1410 7.96 -35.81 17.37
CA ARG A 1410 8.66 -34.93 18.30
C ARG A 1410 9.56 -35.70 19.25
N SER A 1411 9.09 -36.84 19.76
CA SER A 1411 9.90 -37.64 20.67
C SER A 1411 11.31 -37.83 20.11
N GLU A 1412 11.42 -38.01 18.79
CA GLU A 1412 12.73 -38.12 18.20
C GLU A 1412 13.48 -36.81 18.25
N CYS A 1413 12.79 -35.68 18.10
CA CYS A 1413 13.46 -34.39 18.23
C CYS A 1413 14.05 -34.24 19.62
N PHE A 1414 13.34 -34.70 20.64
CA PHE A 1414 13.89 -34.61 21.99
C PHE A 1414 15.05 -35.59 22.18
N ALA A 1415 14.95 -36.79 21.62
CA ALA A 1415 16.10 -37.69 21.69
C ALA A 1415 17.32 -37.07 21.04
N LEU A 1416 17.12 -36.39 19.91
CA LEU A 1416 18.23 -35.73 19.25
C LEU A 1416 18.81 -34.62 20.11
N MET A 1417 17.95 -33.83 20.73
CA MET A 1417 18.43 -32.85 21.71
C MET A 1417 19.32 -33.52 22.75
N ASN A 1418 18.86 -34.65 23.29
CA ASN A 1418 19.63 -35.31 24.32
C ASN A 1418 20.99 -35.76 23.81
N VAL A 1419 21.09 -36.14 22.54
CA VAL A 1419 22.32 -36.70 22.01
C VAL A 1419 23.15 -35.66 21.26
N SER A 1420 22.64 -34.45 21.10
CA SER A 1420 23.36 -33.42 20.34
C SER A 1420 23.07 -32.05 20.90
N GLN A 1421 23.34 -30.99 20.13
CA GLN A 1421 23.10 -29.65 20.61
C GLN A 1421 22.47 -28.81 19.51
N ASN A 1422 22.03 -27.61 19.89
CA ASN A 1422 21.62 -26.57 18.97
C ASN A 1422 20.34 -26.94 18.23
N VAL A 1423 19.61 -27.91 18.76
CA VAL A 1423 18.36 -28.35 18.16
C VAL A 1423 17.23 -28.04 19.12
N ARG A 1424 16.22 -27.34 18.65
CA ARG A 1424 15.19 -26.82 19.54
C ARG A 1424 13.82 -27.16 18.98
N TRP A 1425 12.98 -27.81 19.77
CA TRP A 1425 11.63 -28.05 19.30
C TRP A 1425 10.92 -26.71 19.31
N LYS A 1426 11.16 -25.91 18.27
CA LYS A 1426 10.85 -24.50 18.29
C LYS A 1426 9.49 -24.25 17.67
N ASN A 1427 8.73 -23.39 18.30
CA ASN A 1427 7.44 -22.97 17.78
C ASN A 1427 7.59 -21.62 17.09
N LEU A 1428 6.64 -21.28 16.24
CA LEU A 1428 6.57 -19.92 15.75
C LEU A 1428 6.16 -19.01 16.89
N LYS A 1429 6.22 -17.70 16.65
CA LYS A 1429 5.83 -16.76 17.68
C LYS A 1429 4.46 -16.16 17.45
N VAL A 1430 3.91 -16.27 16.25
CA VAL A 1430 2.58 -15.71 15.96
C VAL A 1430 1.66 -16.81 15.46
N ASN A 1431 1.83 -18.02 15.98
CA ASN A 1431 1.16 -19.19 15.45
C ASN A 1431 -0.34 -19.14 15.75
N PHE A 1432 -1.04 -20.21 15.41
CA PHE A 1432 -2.40 -20.45 15.85
C PHE A 1432 -2.35 -21.51 16.94
N ASP A 1433 -2.18 -21.08 18.18
CA ASP A 1433 -2.30 -22.01 19.29
C ASP A 1433 -3.53 -21.77 20.12
N ASN A 1434 -4.09 -20.57 20.05
CA ASN A 1434 -5.30 -20.21 20.76
C ASN A 1434 -5.82 -18.92 20.14
N VAL A 1435 -7.11 -18.69 20.28
CA VAL A 1435 -7.78 -17.66 19.51
C VAL A 1435 -7.09 -16.31 19.70
N GLY A 1436 -6.31 -16.20 20.76
CA GLY A 1436 -5.57 -14.98 20.98
C GLY A 1436 -4.52 -14.81 19.91
N LEU A 1437 -3.50 -15.67 19.89
CA LEU A 1437 -2.48 -15.59 18.85
C LEU A 1437 -3.09 -15.67 17.47
N GLY A 1438 -4.23 -16.36 17.35
CA GLY A 1438 -4.92 -16.39 16.09
C GLY A 1438 -5.25 -15.01 15.58
N TYR A 1439 -5.79 -14.16 16.46
CA TYR A 1439 -6.10 -12.80 16.06
C TYR A 1439 -4.86 -12.08 15.57
N LEU A 1440 -3.72 -12.28 16.24
CA LEU A 1440 -2.51 -11.61 15.84
C LEU A 1440 -2.06 -12.06 14.46
N SER A 1441 -1.98 -13.37 14.25
CA SER A 1441 -1.53 -13.85 12.95
C SER A 1441 -2.50 -13.46 11.85
N LEU A 1442 -3.80 -13.41 12.14
CA LEU A 1442 -4.73 -12.94 11.13
C LEU A 1442 -4.50 -11.47 10.84
N LEU A 1443 -4.14 -10.68 11.85
CA LEU A 1443 -3.79 -9.29 11.60
C LEU A 1443 -2.59 -9.20 10.67
N GLN A 1444 -1.60 -10.06 10.89
CA GLN A 1444 -0.45 -10.07 10.01
C GLN A 1444 -0.85 -10.43 8.59
N VAL A 1445 -1.51 -11.56 8.42
CA VAL A 1445 -1.91 -12.01 7.08
C VAL A 1445 -2.78 -10.97 6.39
N ALA A 1446 -3.61 -10.28 7.16
CA ALA A 1446 -4.43 -9.22 6.59
C ALA A 1446 -3.63 -7.98 6.26
N THR A 1447 -2.43 -7.82 6.82
CA THR A 1447 -1.58 -6.71 6.46
C THR A 1447 -0.38 -7.14 5.61
N PHE A 1448 -0.28 -8.42 5.27
CA PHE A 1448 0.75 -8.92 4.38
C PHE A 1448 2.16 -8.67 4.91
N LYS A 1449 2.29 -8.42 6.19
CA LYS A 1449 3.59 -8.19 6.81
C LYS A 1449 3.87 -9.35 7.74
N GLY A 1450 4.53 -10.41 7.25
CA GLY A 1450 4.79 -11.62 8.06
C GLY A 1450 3.92 -12.78 7.63
N TRP A 1451 3.03 -12.44 6.71
CA TRP A 1451 2.11 -13.45 6.27
C TRP A 1451 2.95 -14.52 5.65
N THR A 1452 4.03 -14.19 4.98
CA THR A 1452 4.75 -15.23 4.31
C THR A 1452 5.28 -16.28 5.29
N ILE A 1453 5.90 -15.90 6.40
CA ILE A 1453 6.32 -16.92 7.36
C ILE A 1453 5.12 -17.65 7.94
N ILE A 1454 4.03 -16.96 8.27
CA ILE A 1454 2.94 -17.75 8.84
C ILE A 1454 2.49 -18.79 7.84
N MET A 1455 2.36 -18.42 6.59
CA MET A 1455 1.88 -19.34 5.57
C MET A 1455 2.81 -20.49 5.36
N TYR A 1456 4.10 -20.22 5.28
CA TYR A 1456 4.97 -21.32 4.95
C TYR A 1456 4.88 -22.33 6.05
N ALA A 1457 5.04 -21.91 7.29
CA ALA A 1457 5.06 -22.87 8.36
C ALA A 1457 3.72 -23.56 8.54
N ALA A 1458 2.66 -23.01 7.96
CA ALA A 1458 1.35 -23.65 8.06
C ALA A 1458 1.19 -24.71 6.99
N VAL A 1459 1.48 -24.36 5.75
CA VAL A 1459 1.32 -25.29 4.65
C VAL A 1459 2.24 -26.48 4.78
N ASP A 1460 3.13 -26.47 5.77
CA ASP A 1460 3.97 -27.62 6.02
C ASP A 1460 3.41 -28.49 7.14
N SER A 1461 2.24 -28.15 7.65
CA SER A 1461 1.70 -28.82 8.82
C SER A 1461 1.49 -30.29 8.55
N VAL A 1462 1.67 -31.11 9.59
CA VAL A 1462 1.44 -32.53 9.46
C VAL A 1462 0.42 -32.99 10.49
N ASN A 1463 0.73 -32.81 11.77
CA ASN A 1463 -0.20 -33.22 12.81
C ASN A 1463 0.07 -32.42 14.07
N VAL A 1464 -0.54 -32.84 15.17
CA VAL A 1464 -0.51 -32.09 16.42
C VAL A 1464 0.92 -31.91 16.90
N ASP A 1465 1.74 -32.96 16.84
CA ASP A 1465 3.16 -32.83 17.10
C ASP A 1465 3.90 -33.79 16.17
N LYS A 1466 4.27 -33.29 15.00
CA LYS A 1466 5.05 -34.07 14.07
C LYS A 1466 5.89 -33.11 13.25
N GLN A 1467 7.06 -33.57 12.86
CA GLN A 1467 7.96 -32.73 12.11
C GLN A 1467 7.31 -32.33 10.80
N PRO A 1468 7.11 -31.04 10.56
CA PRO A 1468 6.42 -30.62 9.34
C PRO A 1468 7.20 -31.02 8.10
N LYS A 1469 6.50 -31.64 7.16
CA LYS A 1469 7.11 -32.01 5.89
C LYS A 1469 7.06 -30.83 4.95
N TYR A 1470 7.84 -30.90 3.87
CA TYR A 1470 8.17 -29.69 3.12
C TYR A 1470 6.94 -28.97 2.61
N GLU A 1471 6.00 -29.69 2.00
CA GLU A 1471 4.81 -28.98 1.60
C GLU A 1471 3.63 -29.91 1.72
N TYR A 1472 3.64 -30.71 2.80
CA TYR A 1472 2.70 -31.79 3.02
C TYR A 1472 1.25 -31.36 3.04
N SER A 1473 0.95 -30.13 3.36
CA SER A 1473 -0.39 -29.64 3.24
C SER A 1473 -0.34 -28.35 2.45
N LEU A 1474 -0.30 -28.50 1.13
CA LEU A 1474 -0.14 -27.34 0.28
C LEU A 1474 -1.43 -26.56 0.15
N TYR A 1475 -2.54 -27.24 -0.05
CA TYR A 1475 -3.77 -26.56 -0.45
C TYR A 1475 -4.39 -25.77 0.68
N MET A 1476 -3.68 -25.61 1.79
CA MET A 1476 -4.11 -24.70 2.82
C MET A 1476 -3.73 -23.27 2.52
N TYR A 1477 -2.85 -23.04 1.56
CA TYR A 1477 -2.72 -21.70 1.02
C TYR A 1477 -4.09 -21.12 0.72
N ILE A 1478 -4.97 -21.92 0.11
CA ILE A 1478 -6.32 -21.48 -0.20
C ILE A 1478 -6.95 -20.82 1.00
N TYR A 1479 -6.88 -21.44 2.18
CA TYR A 1479 -7.46 -20.84 3.36
C TYR A 1479 -7.01 -19.40 3.49
N PHE A 1480 -5.70 -19.18 3.54
CA PHE A 1480 -5.23 -17.80 3.63
C PHE A 1480 -5.84 -16.94 2.54
N VAL A 1481 -5.76 -17.36 1.28
CA VAL A 1481 -6.27 -16.48 0.25
C VAL A 1481 -7.75 -16.21 0.49
N VAL A 1482 -8.55 -17.23 0.81
CA VAL A 1482 -9.94 -16.91 1.00
C VAL A 1482 -10.07 -15.97 2.18
N PHE A 1483 -9.39 -16.28 3.29
CA PHE A 1483 -9.40 -15.34 4.40
C PHE A 1483 -9.06 -13.96 3.90
N ILE A 1484 -7.88 -13.82 3.27
CA ILE A 1484 -7.42 -12.49 2.87
C ILE A 1484 -8.56 -11.76 2.23
N ILE A 1485 -9.16 -12.40 1.21
CA ILE A 1485 -10.13 -11.74 0.38
C ILE A 1485 -11.14 -11.15 1.32
N PHE A 1486 -11.87 -12.03 2.00
CA PHE A 1486 -12.99 -11.57 2.81
C PHE A 1486 -12.47 -10.48 3.70
N GLY A 1487 -11.56 -10.83 4.60
CA GLY A 1487 -11.13 -9.85 5.56
C GLY A 1487 -10.62 -8.65 4.81
N SER A 1488 -9.51 -8.84 4.13
CA SER A 1488 -8.79 -7.67 3.69
C SER A 1488 -9.43 -7.05 2.48
N PHE A 1489 -10.55 -7.58 2.02
CA PHE A 1489 -11.18 -6.96 0.87
C PHE A 1489 -12.66 -6.83 1.08
N PHE A 1490 -13.18 -7.26 2.22
CA PHE A 1490 -14.58 -6.96 2.44
C PHE A 1490 -14.80 -6.18 3.72
N THR A 1491 -14.30 -6.69 4.84
CA THR A 1491 -14.29 -5.90 6.06
C THR A 1491 -13.80 -4.48 5.78
N LEU A 1492 -12.57 -4.36 5.29
CA LEU A 1492 -12.06 -3.04 4.91
C LEU A 1492 -13.08 -2.30 4.07
N ASN A 1493 -13.54 -2.90 2.98
CA ASN A 1493 -14.58 -2.26 2.18
C ASN A 1493 -15.71 -1.77 3.06
N LEU A 1494 -16.34 -2.70 3.78
CA LEU A 1494 -17.40 -2.31 4.69
C LEU A 1494 -16.97 -1.15 5.55
N PHE A 1495 -15.83 -1.27 6.21
CA PHE A 1495 -15.32 -0.17 7.02
C PHE A 1495 -15.33 1.11 6.23
N ILE A 1496 -14.59 1.15 5.11
CA ILE A 1496 -14.50 2.37 4.32
C ILE A 1496 -15.88 2.93 4.08
N GLY A 1497 -16.83 2.06 3.77
CA GLY A 1497 -18.19 2.53 3.54
C GLY A 1497 -18.64 3.48 4.61
N VAL A 1498 -18.79 2.99 5.85
CA VAL A 1498 -19.34 3.85 6.88
C VAL A 1498 -18.48 5.08 7.05
N ILE A 1499 -17.16 4.94 6.94
CA ILE A 1499 -16.28 6.08 7.16
C ILE A 1499 -16.68 7.22 6.24
N ILE A 1500 -16.80 6.95 4.94
CA ILE A 1500 -17.17 8.05 4.07
C ILE A 1500 -18.53 8.57 4.46
N ASP A 1501 -19.49 7.67 4.68
CA ASP A 1501 -20.78 8.09 5.20
C ASP A 1501 -20.60 8.92 6.45
N ASN A 1502 -19.78 8.44 7.38
CA ASN A 1502 -19.52 9.21 8.58
C ASN A 1502 -18.88 10.55 8.23
N PHE A 1503 -17.80 10.52 7.46
CA PHE A 1503 -17.17 11.79 7.11
C PHE A 1503 -17.99 12.57 6.12
N ASN A 1504 -19.14 12.04 5.70
CA ASN A 1504 -20.11 12.88 5.05
C ASN A 1504 -21.07 13.48 6.07
N GLN A 1505 -21.60 12.66 6.96
CA GLN A 1505 -22.58 13.15 7.93
C GLN A 1505 -21.99 14.29 8.77
N GLN A 1506 -20.81 14.08 9.34
CA GLN A 1506 -20.15 15.15 10.10
C GLN A 1506 -20.05 16.41 9.26
N LYS A 1507 -19.70 16.28 7.99
CA LYS A 1507 -19.69 17.43 7.10
C LYS A 1507 -21.05 18.10 7.09
N LYS A 1508 -22.10 17.33 6.78
CA LYS A 1508 -23.45 17.88 6.80
C LYS A 1508 -23.80 18.41 8.18
N LYS A 1509 -23.17 17.88 9.21
CA LYS A 1509 -23.44 18.37 10.57
C LYS A 1509 -22.98 19.82 10.72
N LEU A 1510 -21.84 20.15 10.13
CA LEU A 1510 -21.29 21.49 10.31
C LEU A 1510 -21.77 22.47 9.25
N GLY A 1511 -22.63 22.03 8.33
CA GLY A 1511 -23.11 22.91 7.28
C GLY A 1511 -22.16 22.96 6.11
N GLY A 1512 -21.76 21.80 5.60
CA GLY A 1512 -20.86 21.72 4.47
C GLY A 1512 -19.44 22.14 4.74
N GLN A 1513 -19.13 22.55 5.97
CA GLN A 1513 -17.79 22.99 6.33
C GLN A 1513 -16.78 21.87 6.14
N ASP A 1514 -15.52 22.26 5.97
CA ASP A 1514 -14.47 21.27 5.92
C ASP A 1514 -14.06 20.87 7.33
N ILE A 1515 -13.88 19.57 7.53
CA ILE A 1515 -13.70 19.05 8.87
C ILE A 1515 -12.31 19.40 9.40
N PHE A 1516 -11.27 19.17 8.61
CA PHE A 1516 -9.91 19.12 9.12
C PHE A 1516 -9.21 20.46 9.13
N MET A 1517 -9.91 21.58 9.13
CA MET A 1517 -9.25 22.87 9.06
C MET A 1517 -9.68 23.76 10.21
N THR A 1518 -8.76 24.62 10.63
CA THR A 1518 -9.03 25.64 11.61
C THR A 1518 -9.87 26.74 10.99
N GLU A 1519 -10.07 27.81 11.77
CA GLU A 1519 -10.68 29.01 11.20
C GLU A 1519 -9.68 29.72 10.30
N GLU A 1520 -8.47 29.94 10.81
CA GLU A 1520 -7.48 30.67 10.04
C GLU A 1520 -7.07 29.91 8.78
N GLN A 1521 -6.85 28.59 8.90
CA GLN A 1521 -6.55 27.81 7.73
C GLN A 1521 -7.65 27.94 6.69
N LYS A 1522 -8.90 28.06 7.12
CA LYS A 1522 -9.99 28.21 6.16
C LYS A 1522 -9.97 29.57 5.52
N LYS A 1523 -9.65 30.61 6.29
CA LYS A 1523 -9.54 31.93 5.68
C LYS A 1523 -8.43 31.97 4.65
N TYR A 1524 -7.36 31.19 4.87
CA TYR A 1524 -6.35 31.03 3.82
C TYR A 1524 -6.92 30.26 2.63
N TYR A 1525 -7.47 29.08 2.89
CA TYR A 1525 -8.06 28.20 1.91
C TYR A 1525 -8.96 28.93 0.94
N ASN A 1526 -9.78 29.85 1.43
CA ASN A 1526 -10.69 30.55 0.54
C ASN A 1526 -9.93 31.37 -0.48
N ALA A 1527 -8.87 32.05 -0.06
CA ALA A 1527 -8.07 32.80 -1.02
C ALA A 1527 -7.26 31.89 -1.93
N MET A 1528 -6.71 30.79 -1.41
CA MET A 1528 -6.07 29.81 -2.26
C MET A 1528 -7.02 29.29 -3.33
N LYS A 1529 -8.31 29.24 -3.02
CA LYS A 1529 -9.31 28.89 -4.03
C LYS A 1529 -9.51 30.04 -4.99
N LYS A 1530 -9.50 31.27 -4.48
CA LYS A 1530 -9.58 32.46 -5.33
C LYS A 1530 -8.51 32.42 -6.41
N LEU A 1531 -7.30 32.08 -6.01
CA LEU A 1531 -6.17 31.98 -6.91
C LEU A 1531 -6.47 31.02 -8.06
N GLY A 1532 -7.04 29.86 -7.73
CA GLY A 1532 -7.47 28.92 -8.73
C GLY A 1532 -8.54 29.55 -9.60
N SER A 1533 -8.30 29.56 -10.91
CA SER A 1533 -9.24 30.14 -11.87
C SER A 1533 -9.50 31.62 -11.57
N LYS A 1534 -8.44 32.41 -11.62
CA LYS A 1534 -8.59 33.86 -11.53
C LYS A 1534 -8.99 34.45 -12.88
N LYS A 1535 -8.10 34.33 -13.87
CA LYS A 1535 -8.25 34.79 -15.25
C LYS A 1535 -8.72 36.23 -15.41
N PRO A 1536 -8.20 37.21 -14.66
CA PRO A 1536 -8.44 38.61 -15.04
C PRO A 1536 -7.24 39.13 -15.82
N GLN A 1537 -6.34 38.22 -16.18
CA GLN A 1537 -4.98 38.58 -16.57
C GLN A 1537 -4.95 39.59 -17.70
N LYS A 1538 -4.19 40.65 -17.50
CA LYS A 1538 -4.00 41.66 -18.53
C LYS A 1538 -2.96 41.20 -19.54
N PRO A 1539 -3.23 41.37 -20.83
CA PRO A 1539 -2.19 41.13 -21.84
C PRO A 1539 -1.19 42.28 -21.83
N ILE A 1540 0.07 41.96 -21.55
CA ILE A 1540 1.08 43.01 -21.35
C ILE A 1540 1.16 43.86 -22.60
N PRO A 1541 1.31 45.17 -22.49
CA PRO A 1541 1.37 46.01 -23.69
C PRO A 1541 2.73 45.94 -24.37
N ARG A 1542 2.69 46.04 -25.70
CA ARG A 1542 3.91 45.96 -26.49
C ARG A 1542 4.69 47.26 -26.36
N PRO A 1543 5.89 47.21 -25.81
CA PRO A 1543 6.59 48.45 -25.47
C PRO A 1543 7.07 49.23 -26.68
N GLY A 1544 7.55 50.45 -26.44
CA GLY A 1544 7.96 51.36 -27.49
C GLY A 1544 9.43 51.38 -27.87
N ASN A 1545 9.93 50.34 -28.53
CA ASN A 1545 11.27 50.37 -29.10
C ASN A 1545 11.36 49.40 -30.25
N LYS A 1546 12.02 49.86 -31.32
CA LYS A 1546 12.19 49.10 -32.55
C LYS A 1546 12.62 47.66 -32.28
N ILE A 1547 13.79 47.47 -31.70
CA ILE A 1547 14.30 46.13 -31.51
C ILE A 1547 13.51 45.40 -30.44
N GLN A 1548 13.22 46.08 -29.33
CA GLN A 1548 12.39 45.50 -28.30
C GLN A 1548 11.13 45.00 -28.95
N GLY A 1549 10.71 45.68 -30.02
CA GLY A 1549 9.60 45.25 -30.81
C GLY A 1549 9.70 43.79 -31.20
N CYS A 1550 10.70 43.48 -32.02
CA CYS A 1550 10.88 42.11 -32.46
C CYS A 1550 11.09 41.17 -31.30
N ILE A 1551 11.77 41.63 -30.25
CA ILE A 1551 12.02 40.73 -29.11
C ILE A 1551 10.70 40.29 -28.50
N PHE A 1552 9.81 41.24 -28.22
CA PHE A 1552 8.52 40.90 -27.66
C PHE A 1552 7.70 40.06 -28.62
N ASP A 1553 7.63 40.49 -29.89
CA ASP A 1553 6.94 39.70 -30.90
C ASP A 1553 7.38 38.25 -30.83
N LEU A 1554 8.67 38.01 -30.68
CA LEU A 1554 9.16 36.65 -30.52
C LEU A 1554 8.61 36.03 -29.25
N VAL A 1555 8.93 36.63 -28.10
CA VAL A 1555 8.71 35.97 -26.83
C VAL A 1555 7.23 35.73 -26.54
N THR A 1556 6.32 36.32 -27.32
CA THR A 1556 4.90 36.09 -27.08
C THR A 1556 4.30 34.97 -27.90
N ASN A 1557 4.84 34.64 -29.07
CA ASN A 1557 4.27 33.56 -29.87
C ASN A 1557 4.38 32.23 -29.16
N GLN A 1558 3.43 31.33 -29.44
CA GLN A 1558 3.50 29.98 -28.91
C GLN A 1558 4.81 29.29 -29.29
N ALA A 1559 5.38 29.67 -30.43
CA ALA A 1559 6.61 29.07 -30.92
C ALA A 1559 7.68 29.08 -29.86
N PHE A 1560 8.02 30.26 -29.38
CA PHE A 1560 9.12 30.39 -28.44
C PHE A 1560 8.88 29.58 -27.17
N ASP A 1561 7.65 29.59 -26.68
CA ASP A 1561 7.37 28.90 -25.42
C ASP A 1561 7.45 27.39 -25.59
N ILE A 1562 6.88 26.86 -26.68
CA ILE A 1562 6.98 25.44 -26.92
C ILE A 1562 8.42 25.02 -27.16
N SER A 1563 9.22 25.88 -27.79
CA SER A 1563 10.63 25.57 -27.95
C SER A 1563 11.32 25.50 -26.61
N ILE A 1564 11.00 26.44 -25.72
CA ILE A 1564 11.57 26.37 -24.37
C ILE A 1564 11.18 25.07 -23.69
N MET A 1565 9.94 24.64 -23.89
CA MET A 1565 9.49 23.39 -23.28
C MET A 1565 10.28 22.21 -23.79
N VAL A 1566 10.46 22.12 -25.10
CA VAL A 1566 11.20 20.99 -25.64
C VAL A 1566 12.67 21.07 -25.22
N LEU A 1567 13.18 22.29 -25.03
CA LEU A 1567 14.52 22.43 -24.51
C LEU A 1567 14.62 21.87 -23.10
N ILE A 1568 13.59 22.11 -22.29
CA ILE A 1568 13.58 21.58 -20.93
C ILE A 1568 13.51 20.05 -20.97
N CYS A 1569 12.74 19.52 -21.92
CA CYS A 1569 12.64 18.07 -22.04
C CYS A 1569 14.00 17.47 -22.41
N LEU A 1570 14.70 18.08 -23.36
CA LEU A 1570 16.05 17.64 -23.66
C LEU A 1570 16.96 17.78 -22.46
N ASN A 1571 16.79 18.82 -21.65
CA ASN A 1571 17.58 18.92 -20.44
C ASN A 1571 17.31 17.73 -19.52
N MET A 1572 16.05 17.34 -19.38
CA MET A 1572 15.74 16.14 -18.62
C MET A 1572 16.48 14.94 -19.18
N VAL A 1573 16.38 14.73 -20.49
CA VAL A 1573 16.90 13.49 -21.06
C VAL A 1573 18.42 13.49 -21.02
N THR A 1574 19.04 14.67 -20.93
CA THR A 1574 20.48 14.71 -20.74
C THR A 1574 20.85 14.69 -19.27
N MET A 1575 19.88 14.82 -18.39
CA MET A 1575 20.18 14.64 -16.97
C MET A 1575 20.04 13.19 -16.55
N MET A 1576 19.13 12.45 -17.19
CA MET A 1576 18.94 11.06 -16.80
C MET A 1576 19.89 10.11 -17.50
N VAL A 1577 20.64 10.57 -18.49
CA VAL A 1577 21.46 9.66 -19.28
C VAL A 1577 22.77 9.42 -18.55
N GLU A 1578 22.96 10.06 -17.41
CA GLU A 1578 24.12 9.77 -16.59
C GLU A 1578 23.85 8.52 -15.78
N LYS A 1579 24.91 7.88 -15.33
CA LYS A 1579 24.77 6.58 -14.69
C LYS A 1579 26.07 6.26 -13.98
N GLU A 1580 25.96 5.39 -12.97
CA GLU A 1580 27.12 5.03 -12.16
C GLU A 1580 28.22 4.45 -13.04
N GLY A 1581 29.45 4.90 -12.80
CA GLY A 1581 30.60 4.35 -13.46
C GLY A 1581 30.85 4.85 -14.86
N GLN A 1582 30.11 5.85 -15.32
CA GLN A 1582 30.26 6.34 -16.68
C GLN A 1582 31.69 6.83 -16.92
N SER A 1583 32.07 6.87 -18.19
CA SER A 1583 33.40 7.31 -18.55
C SER A 1583 33.63 8.76 -18.14
N GLN A 1584 34.90 9.11 -17.95
CA GLN A 1584 35.24 10.50 -17.69
C GLN A 1584 34.77 11.39 -18.84
N HIS A 1585 34.99 10.95 -20.07
CA HIS A 1585 34.62 11.74 -21.25
C HIS A 1585 33.13 12.05 -21.24
N MET A 1586 32.30 11.05 -20.91
CA MET A 1586 30.87 11.29 -20.90
C MET A 1586 30.49 12.27 -19.80
N THR A 1587 31.20 12.22 -18.66
CA THR A 1587 30.91 13.18 -17.61
C THR A 1587 31.23 14.59 -18.06
N GLU A 1588 32.37 14.78 -18.72
CA GLU A 1588 32.72 16.11 -19.18
C GLU A 1588 31.72 16.61 -20.22
N VAL A 1589 31.34 15.76 -21.16
CA VAL A 1589 30.43 16.26 -22.19
C VAL A 1589 29.05 16.51 -21.61
N LEU A 1590 28.62 15.73 -20.63
CA LEU A 1590 27.35 16.06 -19.98
C LEU A 1590 27.46 17.37 -19.22
N TYR A 1591 28.59 17.64 -18.59
CA TYR A 1591 28.76 18.93 -17.93
C TYR A 1591 28.65 20.06 -18.93
N TRP A 1592 29.23 19.87 -20.12
CA TRP A 1592 29.15 20.95 -21.10
C TRP A 1592 27.76 21.10 -21.71
N ILE A 1593 27.04 20.00 -21.94
CA ILE A 1593 25.66 20.11 -22.37
C ILE A 1593 24.85 20.86 -21.32
N ASN A 1594 25.06 20.55 -20.06
CA ASN A 1594 24.33 21.26 -19.02
C ASN A 1594 24.72 22.73 -18.99
N VAL A 1595 25.98 23.04 -19.32
CA VAL A 1595 26.38 24.43 -19.41
C VAL A 1595 25.60 25.13 -20.51
N VAL A 1596 25.45 24.47 -21.65
CA VAL A 1596 24.73 25.08 -22.77
C VAL A 1596 23.26 25.26 -22.41
N PHE A 1597 22.68 24.30 -21.70
CA PHE A 1597 21.29 24.46 -21.29
C PHE A 1597 21.15 25.61 -20.30
N ILE A 1598 22.11 25.76 -19.39
CA ILE A 1598 22.06 26.86 -18.44
C ILE A 1598 22.12 28.20 -19.14
N ILE A 1599 23.09 28.35 -20.05
CA ILE A 1599 23.23 29.63 -20.74
C ILE A 1599 22.03 29.89 -21.62
N LEU A 1600 21.41 28.85 -22.17
CA LEU A 1600 20.25 29.09 -23.02
C LEU A 1600 19.03 29.49 -22.21
N PHE A 1601 18.81 28.84 -21.07
CA PHE A 1601 17.69 29.25 -20.23
C PHE A 1601 17.89 30.66 -19.70
N THR A 1602 19.09 31.00 -19.26
CA THR A 1602 19.39 32.38 -18.93
C THR A 1602 19.13 33.30 -20.11
N GLY A 1603 19.40 32.84 -21.32
CA GLY A 1603 19.09 33.66 -22.48
C GLY A 1603 17.61 33.94 -22.60
N GLU A 1604 16.78 32.92 -22.43
CA GLU A 1604 15.34 33.16 -22.58
C GLU A 1604 14.84 34.05 -21.45
N CYS A 1605 15.43 33.91 -20.25
CA CYS A 1605 15.05 34.80 -19.16
C CYS A 1605 15.42 36.24 -19.48
N VAL A 1606 16.64 36.46 -19.98
CA VAL A 1606 17.06 37.80 -20.34
C VAL A 1606 16.17 38.36 -21.43
N LEU A 1607 15.74 37.52 -22.36
CA LEU A 1607 14.83 38.00 -23.39
C LEU A 1607 13.51 38.44 -22.80
N LYS A 1608 12.92 37.61 -21.94
CA LYS A 1608 11.67 38.00 -21.30
C LYS A 1608 11.83 39.32 -20.56
N LEU A 1609 12.98 39.49 -19.89
CA LEU A 1609 13.25 40.75 -19.20
C LEU A 1609 13.30 41.91 -20.19
N ILE A 1610 14.08 41.76 -21.25
CA ILE A 1610 14.22 42.82 -22.25
C ILE A 1610 12.86 43.22 -22.80
N SER A 1611 11.96 42.27 -22.90
CA SER A 1611 10.68 42.61 -23.51
C SER A 1611 9.67 43.01 -22.51
N LEU A 1612 9.30 42.08 -21.65
CA LEU A 1612 8.25 42.34 -20.70
C LEU A 1612 8.63 43.42 -19.70
N ARG A 1613 9.91 43.78 -19.63
CA ARG A 1613 10.36 44.76 -18.66
C ARG A 1613 9.94 44.33 -17.27
N HIS A 1614 9.34 45.23 -16.50
CA HIS A 1614 8.97 44.92 -15.14
C HIS A 1614 7.99 43.82 -15.11
N TYR A 1615 7.03 43.86 -16.00
CA TYR A 1615 5.96 42.91 -15.98
C TYR A 1615 6.44 41.49 -15.89
N TYR A 1616 7.69 41.21 -16.23
CA TYR A 1616 8.19 39.86 -16.05
C TYR A 1616 7.80 39.37 -14.68
N PHE A 1617 8.13 40.14 -13.66
CA PHE A 1617 7.87 39.69 -12.31
C PHE A 1617 6.42 39.70 -11.97
N THR A 1618 5.52 39.79 -12.94
CA THR A 1618 4.11 39.68 -12.62
C THR A 1618 3.70 38.21 -12.55
N VAL A 1619 3.83 37.52 -13.67
CA VAL A 1619 3.46 36.11 -13.75
C VAL A 1619 4.24 35.32 -12.72
N GLY A 1620 3.53 34.64 -11.82
CA GLY A 1620 4.17 33.84 -10.81
C GLY A 1620 5.10 32.82 -11.41
N TRP A 1621 4.66 32.19 -12.50
CA TRP A 1621 5.52 31.23 -13.17
C TRP A 1621 6.83 31.86 -13.61
N ASN A 1622 6.80 33.13 -14.02
CA ASN A 1622 8.05 33.80 -14.34
C ASN A 1622 8.90 33.98 -13.10
N ILE A 1623 8.28 34.20 -11.94
CA ILE A 1623 9.05 34.27 -10.71
C ILE A 1623 9.73 32.93 -10.45
N PHE A 1624 9.02 31.83 -10.68
CA PHE A 1624 9.66 30.54 -10.51
C PHE A 1624 10.77 30.35 -11.52
N ASP A 1625 10.59 30.86 -12.72
CA ASP A 1625 11.65 30.75 -13.73
C ASP A 1625 12.91 31.48 -13.26
N PHE A 1626 12.75 32.69 -12.74
CA PHE A 1626 13.90 33.44 -12.26
C PHE A 1626 14.54 32.74 -11.07
N VAL A 1627 13.74 32.25 -10.14
CA VAL A 1627 14.28 31.50 -9.02
C VAL A 1627 15.11 30.33 -9.50
N VAL A 1628 14.59 29.59 -10.49
CA VAL A 1628 15.31 28.41 -10.96
C VAL A 1628 16.59 28.79 -11.68
N VAL A 1629 16.55 29.83 -12.50
CA VAL A 1629 17.75 30.16 -13.26
C VAL A 1629 18.84 30.66 -12.32
N ILE A 1630 18.47 31.42 -11.30
CA ILE A 1630 19.46 31.87 -10.31
C ILE A 1630 19.99 30.69 -9.52
N ILE A 1631 19.10 29.85 -9.01
CA ILE A 1631 19.52 28.65 -8.28
C ILE A 1631 20.44 27.81 -9.13
N SER A 1632 20.18 27.75 -10.44
CA SER A 1632 20.93 26.87 -11.30
C SER A 1632 22.33 27.41 -11.57
N ILE A 1633 22.45 28.69 -11.91
CA ILE A 1633 23.80 29.22 -12.11
C ILE A 1633 24.56 29.22 -10.80
N VAL A 1634 23.88 29.43 -9.67
CA VAL A 1634 24.54 29.26 -8.38
C VAL A 1634 25.07 27.84 -8.25
N GLY A 1635 24.19 26.86 -8.25
CA GLY A 1635 24.61 25.47 -8.20
C GLY A 1635 25.82 25.19 -9.06
N MET A 1636 25.81 25.70 -10.29
CA MET A 1636 26.96 25.54 -11.17
C MET A 1636 28.23 26.09 -10.52
N PHE A 1637 28.24 27.40 -10.23
CA PHE A 1637 29.45 28.04 -9.73
C PHE A 1637 29.89 27.44 -8.39
N LEU A 1638 28.94 27.31 -7.47
CA LEU A 1638 29.24 26.81 -6.13
C LEU A 1638 29.76 25.38 -6.17
N ALA A 1639 29.14 24.50 -6.95
CA ALA A 1639 29.66 23.15 -7.08
C ALA A 1639 31.04 23.14 -7.70
N ASP A 1640 31.28 24.03 -8.65
CA ASP A 1640 32.63 24.18 -9.17
C ASP A 1640 33.61 24.51 -8.05
N LEU A 1641 33.26 25.47 -7.21
CA LEU A 1641 34.15 25.87 -6.13
C LEU A 1641 34.37 24.72 -5.14
N ILE A 1642 33.33 23.93 -4.90
CA ILE A 1642 33.45 22.75 -4.05
C ILE A 1642 34.48 21.82 -4.66
N GLU A 1643 34.26 21.45 -5.93
CA GLU A 1643 35.12 20.52 -6.64
C GLU A 1643 36.58 20.97 -6.63
N THR A 1644 36.81 22.27 -6.75
CA THR A 1644 38.18 22.78 -6.77
C THR A 1644 38.73 23.09 -5.40
N TYR A 1645 37.97 23.77 -4.53
CA TYR A 1645 38.50 24.22 -3.24
C TYR A 1645 38.26 23.18 -2.15
N PHE A 1646 37.00 22.81 -1.94
CA PHE A 1646 36.64 21.94 -0.83
C PHE A 1646 36.73 20.47 -1.29
N VAL A 1647 36.26 19.55 -0.46
CA VAL A 1647 36.40 18.12 -0.75
C VAL A 1647 35.07 17.37 -0.70
N SER A 1648 34.31 17.54 0.39
CA SER A 1648 33.26 16.61 0.78
C SER A 1648 32.27 16.37 -0.37
N PRO A 1649 32.17 15.15 -0.88
CA PRO A 1649 31.28 14.90 -2.01
C PRO A 1649 29.80 14.98 -1.66
N THR A 1650 29.43 14.63 -0.43
CA THR A 1650 28.01 14.61 -0.08
C THR A 1650 27.38 15.98 -0.24
N LEU A 1651 28.01 17.01 0.34
CA LEU A 1651 27.52 18.36 0.16
C LEU A 1651 27.46 18.71 -1.32
N PHE A 1652 28.48 18.28 -2.08
CA PHE A 1652 28.56 18.61 -3.50
C PHE A 1652 27.35 18.07 -4.25
N ARG A 1653 27.04 16.79 -4.06
CA ARG A 1653 25.93 16.21 -4.78
C ARG A 1653 24.61 16.81 -4.31
N VAL A 1654 24.47 17.07 -3.01
CA VAL A 1654 23.20 17.63 -2.54
C VAL A 1654 23.02 19.06 -3.04
N ILE A 1655 24.10 19.73 -3.40
CA ILE A 1655 23.96 21.05 -4.01
C ILE A 1655 23.67 20.92 -5.49
N ARG A 1656 24.48 20.14 -6.21
CA ARG A 1656 24.25 19.91 -7.63
C ARG A 1656 22.82 19.45 -7.88
N LEU A 1657 22.21 18.80 -6.89
CA LEU A 1657 20.82 18.39 -7.00
C LEU A 1657 19.90 19.54 -7.35
N ALA A 1658 20.31 20.77 -7.07
CA ALA A 1658 19.45 21.93 -7.28
C ALA A 1658 19.12 22.17 -8.74
N ARG A 1659 19.85 21.53 -9.66
CA ARG A 1659 19.63 21.81 -11.06
C ARG A 1659 18.26 21.33 -11.54
N ILE A 1660 17.64 20.41 -10.81
CA ILE A 1660 16.41 19.79 -11.30
C ILE A 1660 15.27 20.79 -11.29
N GLY A 1661 15.54 22.01 -10.86
CA GLY A 1661 14.51 23.02 -10.94
C GLY A 1661 14.04 23.19 -12.37
N ARG A 1662 14.98 23.19 -13.29
CA ARG A 1662 14.62 23.31 -14.70
C ARG A 1662 13.70 22.19 -15.13
N ILE A 1663 13.99 20.95 -14.70
CA ILE A 1663 13.08 19.85 -14.95
C ILE A 1663 11.70 20.15 -14.40
N LEU A 1664 11.63 20.59 -13.15
CA LEU A 1664 10.33 20.98 -12.60
C LEU A 1664 9.62 21.98 -13.48
N ARG A 1665 10.34 22.87 -14.13
CA ARG A 1665 9.71 23.92 -14.92
C ARG A 1665 8.78 23.38 -16.01
N LEU A 1666 8.77 22.07 -16.26
CA LEU A 1666 7.89 21.52 -17.30
C LEU A 1666 6.43 21.78 -17.01
N VAL A 1667 6.05 21.80 -15.73
CA VAL A 1667 4.64 21.80 -15.37
C VAL A 1667 3.89 22.90 -16.08
N LYS A 1668 4.54 24.03 -16.32
CA LYS A 1668 3.84 25.18 -16.90
C LYS A 1668 2.96 24.81 -18.04
N GLY A 1669 3.48 24.02 -18.95
CA GLY A 1669 2.71 23.67 -20.13
C GLY A 1669 1.46 22.88 -19.91
N ALA A 1670 1.48 21.93 -18.99
CA ALA A 1670 0.34 21.06 -18.86
C ALA A 1670 -0.76 21.57 -17.95
N LYS A 1671 -1.91 21.87 -18.52
CA LYS A 1671 -3.04 22.30 -17.70
C LYS A 1671 -3.38 21.14 -16.83
N GLY A 1672 -3.32 19.94 -17.39
CA GLY A 1672 -3.67 18.76 -16.64
C GLY A 1672 -2.79 18.43 -15.45
N ILE A 1673 -1.49 18.57 -15.59
CA ILE A 1673 -0.65 18.35 -14.43
C ILE A 1673 -0.89 19.43 -13.39
N ARG A 1674 -1.03 20.68 -13.82
CA ARG A 1674 -1.15 21.75 -12.85
C ARG A 1674 -2.39 21.55 -11.98
N THR A 1675 -3.55 21.41 -12.57
CA THR A 1675 -4.78 21.32 -11.78
C THR A 1675 -4.63 20.27 -10.68
N LEU A 1676 -4.00 19.14 -10.99
CA LEU A 1676 -3.81 18.11 -9.98
C LEU A 1676 -3.00 18.63 -8.81
N LEU A 1677 -1.79 19.10 -9.07
CA LEU A 1677 -1.00 19.50 -7.91
C LEU A 1677 -1.51 20.81 -7.31
N PHE A 1678 -2.38 21.54 -8.00
CA PHE A 1678 -3.03 22.65 -7.34
C PHE A 1678 -4.06 22.17 -6.35
N ALA A 1679 -4.78 21.10 -6.70
CA ALA A 1679 -5.59 20.42 -5.70
C ALA A 1679 -4.74 19.98 -4.53
N LEU A 1680 -3.54 19.50 -4.80
CA LEU A 1680 -2.61 19.16 -3.73
C LEU A 1680 -2.35 20.36 -2.82
N MET A 1681 -1.96 21.49 -3.42
CA MET A 1681 -1.57 22.63 -2.61
C MET A 1681 -2.76 23.24 -1.87
N MET A 1682 -3.99 22.98 -2.33
CA MET A 1682 -5.14 23.33 -1.52
C MET A 1682 -5.51 22.27 -0.51
N SER A 1683 -4.97 21.06 -0.67
CA SER A 1683 -5.09 20.05 0.37
C SER A 1683 -4.11 20.25 1.51
N LEU A 1684 -2.98 20.89 1.22
CA LEU A 1684 -1.87 20.90 2.17
C LEU A 1684 -2.25 21.41 3.56
N PRO A 1685 -3.18 22.35 3.73
CA PRO A 1685 -3.59 22.69 5.09
C PRO A 1685 -4.05 21.51 5.93
N ALA A 1686 -5.08 20.79 5.46
CA ALA A 1686 -5.58 19.65 6.23
C ALA A 1686 -4.51 18.62 6.49
N LEU A 1687 -3.70 18.32 5.47
CA LEU A 1687 -2.60 17.39 5.66
C LEU A 1687 -1.60 17.90 6.67
N PHE A 1688 -1.49 19.21 6.86
CA PHE A 1688 -0.54 19.68 7.86
C PHE A 1688 -1.04 19.41 9.27
N ASN A 1689 -2.33 19.63 9.52
CA ASN A 1689 -2.88 19.32 10.83
C ASN A 1689 -2.77 17.83 11.11
N ILE A 1690 -3.12 17.02 10.13
CA ILE A 1690 -3.03 15.58 10.34
C ILE A 1690 -1.58 15.15 10.55
N GLY A 1691 -0.64 15.80 9.85
CA GLY A 1691 0.75 15.47 10.07
C GLY A 1691 1.21 15.85 11.45
N LEU A 1692 0.73 16.99 11.96
CA LEU A 1692 1.06 17.38 13.33
C LEU A 1692 0.58 16.32 14.32
N LEU A 1693 -0.67 15.90 14.18
CA LEU A 1693 -1.20 14.91 15.10
C LEU A 1693 -0.43 13.60 14.99
N LEU A 1694 -0.16 13.17 13.76
CA LEU A 1694 0.60 11.95 13.57
C LEU A 1694 1.99 12.08 14.15
N PHE A 1695 2.54 13.29 14.16
CA PHE A 1695 3.86 13.45 14.75
C PHE A 1695 3.79 13.38 16.26
N LEU A 1696 2.72 13.90 16.86
CA LEU A 1696 2.55 13.68 18.30
C LEU A 1696 2.47 12.21 18.61
N VAL A 1697 1.68 11.45 17.86
CA VAL A 1697 1.53 10.04 18.17
C VAL A 1697 2.84 9.30 17.96
N MET A 1698 3.51 9.58 16.84
CA MET A 1698 4.81 8.97 16.59
C MET A 1698 5.79 9.32 17.69
N PHE A 1699 5.75 10.55 18.18
CA PHE A 1699 6.65 10.95 19.25
C PHE A 1699 6.37 10.20 20.53
N ILE A 1700 5.10 10.17 20.94
CA ILE A 1700 4.72 9.48 22.16
C ILE A 1700 5.13 8.02 22.09
N TYR A 1701 4.94 7.39 20.93
CA TYR A 1701 5.36 6.00 20.83
C TYR A 1701 6.87 5.87 20.83
N ALA A 1702 7.58 6.87 20.29
CA ALA A 1702 9.03 6.82 20.29
C ALA A 1702 9.57 6.87 21.70
N ILE A 1703 8.91 7.63 22.57
CA ILE A 1703 9.39 7.71 23.95
C ILE A 1703 9.20 6.37 24.66
N PHE A 1704 8.06 5.73 24.43
CA PHE A 1704 7.86 4.39 24.98
C PHE A 1704 8.89 3.43 24.42
N GLY A 1705 9.18 3.53 23.14
CA GLY A 1705 10.18 2.71 22.52
C GLY A 1705 11.48 2.82 23.29
N MET A 1706 12.04 4.03 23.35
CA MET A 1706 13.29 4.21 24.06
C MET A 1706 13.19 3.75 25.50
N SER A 1707 12.01 3.81 26.09
CA SER A 1707 11.91 3.55 27.52
C SER A 1707 11.94 2.05 27.82
N ASN A 1708 11.16 1.25 27.11
CA ASN A 1708 11.06 -0.14 27.50
C ASN A 1708 11.52 -1.14 26.44
N PHE A 1709 11.65 -0.74 25.18
CA PHE A 1709 12.09 -1.65 24.13
C PHE A 1709 13.54 -1.46 23.77
N ALA A 1710 14.32 -0.78 24.60
CA ALA A 1710 15.68 -0.44 24.22
C ALA A 1710 16.62 -1.61 24.29
N TYR A 1711 16.64 -2.33 25.40
CA TYR A 1711 17.51 -3.49 25.54
C TYR A 1711 16.80 -4.78 25.16
N VAL A 1712 16.17 -4.84 23.98
CA VAL A 1712 15.66 -6.10 23.49
C VAL A 1712 16.75 -6.75 22.68
N LYS A 1713 16.62 -8.04 22.40
CA LYS A 1713 17.58 -8.72 21.57
C LYS A 1713 17.52 -8.15 20.16
N LYS A 1714 18.46 -8.53 19.31
CA LYS A 1714 18.54 -8.01 17.95
C LYS A 1714 18.42 -9.18 16.98
N GLU A 1715 17.19 -9.54 16.64
CA GLU A 1715 16.98 -10.72 15.79
C GLU A 1715 16.70 -10.33 14.34
N ASP A 1716 15.67 -9.53 14.12
CA ASP A 1716 15.18 -9.29 12.77
C ASP A 1716 14.38 -8.01 12.76
N GLY A 1717 14.77 -7.08 11.91
CA GLY A 1717 14.19 -5.76 11.88
C GLY A 1717 14.68 -4.88 13.00
N ILE A 1718 15.31 -5.45 14.03
CA ILE A 1718 16.06 -4.67 14.98
C ILE A 1718 17.54 -4.99 14.78
N ASN A 1719 18.17 -4.22 13.91
CA ASN A 1719 19.56 -4.38 13.55
C ASN A 1719 20.43 -3.72 14.61
N ASP A 1720 21.72 -3.54 14.31
CA ASP A 1720 22.52 -2.58 15.05
C ASP A 1720 21.91 -1.19 14.91
N MET A 1721 21.42 -0.88 13.73
CA MET A 1721 20.62 0.30 13.47
C MET A 1721 19.15 -0.08 13.60
N PHE A 1722 18.27 0.91 13.60
CA PHE A 1722 16.83 0.68 13.67
C PHE A 1722 16.43 -0.08 14.93
N ASN A 1723 16.75 0.49 16.09
CA ASN A 1723 16.75 -0.37 17.27
C ASN A 1723 16.14 0.21 18.53
N PHE A 1724 15.34 1.27 18.47
CA PHE A 1724 14.68 1.82 19.65
C PHE A 1724 15.68 2.21 20.74
N GLU A 1725 16.90 2.53 20.35
CA GLU A 1725 17.96 2.82 21.30
C GLU A 1725 18.24 4.31 21.37
N THR A 1726 17.42 5.11 20.70
CA THR A 1726 17.67 6.53 20.55
C THR A 1726 16.45 7.14 19.88
N PHE A 1727 16.16 8.38 20.24
CA PHE A 1727 15.05 9.07 19.60
C PHE A 1727 15.29 9.29 18.12
N GLY A 1728 16.49 9.04 17.63
CA GLY A 1728 16.71 9.06 16.21
C GLY A 1728 16.30 7.75 15.58
N ASN A 1729 16.91 6.65 16.03
CA ASN A 1729 16.56 5.33 15.53
C ASN A 1729 15.12 4.96 15.81
N SER A 1730 14.59 5.37 16.95
CA SER A 1730 13.22 5.02 17.28
C SER A 1730 12.25 5.66 16.30
N MET A 1731 12.50 6.91 15.91
CA MET A 1731 11.62 7.53 14.94
C MET A 1731 11.82 6.94 13.56
N ILE A 1732 13.03 6.47 13.25
CA ILE A 1732 13.21 5.69 12.04
C ILE A 1732 12.26 4.51 12.01
N CYS A 1733 12.34 3.66 13.04
CA CYS A 1733 11.50 2.46 13.06
C CYS A 1733 10.01 2.81 13.10
N LEU A 1734 9.63 3.84 13.83
CA LEU A 1734 8.23 4.20 13.87
C LEU A 1734 7.76 4.72 12.54
N PHE A 1735 8.61 5.44 11.80
CA PHE A 1735 8.19 5.84 10.46
C PHE A 1735 8.09 4.64 9.54
N GLN A 1736 8.97 3.66 9.73
CA GLN A 1736 8.86 2.41 8.99
C GLN A 1736 7.48 1.80 9.19
N ILE A 1737 7.09 1.58 10.43
CA ILE A 1737 5.82 0.91 10.68
C ILE A 1737 4.62 1.84 10.63
N THR A 1738 4.82 3.13 10.36
CA THR A 1738 3.66 3.98 10.12
C THR A 1738 2.91 3.55 8.88
N THR A 1739 3.62 3.18 7.83
CA THR A 1739 2.99 2.61 6.65
C THR A 1739 2.73 1.13 6.81
N SER A 1740 2.68 0.63 8.04
CA SER A 1740 2.43 -0.76 8.37
C SER A 1740 3.53 -1.68 7.88
N ALA A 1741 4.58 -1.14 7.27
CA ALA A 1741 5.63 -1.97 6.70
C ALA A 1741 6.53 -2.52 7.79
N GLY A 1742 6.79 -3.82 7.74
CA GLY A 1742 7.80 -4.42 8.55
C GLY A 1742 7.54 -4.48 10.03
N TRP A 1743 6.30 -4.28 10.48
CA TRP A 1743 6.05 -4.35 11.91
C TRP A 1743 6.17 -5.77 12.43
N ASP A 1744 5.94 -6.76 11.57
CA ASP A 1744 6.20 -8.15 11.95
C ASP A 1744 7.61 -8.31 12.49
N GLY A 1745 8.58 -7.81 11.74
CA GLY A 1745 9.97 -7.95 12.15
C GLY A 1745 10.26 -7.24 13.45
N LEU A 1746 9.79 -6.00 13.58
CA LEU A 1746 10.03 -5.28 14.82
C LEU A 1746 9.41 -5.99 16.01
N LEU A 1747 8.30 -6.68 15.78
CA LEU A 1747 7.62 -7.34 16.88
C LEU A 1747 8.33 -8.64 17.25
N ALA A 1748 8.89 -9.32 16.27
CA ALA A 1748 9.45 -10.66 16.49
C ALA A 1748 10.41 -10.75 17.67
N PRO A 1749 11.32 -9.82 17.90
CA PRO A 1749 12.25 -9.99 19.02
C PRO A 1749 11.66 -9.60 20.35
N ILE A 1750 10.69 -8.69 20.37
CA ILE A 1750 10.02 -8.34 21.60
C ILE A 1750 9.26 -9.52 22.15
N LEU A 1751 8.70 -10.33 21.27
CA LEU A 1751 7.91 -11.46 21.71
C LEU A 1751 8.73 -12.54 22.37
N ASN A 1752 10.03 -12.40 22.58
CA ASN A 1752 10.77 -13.36 23.37
C ASN A 1752 10.62 -13.03 24.85
N SER A 1753 10.16 -14.00 25.62
CA SER A 1753 10.07 -13.77 27.05
C SER A 1753 10.93 -14.73 27.85
N LYS A 1754 10.79 -16.02 27.59
CA LYS A 1754 11.45 -17.03 28.39
C LYS A 1754 12.88 -17.24 27.93
N PRO A 1755 13.75 -17.73 28.80
CA PRO A 1755 15.17 -17.72 28.48
C PRO A 1755 15.66 -19.01 27.84
N PRO A 1756 14.99 -19.54 26.82
CA PRO A 1756 15.73 -20.12 25.70
C PRO A 1756 15.78 -19.19 24.49
N ASP A 1757 14.97 -18.13 24.50
CA ASP A 1757 14.98 -17.16 23.41
C ASP A 1757 15.74 -15.91 23.80
N CYS A 1758 15.73 -15.58 25.08
CA CYS A 1758 16.38 -14.39 25.59
C CYS A 1758 17.32 -14.76 26.73
N ASP A 1759 17.79 -13.77 27.44
CA ASP A 1759 18.61 -14.05 28.61
C ASP A 1759 18.33 -12.96 29.62
N PRO A 1760 17.49 -13.23 30.62
CA PRO A 1760 17.03 -12.17 31.52
C PRO A 1760 18.04 -11.74 32.57
N LYS A 1761 19.30 -12.15 32.43
CA LYS A 1761 20.37 -11.73 33.32
C LYS A 1761 21.56 -11.31 32.47
N LYS A 1762 21.28 -10.61 31.37
CA LYS A 1762 22.32 -10.19 30.44
C LYS A 1762 22.89 -8.87 30.91
N VAL A 1763 24.14 -8.88 31.36
CA VAL A 1763 24.76 -7.69 31.92
C VAL A 1763 25.09 -6.73 30.78
N HIS A 1764 24.26 -5.73 30.58
CA HIS A 1764 24.53 -4.75 29.54
C HIS A 1764 25.74 -3.92 29.93
N PRO A 1765 26.82 -3.94 29.14
CA PRO A 1765 28.03 -3.22 29.53
C PRO A 1765 27.79 -1.72 29.55
N GLY A 1766 28.26 -1.08 30.62
CA GLY A 1766 28.13 0.35 30.74
C GLY A 1766 26.85 0.76 31.42
N SER A 1767 25.72 0.26 30.94
CA SER A 1767 24.45 0.58 31.54
C SER A 1767 24.24 -0.34 32.75
N SER A 1768 23.03 -0.37 33.30
CA SER A 1768 22.75 -1.21 34.45
C SER A 1768 21.43 -1.95 34.35
N VAL A 1769 20.76 -1.90 33.20
CA VAL A 1769 19.44 -2.50 33.05
C VAL A 1769 19.65 -3.93 32.59
N GLU A 1770 19.69 -4.85 33.54
CA GLU A 1770 19.77 -6.27 33.20
C GLU A 1770 18.54 -6.69 32.41
N GLY A 1771 18.67 -7.81 31.71
CA GLY A 1771 17.53 -8.39 31.03
C GLY A 1771 17.40 -7.91 29.60
N ASP A 1772 17.53 -8.81 28.63
CA ASP A 1772 17.57 -8.41 27.24
C ASP A 1772 16.41 -8.94 26.42
N CYS A 1773 15.28 -9.25 27.05
CA CYS A 1773 14.10 -9.66 26.31
C CYS A 1773 12.89 -8.88 26.78
N GLY A 1774 12.23 -8.22 25.83
CA GLY A 1774 11.11 -7.38 26.13
C GLY A 1774 9.93 -8.16 26.65
N ASN A 1775 8.84 -7.42 26.90
CA ASN A 1775 7.66 -7.96 27.52
C ASN A 1775 6.60 -8.17 26.45
N PRO A 1776 6.19 -9.40 26.18
CA PRO A 1776 5.26 -9.64 25.06
C PRO A 1776 3.93 -8.95 25.22
N SER A 1777 3.34 -8.99 26.40
CA SER A 1777 2.04 -8.41 26.63
C SER A 1777 2.01 -6.90 26.47
N VAL A 1778 3.17 -6.24 26.49
CA VAL A 1778 3.20 -4.83 26.14
C VAL A 1778 3.70 -4.65 24.72
N GLY A 1779 4.49 -5.58 24.21
CA GLY A 1779 4.94 -5.46 22.83
C GLY A 1779 3.81 -5.53 21.84
N ILE A 1780 2.96 -6.55 21.98
CA ILE A 1780 1.85 -6.70 21.03
C ILE A 1780 0.88 -5.54 21.19
N PHE A 1781 0.71 -5.04 22.41
CA PHE A 1781 -0.15 -3.89 22.62
C PHE A 1781 0.40 -2.68 21.90
N TYR A 1782 1.67 -2.37 22.15
CA TYR A 1782 2.36 -1.28 21.47
C TYR A 1782 2.13 -1.35 19.98
N PHE A 1783 2.49 -2.48 19.36
CA PHE A 1783 2.53 -2.50 17.90
C PHE A 1783 1.12 -2.53 17.31
N VAL A 1784 0.20 -3.31 17.88
CA VAL A 1784 -1.14 -3.30 17.32
C VAL A 1784 -1.79 -1.93 17.49
N SER A 1785 -1.63 -1.30 18.64
CA SER A 1785 -2.22 0.03 18.82
C SER A 1785 -1.64 1.01 17.83
N TYR A 1786 -0.33 0.98 17.62
CA TYR A 1786 0.25 1.95 16.70
C TYR A 1786 -0.21 1.69 15.29
N ILE A 1787 -0.32 0.42 14.89
CA ILE A 1787 -0.83 0.12 13.56
C ILE A 1787 -2.23 0.67 13.38
N ILE A 1788 -3.10 0.44 14.37
CA ILE A 1788 -4.48 0.87 14.21
C ILE A 1788 -4.56 2.39 14.16
N ILE A 1789 -3.78 3.08 15.00
CA ILE A 1789 -3.82 4.54 14.97
C ILE A 1789 -3.27 5.07 13.66
N SER A 1790 -2.17 4.49 13.19
CA SER A 1790 -1.65 4.86 11.88
C SER A 1790 -2.70 4.66 10.81
N PHE A 1791 -3.44 3.56 10.88
CA PHE A 1791 -4.43 3.28 9.85
C PHE A 1791 -5.56 4.30 9.89
N LEU A 1792 -6.03 4.66 11.09
CA LEU A 1792 -7.07 5.68 11.16
C LEU A 1792 -6.58 7.02 10.64
N VAL A 1793 -5.37 7.44 11.03
CA VAL A 1793 -4.87 8.73 10.59
C VAL A 1793 -4.64 8.73 9.08
N VAL A 1794 -4.16 7.63 8.53
CA VAL A 1794 -3.96 7.55 7.09
C VAL A 1794 -5.31 7.57 6.37
N VAL A 1795 -6.33 6.94 6.92
CA VAL A 1795 -7.64 7.01 6.29
C VAL A 1795 -8.16 8.44 6.32
N ASN A 1796 -7.88 9.17 7.40
CA ASN A 1796 -8.23 10.59 7.43
C ASN A 1796 -7.51 11.35 6.33
N MET A 1797 -6.22 11.10 6.15
CA MET A 1797 -5.49 11.74 5.07
C MET A 1797 -6.11 11.44 3.72
N TYR A 1798 -6.42 10.17 3.49
CA TYR A 1798 -7.05 9.76 2.24
C TYR A 1798 -8.35 10.52 2.00
N ILE A 1799 -9.16 10.65 3.06
CA ILE A 1799 -10.43 11.35 2.91
C ILE A 1799 -10.19 12.81 2.60
N ALA A 1800 -9.19 13.41 3.23
CA ALA A 1800 -8.89 14.82 2.95
C ALA A 1800 -8.57 15.03 1.49
N VAL A 1801 -7.65 14.24 0.97
CA VAL A 1801 -7.21 14.45 -0.41
C VAL A 1801 -8.33 14.11 -1.39
N ILE A 1802 -9.13 13.09 -1.09
CA ILE A 1802 -10.20 12.74 -2.01
C ILE A 1802 -11.27 13.82 -2.00
N LEU A 1803 -11.53 14.43 -0.85
CA LEU A 1803 -12.45 15.56 -0.81
C LEU A 1803 -11.93 16.71 -1.66
N GLU A 1804 -10.65 17.06 -1.50
CA GLU A 1804 -10.09 18.14 -2.30
C GLU A 1804 -10.22 17.84 -3.79
N ASN A 1805 -9.98 16.59 -4.19
CA ASN A 1805 -10.06 16.24 -5.60
C ASN A 1805 -11.48 16.32 -6.11
N PHE A 1806 -12.44 15.83 -5.33
CA PHE A 1806 -13.84 15.96 -5.75
C PHE A 1806 -14.24 17.42 -5.83
N SER A 1807 -13.60 18.28 -5.06
CA SER A 1807 -13.97 19.69 -5.04
C SER A 1807 -13.42 20.51 -6.19
N VAL A 1808 -12.15 20.32 -6.53
CA VAL A 1808 -11.54 21.15 -7.56
C VAL A 1808 -12.26 20.98 -8.89
N ALA A 1809 -12.59 19.74 -9.24
CA ALA A 1809 -13.23 19.47 -10.51
C ALA A 1809 -14.61 20.07 -10.67
N THR A 1810 -15.43 20.02 -9.63
CA THR A 1810 -16.83 20.47 -9.78
C THR A 1810 -17.02 21.95 -10.14
N GLU A 1811 -16.23 22.85 -9.58
CA GLU A 1811 -16.47 24.27 -9.82
C GLU A 1811 -15.60 24.84 -10.94
N GLU A 1812 -16.25 25.41 -11.96
CA GLU A 1812 -15.52 26.06 -13.05
C GLU A 1812 -16.09 27.47 -13.16
N SER A 1813 -15.25 28.50 -13.17
CA SER A 1813 -15.81 29.87 -13.16
C SER A 1813 -15.05 31.02 -13.84
N THR A 1814 -15.78 31.96 -14.43
CA THR A 1814 -15.19 33.16 -15.03
C THR A 1814 -15.90 34.39 -14.49
N GLU A 1815 -15.41 35.55 -14.86
CA GLU A 1815 -15.96 36.81 -14.36
C GLU A 1815 -16.28 37.74 -15.52
N PRO A 1816 -17.56 38.08 -15.72
CA PRO A 1816 -17.89 39.18 -16.63
C PRO A 1816 -18.02 40.50 -15.90
N LEU A 1817 -17.59 41.60 -16.52
CA LEU A 1817 -17.69 42.90 -15.89
C LEU A 1817 -17.69 43.98 -16.97
N SER A 1818 -18.61 44.93 -16.82
CA SER A 1818 -18.74 46.04 -17.75
C SER A 1818 -19.33 47.24 -17.02
N GLU A 1819 -18.79 48.42 -17.31
CA GLU A 1819 -19.26 49.66 -16.68
C GLU A 1819 -20.20 50.43 -17.61
N ASP A 1820 -19.93 50.39 -18.92
CA ASP A 1820 -20.75 51.12 -19.89
C ASP A 1820 -22.18 50.60 -19.91
N ASP A 1821 -22.39 49.36 -19.44
CA ASP A 1821 -23.73 48.81 -19.35
C ASP A 1821 -24.58 49.62 -18.38
N PHE A 1822 -23.98 50.12 -17.30
CA PHE A 1822 -24.71 50.97 -16.36
C PHE A 1822 -25.13 52.29 -17.01
N GLU A 1823 -24.25 52.87 -17.83
CA GLU A 1823 -24.53 54.17 -18.42
C GLU A 1823 -25.67 54.07 -19.44
N MET A 1824 -25.70 53.00 -20.23
CA MET A 1824 -26.83 52.81 -21.14
C MET A 1824 -28.12 52.54 -20.37
N PHE A 1825 -28.00 51.95 -19.17
CA PHE A 1825 -29.18 51.72 -18.35
C PHE A 1825 -29.73 53.03 -17.81
N TYR A 1826 -28.88 54.05 -17.67
CA TYR A 1826 -29.35 55.33 -17.16
C TYR A 1826 -30.07 56.15 -18.23
N GLU A 1827 -29.59 56.11 -19.47
CA GLU A 1827 -30.25 56.85 -20.54
C GLU A 1827 -31.59 56.23 -20.90
N VAL A 1828 -31.70 54.90 -20.81
CA VAL A 1828 -32.99 54.25 -21.02
C VAL A 1828 -33.90 54.49 -19.83
N TRP A 1829 -33.34 54.82 -18.66
CA TRP A 1829 -34.16 55.16 -17.52
C TRP A 1829 -34.82 56.53 -17.69
N GLU A 1830 -34.12 57.46 -18.35
CA GLU A 1830 -34.66 58.80 -18.51
C GLU A 1830 -35.81 58.83 -19.52
N LYS A 1831 -35.78 57.96 -20.53
CA LYS A 1831 -36.86 57.91 -21.51
C LYS A 1831 -38.15 57.34 -20.91
N PHE A 1832 -38.06 56.61 -19.80
CA PHE A 1832 -39.22 56.10 -19.11
C PHE A 1832 -39.49 56.75 -17.77
N ASP A 1833 -38.53 57.49 -17.21
CA ASP A 1833 -38.67 58.22 -15.95
C ASP A 1833 -38.19 59.64 -16.16
N PRO A 1834 -39.03 60.52 -16.71
CA PRO A 1834 -38.61 61.92 -16.89
C PRO A 1834 -38.46 62.68 -15.59
N ASP A 1835 -39.12 62.24 -14.51
CA ASP A 1835 -39.05 62.93 -13.23
C ASP A 1835 -37.88 62.45 -12.36
N ALA A 1836 -37.14 61.44 -12.80
CA ALA A 1836 -35.99 60.91 -12.07
C ALA A 1836 -36.37 60.48 -10.66
N THR A 1837 -37.61 60.02 -10.50
CA THR A 1837 -38.09 59.54 -9.20
C THR A 1837 -37.53 58.17 -8.84
N GLN A 1838 -36.74 57.56 -9.73
CA GLN A 1838 -36.16 56.23 -9.56
C GLN A 1838 -37.21 55.14 -9.39
N PHE A 1839 -38.46 55.41 -9.75
CA PHE A 1839 -39.56 54.47 -9.63
C PHE A 1839 -40.24 54.31 -10.97
N ILE A 1840 -40.37 53.06 -11.43
CA ILE A 1840 -40.96 52.75 -12.73
C ILE A 1840 -42.12 51.79 -12.52
N GLU A 1841 -43.11 51.87 -13.42
CA GLU A 1841 -44.28 51.00 -13.33
C GLU A 1841 -43.93 49.59 -13.79
N PHE A 1842 -44.51 48.59 -13.11
CA PHE A 1842 -44.29 47.20 -13.50
C PHE A 1842 -44.82 46.91 -14.89
N SER A 1843 -46.00 47.43 -15.22
CA SER A 1843 -46.55 47.24 -16.57
C SER A 1843 -45.68 47.93 -17.61
N LYS A 1844 -45.03 49.04 -17.23
CA LYS A 1844 -44.15 49.74 -18.15
C LYS A 1844 -42.78 49.08 -18.26
N LEU A 1845 -42.41 48.28 -17.24
CA LEU A 1845 -41.15 47.55 -17.31
C LEU A 1845 -41.14 46.52 -18.43
N SER A 1846 -42.31 46.09 -18.90
CA SER A 1846 -42.38 45.16 -20.03
C SER A 1846 -41.79 45.75 -21.30
N ASP A 1847 -41.85 47.07 -21.47
CA ASP A 1847 -41.17 47.75 -22.56
C ASP A 1847 -39.80 48.28 -22.18
N PHE A 1848 -39.58 48.53 -20.89
CA PHE A 1848 -38.26 48.98 -20.42
C PHE A 1848 -37.20 47.91 -20.68
N ALA A 1849 -37.42 46.70 -20.16
CA ALA A 1849 -36.41 45.64 -20.25
C ALA A 1849 -36.15 45.22 -21.69
N ALA A 1850 -37.11 45.42 -22.59
CA ALA A 1850 -36.91 45.14 -24.01
C ALA A 1850 -36.36 46.34 -24.76
N ALA A 1851 -35.97 47.40 -24.06
CA ALA A 1851 -35.38 48.58 -24.67
C ALA A 1851 -33.88 48.68 -24.42
N LEU A 1852 -33.32 47.82 -23.56
CA LEU A 1852 -31.89 47.84 -23.30
C LEU A 1852 -31.11 47.20 -24.43
N ASP A 1853 -29.83 47.53 -24.51
CA ASP A 1853 -28.91 46.95 -25.47
C ASP A 1853 -28.16 45.79 -24.84
N PRO A 1854 -27.61 44.88 -25.66
CA PRO A 1854 -26.83 43.78 -25.11
C PRO A 1854 -25.63 44.30 -24.34
N PRO A 1855 -25.17 43.55 -23.33
CA PRO A 1855 -25.69 42.26 -22.90
C PRO A 1855 -26.96 42.37 -22.04
N LEU A 1856 -27.36 43.60 -21.73
CA LEU A 1856 -28.53 43.82 -20.89
C LEU A 1856 -29.84 43.67 -21.67
N LEU A 1857 -29.77 43.42 -22.98
CA LEU A 1857 -30.98 43.25 -23.76
C LEU A 1857 -31.64 41.91 -23.45
N ILE A 1858 -32.97 41.93 -23.30
CA ILE A 1858 -33.78 40.73 -23.14
C ILE A 1858 -34.89 40.80 -24.19
N ALA A 1859 -34.98 39.77 -25.02
CA ALA A 1859 -35.91 39.78 -26.15
C ALA A 1859 -37.29 39.29 -25.73
N LYS A 1860 -38.31 39.81 -26.38
CA LYS A 1860 -39.69 39.39 -26.11
C LYS A 1860 -39.86 37.91 -26.43
N PRO A 1861 -40.73 37.19 -25.69
CA PRO A 1861 -41.53 37.70 -24.58
C PRO A 1861 -40.72 37.86 -23.28
N ASN A 1862 -40.76 39.06 -22.70
CA ASN A 1862 -39.97 39.34 -21.50
C ASN A 1862 -40.68 38.89 -20.23
N LYS A 1863 -42.01 38.83 -20.24
CA LYS A 1863 -42.75 38.54 -19.01
C LYS A 1863 -42.55 37.09 -18.55
N VAL A 1864 -42.08 36.22 -19.44
CA VAL A 1864 -41.85 34.83 -19.05
C VAL A 1864 -40.72 34.74 -18.03
N GLN A 1865 -39.74 35.64 -18.15
CA GLN A 1865 -38.57 35.58 -17.28
C GLN A 1865 -38.61 36.61 -16.16
N LEU A 1866 -39.35 37.72 -16.34
CA LEU A 1866 -39.36 38.77 -15.33
C LEU A 1866 -40.05 38.33 -14.05
N ILE A 1867 -40.98 37.37 -14.14
CA ILE A 1867 -41.67 36.91 -12.94
C ILE A 1867 -40.80 35.96 -12.13
N ALA A 1868 -39.80 35.34 -12.75
CA ALA A 1868 -38.93 34.40 -12.05
C ALA A 1868 -37.77 35.07 -11.33
N MET A 1869 -37.56 36.37 -11.52
CA MET A 1869 -36.42 37.05 -10.91
C MET A 1869 -36.65 37.43 -9.45
N ASP A 1870 -37.89 37.40 -8.97
CA ASP A 1870 -38.21 37.78 -7.58
C ASP A 1870 -37.80 39.22 -7.30
N LEU A 1871 -38.45 40.16 -7.97
CA LEU A 1871 -38.19 41.57 -7.71
C LEU A 1871 -39.24 42.13 -6.76
N PRO A 1872 -38.83 42.82 -5.69
CA PRO A 1872 -39.81 43.41 -4.77
C PRO A 1872 -40.52 44.60 -5.40
N MET A 1873 -41.64 44.98 -4.78
CA MET A 1873 -42.47 46.06 -5.29
C MET A 1873 -42.92 46.95 -4.16
N VAL A 1874 -42.67 48.25 -4.29
CA VAL A 1874 -43.09 49.22 -3.29
C VAL A 1874 -44.57 49.52 -3.51
N SER A 1875 -45.19 50.17 -2.53
CA SER A 1875 -46.61 50.48 -2.58
C SER A 1875 -46.96 51.24 -3.86
N GLY A 1876 -48.05 50.82 -4.49
CA GLY A 1876 -48.48 51.42 -5.74
C GLY A 1876 -48.08 50.68 -6.99
N ASP A 1877 -47.81 49.37 -6.90
CA ASP A 1877 -47.38 48.55 -8.03
C ASP A 1877 -46.13 49.13 -8.69
N ARG A 1878 -45.32 49.83 -7.92
CA ARG A 1878 -44.13 50.51 -8.41
C ARG A 1878 -42.87 49.83 -7.87
N ILE A 1879 -41.78 49.97 -8.61
CA ILE A 1879 -40.52 49.30 -8.30
C ILE A 1879 -39.37 50.31 -8.40
N HIS A 1880 -38.36 50.10 -7.57
CA HIS A 1880 -37.18 50.95 -7.52
C HIS A 1880 -36.30 50.75 -8.76
N CYS A 1881 -35.29 51.61 -8.89
CA CYS A 1881 -34.29 51.44 -9.94
C CYS A 1881 -33.24 50.41 -9.54
N LEU A 1882 -32.85 50.41 -8.27
CA LEU A 1882 -31.72 49.57 -7.83
C LEU A 1882 -32.06 48.09 -7.89
N ASP A 1883 -33.27 47.70 -7.50
CA ASP A 1883 -33.61 46.29 -7.50
C ASP A 1883 -33.70 45.71 -8.90
N ILE A 1884 -34.13 46.51 -9.87
CA ILE A 1884 -34.13 46.03 -11.26
C ILE A 1884 -32.71 45.99 -11.80
N LEU A 1885 -31.92 47.02 -11.52
CA LEU A 1885 -30.54 47.06 -12.02
C LEU A 1885 -29.72 45.91 -11.46
N PHE A 1886 -29.97 45.53 -10.21
CA PHE A 1886 -29.25 44.41 -9.62
C PHE A 1886 -29.82 43.08 -10.11
N ALA A 1887 -31.15 42.99 -10.23
CA ALA A 1887 -31.74 41.75 -10.73
C ALA A 1887 -31.27 41.44 -12.14
N PHE A 1888 -31.09 42.46 -12.98
CA PHE A 1888 -30.49 42.24 -14.29
C PHE A 1888 -29.01 41.94 -14.17
N THR A 1889 -28.35 42.55 -13.18
CA THR A 1889 -26.91 42.32 -12.98
C THR A 1889 -26.64 40.87 -12.60
N LYS A 1890 -27.55 40.26 -11.83
CA LYS A 1890 -27.35 38.88 -11.39
C LYS A 1890 -27.48 37.89 -12.54
N ARG A 1891 -28.20 38.26 -13.60
CA ARG A 1891 -28.39 37.35 -14.72
C ARG A 1891 -27.11 37.17 -15.53
N VAL A 1892 -26.30 38.23 -15.63
CA VAL A 1892 -25.11 38.17 -16.48
C VAL A 1892 -23.89 37.72 -15.68
N LEU A 1893 -23.74 38.21 -14.45
CA LEU A 1893 -22.56 37.89 -13.65
C LEU A 1893 -22.70 36.57 -12.91
N GLY A 1894 -23.90 36.22 -12.47
CA GLY A 1894 -24.13 34.93 -11.84
C GLY A 1894 -24.07 34.99 -10.32
N GLU A 1895 -23.98 33.79 -9.74
CA GLU A 1895 -23.97 33.62 -8.28
C GLU A 1895 -22.53 33.54 -7.79
N SER A 1896 -21.87 34.70 -7.78
CA SER A 1896 -20.49 34.83 -7.34
C SER A 1896 -20.43 35.52 -5.99
N GLY A 1897 -19.26 35.45 -5.37
CA GLY A 1897 -19.06 36.11 -4.08
C GLY A 1897 -19.11 37.62 -4.19
N GLU A 1898 -18.84 38.17 -5.38
CA GLU A 1898 -18.91 39.61 -5.58
C GLU A 1898 -20.34 40.11 -5.64
N MET A 1899 -21.32 39.22 -5.82
CA MET A 1899 -22.71 39.65 -5.94
C MET A 1899 -23.18 40.29 -4.63
N ASP A 1900 -23.09 39.55 -3.52
CA ASP A 1900 -23.52 40.09 -2.23
C ASP A 1900 -22.62 41.21 -1.74
N SER A 1901 -21.37 41.27 -2.20
CA SER A 1901 -20.51 42.39 -1.84
C SER A 1901 -20.88 43.64 -2.62
N LEU A 1902 -21.15 43.49 -3.92
CA LEU A 1902 -21.58 44.63 -4.73
C LEU A 1902 -22.97 45.10 -4.30
N ARG A 1903 -23.81 44.18 -3.82
CA ARG A 1903 -25.12 44.55 -3.30
C ARG A 1903 -25.01 45.47 -2.10
N SER A 1904 -23.99 45.27 -1.26
CA SER A 1904 -23.85 46.10 -0.06
C SER A 1904 -23.43 47.53 -0.42
N GLN A 1905 -22.38 47.66 -1.24
CA GLN A 1905 -21.85 48.99 -1.55
C GLN A 1905 -22.87 49.86 -2.27
N MET A 1906 -23.73 49.27 -3.10
CA MET A 1906 -24.71 50.06 -3.83
C MET A 1906 -25.86 50.46 -2.92
N GLU A 1907 -26.12 49.67 -1.87
CA GLU A 1907 -27.14 50.04 -0.90
C GLU A 1907 -26.62 51.11 0.06
N GLU A 1908 -25.37 50.99 0.50
CA GLU A 1908 -24.82 51.95 1.44
C GLU A 1908 -24.63 53.31 0.80
N ARG A 1909 -24.25 53.35 -0.47
CA ARG A 1909 -24.15 54.63 -1.17
C ARG A 1909 -25.51 55.25 -1.40
N PHE A 1910 -26.57 54.44 -1.42
CA PHE A 1910 -27.91 54.95 -1.70
C PHE A 1910 -28.57 55.51 -0.43
N MET A 1911 -28.40 54.83 0.70
CA MET A 1911 -28.98 55.33 1.94
C MET A 1911 -28.31 56.63 2.37
N SER A 1912 -27.05 56.83 2.00
CA SER A 1912 -26.37 58.09 2.27
C SER A 1912 -26.86 59.22 1.39
N ALA A 1913 -27.49 58.90 0.26
CA ALA A 1913 -28.00 59.92 -0.65
C ALA A 1913 -29.51 60.07 -0.61
N ASN A 1914 -30.24 59.01 -0.25
CA ASN A 1914 -31.69 59.04 -0.15
C ASN A 1914 -32.10 58.48 1.21
N PRO A 1915 -32.19 59.31 2.23
CA PRO A 1915 -32.60 58.83 3.56
C PRO A 1915 -34.08 58.55 3.68
N SER A 1916 -34.89 58.86 2.65
CA SER A 1916 -36.33 58.69 2.73
C SER A 1916 -36.71 57.21 2.64
N LYS A 1917 -36.53 56.48 3.73
CA LYS A 1917 -36.83 55.05 3.74
C LYS A 1917 -38.33 54.80 3.70
N VAL A 1918 -39.15 55.83 3.96
CA VAL A 1918 -40.59 55.65 4.00
C VAL A 1918 -41.15 55.33 2.62
N SER A 1919 -40.42 55.73 1.57
CA SER A 1919 -40.87 55.50 0.20
C SER A 1919 -40.21 54.29 -0.46
N TYR A 1920 -39.51 53.46 0.32
CA TYR A 1920 -38.81 52.30 -0.20
C TYR A 1920 -39.47 50.98 0.21
N GLU A 1921 -40.29 50.98 1.25
CA GLU A 1921 -40.81 49.76 1.85
C GLU A 1921 -41.58 48.93 0.83
N PRO A 1922 -41.10 47.75 0.44
CA PRO A 1922 -41.82 46.91 -0.51
C PRO A 1922 -42.89 46.06 0.17
N ILE A 1923 -43.98 45.83 -0.55
CA ILE A 1923 -45.10 45.09 0.01
C ILE A 1923 -45.13 43.64 -0.47
N THR A 1924 -44.66 43.37 -1.69
CA THR A 1924 -44.69 42.04 -2.26
C THR A 1924 -43.55 41.90 -3.27
N THR A 1925 -43.48 40.75 -3.91
CA THR A 1925 -42.50 40.47 -4.94
C THR A 1925 -43.19 40.11 -6.24
N THR A 1926 -42.40 39.97 -7.30
CA THR A 1926 -42.96 39.73 -8.63
C THR A 1926 -43.63 38.37 -8.73
N LEU A 1927 -43.11 37.38 -8.00
CA LEU A 1927 -43.67 36.03 -8.11
C LEU A 1927 -44.87 35.84 -7.19
N LYS A 1928 -44.81 36.40 -5.98
CA LYS A 1928 -45.93 36.23 -5.05
C LYS A 1928 -47.19 36.95 -5.54
N ARG A 1929 -47.02 38.07 -6.25
CA ARG A 1929 -48.18 38.77 -6.78
C ARG A 1929 -48.84 37.96 -7.89
N LYS A 1930 -48.03 37.37 -8.79
CA LYS A 1930 -48.58 36.52 -9.82
C LYS A 1930 -49.24 35.27 -9.24
N GLN A 1931 -48.70 34.76 -8.14
CA GLN A 1931 -49.38 33.66 -7.44
C GLN A 1931 -50.71 34.12 -6.87
N GLU A 1932 -50.82 35.40 -6.49
CA GLU A 1932 -52.11 35.93 -6.05
C GLU A 1932 -53.04 36.12 -7.24
N ASP A 1933 -52.49 36.46 -8.41
CA ASP A 1933 -53.32 36.59 -9.61
C ASP A 1933 -53.88 35.25 -10.04
N VAL A 1934 -53.02 34.24 -10.14
CA VAL A 1934 -53.45 32.90 -10.54
C VAL A 1934 -54.27 32.25 -9.43
N GLY B 20 22.05 -2.04 23.74
CA GLY B 20 23.30 -2.78 23.79
C GLY B 20 24.41 -2.04 24.49
N CYS B 21 25.63 -2.25 24.04
CA CYS B 21 26.80 -1.67 24.68
C CYS B 21 26.83 -0.16 24.50
N VAL B 22 27.38 0.55 25.48
CA VAL B 22 27.40 2.00 25.49
C VAL B 22 28.71 2.46 26.13
N GLU B 23 29.55 3.13 25.35
CA GLU B 23 30.86 3.56 25.82
C GLU B 23 30.66 4.67 26.85
N VAL B 24 30.98 4.37 28.10
CA VAL B 24 30.88 5.34 29.17
C VAL B 24 32.28 5.71 29.65
N ASP B 25 32.46 6.99 29.97
CA ASP B 25 33.68 7.44 30.59
C ASP B 25 33.60 7.22 32.08
N SER B 26 34.67 6.71 32.65
CA SER B 26 34.68 6.42 34.07
C SER B 26 34.60 7.70 34.88
N GLU B 27 34.36 7.55 36.17
CA GLU B 27 34.46 8.67 37.09
C GLU B 27 35.94 9.02 37.22
N THR B 28 36.24 10.16 37.84
CA THR B 28 37.61 10.62 37.90
C THR B 28 38.11 10.92 39.31
N GLU B 29 37.25 10.83 40.31
CA GLU B 29 37.67 11.08 41.69
C GLU B 29 37.17 9.96 42.57
N ALA B 30 37.98 9.58 43.55
CA ALA B 30 37.62 8.52 44.47
C ALA B 30 37.73 9.03 45.89
N VAL B 31 36.80 8.61 46.72
CA VAL B 31 36.77 9.07 48.10
C VAL B 31 37.64 8.17 48.96
N TYR B 32 38.68 8.77 49.54
CA TYR B 32 39.67 8.02 50.31
C TYR B 32 38.99 7.11 51.31
N GLY B 33 39.60 5.95 51.53
CA GLY B 33 39.06 4.99 52.48
C GLY B 33 37.77 4.33 52.07
N MET B 34 37.33 4.49 50.83
CA MET B 34 36.11 3.86 50.34
C MET B 34 36.41 3.17 49.01
N THR B 35 35.36 2.75 48.32
CA THR B 35 35.50 1.96 47.11
C THR B 35 35.13 2.76 45.87
N PHE B 36 35.65 2.30 44.74
CA PHE B 36 35.54 3.02 43.47
C PHE B 36 35.52 2.01 42.33
N LYS B 37 34.97 2.43 41.20
CA LYS B 37 34.81 1.55 40.05
C LYS B 37 35.31 2.22 38.78
N ILE B 38 36.46 1.75 38.27
CA ILE B 38 37.09 2.31 37.09
C ILE B 38 36.43 1.68 35.87
N LEU B 39 35.56 2.42 35.20
CA LEU B 39 34.93 1.91 34.00
C LEU B 39 35.90 1.95 32.84
N CYS B 40 35.77 0.98 31.95
CA CYS B 40 36.46 1.02 30.65
C CYS B 40 35.68 0.12 29.72
N ILE B 41 34.86 0.71 28.86
CA ILE B 41 33.95 -0.05 28.03
C ILE B 41 34.36 0.11 26.58
N SER B 42 34.76 -0.99 25.96
CA SER B 42 35.22 -0.88 24.57
C SER B 42 34.27 -1.71 23.72
N CYS B 43 33.17 -1.09 23.34
CA CYS B 43 32.15 -1.79 22.57
C CYS B 43 32.69 -2.13 21.19
N LYS B 44 32.46 -3.37 20.76
CA LYS B 44 32.78 -3.72 19.38
C LYS B 44 31.87 -2.94 18.43
N ARG B 45 32.40 -2.63 17.25
CA ARG B 45 31.64 -1.79 16.32
C ARG B 45 30.37 -2.48 15.87
N ARG B 46 30.48 -3.76 15.52
CA ARG B 46 29.33 -4.55 15.14
C ARG B 46 29.05 -5.55 16.24
N SER B 47 27.87 -5.42 16.86
CA SER B 47 27.52 -6.27 17.99
C SER B 47 27.58 -7.74 17.67
N GLU B 48 27.11 -8.15 16.48
CA GLU B 48 26.89 -9.58 16.24
C GLU B 48 28.17 -10.38 16.24
N THR B 49 29.30 -9.81 15.83
CA THR B 49 30.52 -10.58 15.75
C THR B 49 30.99 -10.98 17.15
N ASN B 50 31.98 -11.87 17.18
CA ASN B 50 32.47 -12.42 18.44
C ASN B 50 33.98 -12.34 18.44
N ALA B 51 34.57 -12.30 19.64
CA ALA B 51 36.02 -12.18 19.77
C ALA B 51 36.47 -12.70 21.12
N GLU B 52 37.75 -12.99 21.22
CA GLU B 52 38.37 -13.40 22.47
C GLU B 52 39.09 -12.21 23.08
N THR B 53 38.33 -11.30 23.66
CA THR B 53 38.87 -10.12 24.30
C THR B 53 39.71 -10.53 25.50
N PHE B 54 40.83 -9.85 25.70
CA PHE B 54 41.53 -9.94 26.97
C PHE B 54 42.26 -8.63 27.17
N THR B 55 42.37 -8.20 28.42
CA THR B 55 42.78 -6.83 28.70
C THR B 55 43.97 -6.77 29.63
N GLU B 56 44.75 -5.71 29.48
CA GLU B 56 45.77 -5.33 30.44
C GLU B 56 45.49 -3.92 30.94
N TRP B 57 45.61 -3.74 32.25
CA TRP B 57 45.53 -2.45 32.89
C TRP B 57 46.88 -2.09 33.45
N THR B 58 47.40 -0.94 33.03
CA THR B 58 48.61 -0.36 33.59
C THR B 58 48.29 1.01 34.16
N PHE B 59 49.14 1.50 35.06
CA PHE B 59 48.87 2.75 35.79
C PHE B 59 50.06 3.52 36.25
N ARG B 60 49.97 4.84 36.21
CA ARG B 60 51.08 5.70 36.60
C ARG B 60 50.70 6.54 37.80
N GLN B 61 51.33 6.29 38.94
CA GLN B 61 51.05 7.07 40.14
C GLN B 61 51.36 8.53 39.89
N LYS B 62 50.43 9.42 40.27
CA LYS B 62 50.64 10.84 40.07
C LYS B 62 51.91 11.27 40.79
N GLY B 63 52.85 11.84 40.04
CA GLY B 63 54.11 12.24 40.63
C GLY B 63 55.27 11.46 40.03
N THR B 64 55.01 10.23 39.58
CA THR B 64 56.04 9.43 38.94
C THR B 64 55.84 9.43 37.44
N GLU B 65 56.87 9.07 36.67
CA GLU B 65 56.73 8.97 35.22
C GLU B 65 57.14 7.58 34.75
N GLU B 66 56.18 6.67 34.77
CA GLU B 66 56.33 5.33 34.23
C GLU B 66 54.98 4.65 34.21
N PHE B 67 54.63 3.95 33.14
CA PHE B 67 53.40 3.16 33.15
C PHE B 67 53.74 1.70 33.43
N VAL B 68 53.32 1.21 34.60
CA VAL B 68 53.61 -0.14 35.03
C VAL B 68 52.30 -0.92 35.09
N LYS B 69 52.36 -2.19 34.68
CA LYS B 69 51.16 -3.01 34.61
C LYS B 69 50.67 -3.34 36.00
N ILE B 70 49.34 -3.38 36.19
CA ILE B 70 48.76 -3.83 37.43
C ILE B 70 47.96 -5.11 37.25
N LEU B 71 47.22 -5.25 36.16
CA LEU B 71 46.41 -6.46 36.06
C LEU B 71 46.28 -6.90 34.61
N ARG B 72 46.01 -8.18 34.43
CA ARG B 72 45.79 -8.77 33.13
C ARG B 72 44.72 -9.84 33.27
N TYR B 73 43.67 -9.70 32.48
CA TYR B 73 42.45 -10.48 32.72
C TYR B 73 42.05 -11.22 31.45
N GLU B 74 42.47 -12.48 31.34
CA GLU B 74 42.18 -13.30 30.16
C GLU B 74 41.54 -14.60 30.61
N ASN B 75 40.48 -15.00 29.92
CA ASN B 75 39.78 -16.25 30.22
C ASN B 75 39.27 -16.27 31.66
N GLU B 76 38.39 -15.34 31.99
CA GLU B 76 37.66 -15.31 33.26
C GLU B 76 38.54 -15.60 34.46
N VAL B 77 39.72 -14.98 34.51
CA VAL B 77 40.58 -15.06 35.67
C VAL B 77 41.41 -13.78 35.69
N LEU B 78 41.60 -13.22 36.87
CA LEU B 78 42.26 -11.92 36.99
C LEU B 78 43.63 -12.14 37.59
N GLN B 79 44.62 -12.35 36.73
CA GLN B 79 46.01 -12.44 37.18
C GLN B 79 46.45 -11.04 37.56
N LEU B 80 46.46 -10.76 38.85
CA LEU B 80 46.78 -9.43 39.35
C LEU B 80 48.26 -9.32 39.66
N GLU B 81 48.87 -8.23 39.21
CA GLU B 81 50.31 -8.11 39.38
C GLU B 81 50.66 -7.93 40.86
N GLU B 82 51.90 -8.23 41.20
CA GLU B 82 52.43 -8.29 42.55
C GLU B 82 52.61 -6.91 43.19
N ASP B 83 52.16 -5.79 42.61
CA ASP B 83 52.37 -4.50 43.24
C ASP B 83 51.57 -4.39 44.54
N GLU B 84 52.29 -4.15 45.64
CA GLU B 84 51.62 -3.97 46.92
C GLU B 84 50.74 -2.73 46.96
N ARG B 85 50.93 -1.80 46.02
CA ARG B 85 49.96 -0.71 45.89
C ARG B 85 48.59 -1.26 45.55
N PHE B 86 48.50 -2.51 45.15
CA PHE B 86 47.23 -3.14 44.82
C PHE B 86 47.15 -4.56 45.34
N GLU B 87 47.84 -4.85 46.44
CA GLU B 87 47.69 -6.15 47.08
C GLU B 87 46.25 -6.29 47.55
N GLY B 88 45.49 -7.16 46.89
CA GLY B 88 44.08 -7.09 47.12
C GLY B 88 43.57 -5.74 46.66
N ARG B 89 42.52 -5.28 47.34
CA ARG B 89 41.99 -3.94 47.12
C ARG B 89 41.41 -3.75 45.73
N VAL B 90 41.53 -4.75 44.86
CA VAL B 90 40.97 -4.68 43.51
C VAL B 90 40.47 -6.05 43.11
N VAL B 91 39.32 -6.06 42.43
CA VAL B 91 38.73 -7.28 41.89
C VAL B 91 38.02 -6.92 40.61
N TRP B 92 37.79 -7.92 39.78
CA TRP B 92 37.19 -7.66 38.48
C TRP B 92 35.74 -7.40 38.60
N ASN B 93 35.30 -6.31 38.02
CA ASN B 93 33.89 -6.00 38.01
C ASN B 93 33.44 -6.06 36.57
N GLY B 94 34.29 -6.54 35.69
CA GLY B 94 33.97 -6.54 34.28
C GLY B 94 33.17 -7.72 33.85
N SER B 95 32.98 -7.88 32.55
CA SER B 95 32.12 -8.96 32.10
C SER B 95 32.51 -10.28 32.70
N ARG B 96 31.52 -11.11 32.95
CA ARG B 96 31.72 -12.36 33.66
C ARG B 96 31.51 -13.54 32.73
N GLY B 97 32.40 -14.52 32.81
CA GLY B 97 32.19 -15.80 32.15
C GLY B 97 31.77 -15.72 30.70
N THR B 98 32.44 -14.89 29.91
CA THR B 98 32.05 -14.74 28.52
C THR B 98 33.20 -14.89 27.54
N LYS B 99 34.40 -14.51 27.92
CA LYS B 99 35.56 -14.54 27.03
C LYS B 99 35.35 -13.69 25.79
N ASP B 100 34.27 -12.90 25.77
CA ASP B 100 34.08 -11.83 24.78
C ASP B 100 33.73 -10.62 25.64
N LEU B 101 34.76 -9.94 26.13
CA LEU B 101 34.59 -9.19 27.37
C LEU B 101 33.72 -7.96 27.16
N GLN B 102 34.16 -7.03 26.33
CA GLN B 102 33.37 -5.86 25.97
C GLN B 102 33.01 -4.97 27.16
N ASP B 103 33.55 -5.24 28.35
CA ASP B 103 33.39 -4.34 29.49
C ASP B 103 34.52 -4.65 30.46
N LEU B 104 35.55 -3.81 30.47
CA LEU B 104 36.78 -4.15 31.18
C LEU B 104 36.93 -3.40 32.50
N SER B 105 35.84 -2.87 33.04
CA SER B 105 35.91 -2.08 34.25
C SER B 105 36.41 -2.91 35.42
N ILE B 106 37.23 -2.31 36.28
CA ILE B 106 37.68 -3.00 37.47
C ILE B 106 37.13 -2.27 38.68
N PHE B 107 37.18 -2.94 39.82
CA PHE B 107 36.66 -2.40 41.06
C PHE B 107 37.82 -2.32 42.02
N ILE B 108 37.90 -1.18 42.70
CA ILE B 108 39.00 -0.96 43.64
C ILE B 108 38.46 -0.74 45.02
N THR B 109 38.30 -1.80 45.81
CA THR B 109 37.88 -1.63 47.19
C THR B 109 39.01 -0.99 47.95
N ASN B 110 38.73 -0.18 48.95
CA ASN B 110 39.76 0.54 49.77
C ASN B 110 40.65 1.55 49.08
N VAL B 111 40.09 2.54 48.39
CA VAL B 111 40.88 3.48 47.65
C VAL B 111 41.81 4.19 48.56
N THR B 112 43.09 3.91 48.49
CA THR B 112 44.07 4.65 49.28
C THR B 112 44.62 5.83 48.50
N TYR B 113 45.47 6.64 49.13
CA TYR B 113 45.99 7.84 48.47
C TYR B 113 46.99 7.54 47.34
N ASN B 114 47.47 6.29 47.25
CA ASN B 114 48.39 5.92 46.20
C ASN B 114 47.72 5.50 44.90
N HIS B 115 46.37 5.53 44.87
CA HIS B 115 45.64 5.11 43.68
C HIS B 115 45.36 6.27 42.75
N SER B 116 46.03 7.39 42.97
CA SER B 116 45.83 8.55 42.13
C SER B 116 46.83 8.59 40.99
N GLY B 117 46.37 8.92 39.79
CA GLY B 117 47.26 9.05 38.65
C GLY B 117 46.55 8.83 37.34
N ASP B 118 47.17 8.01 36.50
CA ASP B 118 46.66 7.73 35.15
C ASP B 118 46.54 6.24 34.97
N TYR B 119 45.48 5.81 34.29
CA TYR B 119 45.17 4.42 34.08
C TYR B 119 45.00 4.16 32.59
N GLU B 120 45.86 3.31 32.04
CA GLU B 120 45.73 2.87 30.66
C GLU B 120 45.05 1.51 30.69
N CYS B 121 43.86 1.45 30.11
CA CYS B 121 43.06 0.25 29.92
C CYS B 121 43.35 -0.23 28.50
N HIS B 122 44.26 -1.18 28.36
CA HIS B 122 44.54 -1.78 27.08
C HIS B 122 43.56 -2.91 26.84
N VAL B 123 42.84 -2.84 25.73
CA VAL B 123 42.08 -3.98 25.26
C VAL B 123 42.90 -4.65 24.18
N TYR B 124 42.69 -5.95 23.97
CA TYR B 124 43.28 -6.65 22.85
C TYR B 124 42.25 -7.62 22.30
N ARG B 125 41.46 -7.18 21.34
CA ARG B 125 40.42 -7.99 20.76
C ARG B 125 40.99 -8.82 19.62
N LEU B 126 40.50 -10.04 19.47
CA LEU B 126 40.76 -10.86 18.29
C LEU B 126 39.42 -11.12 17.62
N LEU B 127 38.96 -10.20 16.81
CA LEU B 127 37.74 -10.43 16.07
C LEU B 127 37.89 -11.68 15.24
N PHE B 128 37.00 -12.64 15.47
CA PHE B 128 36.99 -13.92 14.77
C PHE B 128 35.98 -13.83 13.64
N PHE B 129 36.45 -14.02 12.41
CA PHE B 129 35.62 -13.77 11.25
C PHE B 129 35.57 -15.03 10.41
N GLU B 130 35.06 -14.90 9.19
CA GLU B 130 34.82 -16.04 8.31
C GLU B 130 36.10 -16.82 8.02
N ASN B 131 37.11 -16.15 7.49
CA ASN B 131 38.41 -16.75 7.27
C ASN B 131 39.51 -15.79 7.67
N TYR B 132 39.36 -15.17 8.83
CA TYR B 132 40.05 -13.91 9.09
C TYR B 132 40.08 -13.66 10.60
N GLU B 133 41.26 -13.35 11.12
CA GLU B 133 41.39 -13.13 12.55
C GLU B 133 42.06 -11.79 12.81
N HIS B 134 41.30 -10.70 12.83
CA HIS B 134 41.87 -9.38 13.04
C HIS B 134 42.25 -9.25 14.49
N ASN B 135 43.24 -8.44 14.83
CA ASN B 135 43.68 -8.41 16.23
C ASN B 135 43.81 -6.97 16.71
N THR B 136 42.68 -6.31 16.94
CA THR B 136 42.65 -4.91 17.33
C THR B 136 43.20 -4.58 18.69
N SER B 137 43.78 -3.40 18.86
CA SER B 137 44.26 -2.97 20.16
C SER B 137 43.71 -1.61 20.48
N VAL B 138 42.67 -1.55 21.30
CA VAL B 138 42.10 -0.27 21.69
C VAL B 138 42.71 0.11 23.03
N VAL B 139 42.93 1.41 23.21
CA VAL B 139 43.52 1.90 24.45
C VAL B 139 42.65 3.02 24.99
N LYS B 140 42.25 2.90 26.24
CA LYS B 140 41.51 3.95 26.93
C LYS B 140 42.36 4.46 28.07
N LYS B 141 42.27 5.75 28.36
CA LYS B 141 43.04 6.29 29.46
C LYS B 141 42.17 7.14 30.37
N ILE B 142 42.49 7.11 31.65
CA ILE B 142 41.64 7.63 32.70
C ILE B 142 42.50 8.38 33.72
N HIS B 143 41.98 9.48 34.23
CA HIS B 143 42.66 10.27 35.24
C HIS B 143 41.90 10.11 36.55
N ILE B 144 42.63 9.77 37.62
CA ILE B 144 42.00 9.42 38.88
C ILE B 144 42.62 10.24 40.01
N GLU B 145 41.78 10.93 40.77
CA GLU B 145 42.22 11.73 41.91
C GLU B 145 41.61 11.15 43.17
N VAL B 146 42.45 10.91 44.17
CA VAL B 146 41.99 10.44 45.47
C VAL B 146 41.73 11.67 46.33
N VAL B 147 40.48 11.90 46.68
CA VAL B 147 40.12 13.06 47.47
C VAL B 147 39.74 12.63 48.88
N ASP B 148 39.98 13.52 49.84
CA ASP B 148 39.62 13.28 51.22
C ASP B 148 38.11 13.23 51.43
N LYS B 149 37.34 13.89 50.59
CA LYS B 149 35.90 13.98 50.79
C LYS B 149 35.23 14.26 49.46
N ALA B 150 34.11 13.59 49.21
CA ALA B 150 33.45 13.68 47.92
C ALA B 150 33.03 15.11 47.64
N ASN B 151 33.70 15.74 46.68
CA ASN B 151 33.29 17.05 46.19
C ASN B 151 32.10 16.86 45.27
N ARG B 152 30.97 17.43 45.65
CA ARG B 152 29.79 17.36 44.79
C ARG B 152 30.11 18.04 43.47
N ASP B 153 29.69 17.40 42.38
CA ASP B 153 30.08 17.86 41.06
C ASP B 153 29.51 19.25 40.80
N MET B 154 30.28 20.06 40.07
CA MET B 154 29.89 21.44 39.83
C MET B 154 28.56 21.52 39.10
N ALA B 155 28.32 20.60 38.17
CA ALA B 155 27.06 20.60 37.45
C ALA B 155 25.88 20.41 38.38
N SER B 156 26.03 19.55 39.40
CA SER B 156 24.93 19.33 40.33
C SER B 156 24.54 20.61 41.06
N ILE B 157 25.51 21.26 41.69
CA ILE B 157 25.20 22.43 42.51
C ILE B 157 24.75 23.59 41.62
N VAL B 158 25.37 23.74 40.45
CA VAL B 158 24.93 24.79 39.54
C VAL B 158 23.48 24.55 39.13
N SER B 159 23.14 23.31 38.78
CA SER B 159 21.78 23.01 38.38
C SER B 159 20.80 23.23 39.51
N GLU B 160 21.17 22.86 40.73
CA GLU B 160 20.28 23.07 41.86
C GLU B 160 20.04 24.56 42.09
N ILE B 161 21.11 25.35 42.12
CA ILE B 161 20.95 26.79 42.31
C ILE B 161 20.10 27.38 41.19
N MET B 162 20.31 26.91 39.96
CA MET B 162 19.53 27.42 38.84
C MET B 162 18.06 27.09 39.00
N MET B 163 17.76 25.84 39.36
CA MET B 163 16.35 25.47 39.57
C MET B 163 15.73 26.33 40.66
N TYR B 164 16.44 26.53 41.76
CA TYR B 164 15.83 27.24 42.87
C TYR B 164 15.59 28.70 42.51
N VAL B 165 16.59 29.37 41.94
CA VAL B 165 16.40 30.76 41.58
C VAL B 165 15.33 30.88 40.50
N LEU B 166 15.22 29.87 39.64
CA LEU B 166 14.24 29.96 38.57
C LEU B 166 12.84 29.79 39.12
N ILE B 167 12.64 28.83 40.01
CA ILE B 167 11.37 28.68 40.71
C ILE B 167 10.99 29.98 41.41
N VAL B 168 11.94 30.56 42.13
CA VAL B 168 11.63 31.76 42.91
C VAL B 168 11.26 32.91 41.99
N VAL B 169 12.03 33.13 40.92
CA VAL B 169 11.74 34.25 40.05
C VAL B 169 10.45 34.01 39.28
N LEU B 170 10.11 32.76 39.03
CA LEU B 170 8.86 32.48 38.33
C LEU B 170 7.67 32.77 39.23
N THR B 171 7.70 32.28 40.46
CA THR B 171 6.63 32.64 41.39
C THR B 171 6.56 34.14 41.61
N ILE B 172 7.70 34.82 41.65
CA ILE B 172 7.67 36.27 41.82
C ILE B 172 7.00 36.94 40.64
N TRP B 173 7.39 36.57 39.43
CA TRP B 173 6.76 37.15 38.25
C TRP B 173 5.27 36.88 38.24
N LEU B 174 4.87 35.66 38.62
CA LEU B 174 3.47 35.32 38.58
C LEU B 174 2.68 36.13 39.60
N VAL B 175 3.18 36.21 40.83
CA VAL B 175 2.45 36.95 41.85
C VAL B 175 2.46 38.44 41.54
N ALA B 176 3.52 38.92 40.87
CA ALA B 176 3.52 40.30 40.44
C ALA B 176 2.40 40.57 39.46
N GLU B 177 2.39 39.83 38.34
CA GLU B 177 1.33 39.97 37.37
C GLU B 177 -0.04 39.77 38.01
N MET B 178 -0.10 38.91 39.02
CA MET B 178 -1.36 38.69 39.74
C MET B 178 -1.80 39.95 40.47
N ILE B 179 -0.92 40.51 41.30
CA ILE B 179 -1.27 41.70 42.05
C ILE B 179 -1.63 42.83 41.11
N TYR B 180 -0.97 42.89 39.96
CA TYR B 180 -1.23 43.95 39.00
C TYR B 180 -2.64 43.80 38.41
N CYS B 181 -2.91 42.66 37.77
CA CYS B 181 -4.24 42.44 37.22
C CYS B 181 -5.32 42.55 38.28
N TYR B 182 -4.99 42.22 39.53
CA TYR B 182 -6.01 42.30 40.58
C TYR B 182 -6.33 43.74 40.91
N LYS B 183 -5.30 44.57 41.09
CA LYS B 183 -5.56 45.99 41.29
C LYS B 183 -6.37 46.55 40.14
N LYS B 184 -6.06 46.11 38.92
CA LYS B 184 -6.79 46.59 37.74
C LYS B 184 -8.27 46.23 37.83
N ILE B 185 -8.56 44.93 37.88
CA ILE B 185 -9.95 44.50 37.88
C ILE B 185 -10.67 44.99 39.12
N ALA B 186 -9.94 45.28 40.21
CA ALA B 186 -10.58 45.81 41.40
C ALA B 186 -11.04 47.24 41.17
N ALA B 187 -10.15 48.08 40.65
CA ALA B 187 -10.58 49.41 40.24
C ALA B 187 -11.77 49.31 39.29
N ALA B 188 -11.75 48.32 38.40
CA ALA B 188 -12.85 48.15 37.47
C ALA B 188 -14.16 47.87 38.20
N THR B 189 -14.17 46.87 39.07
CA THR B 189 -15.41 46.45 39.70
C THR B 189 -15.93 47.52 40.66
N GLU B 190 -15.03 48.30 41.25
CA GLU B 190 -15.50 49.41 42.07
C GLU B 190 -15.91 50.61 41.24
N THR B 191 -15.51 50.67 39.97
CA THR B 191 -15.91 51.79 39.12
C THR B 191 -17.42 51.81 38.90
N ALA B 192 -18.02 50.66 38.61
CA ALA B 192 -19.46 50.59 38.38
C ALA B 192 -20.22 50.60 39.69
N MET C 30 18.72 -32.21 -19.40
CA MET C 30 19.41 -31.22 -20.21
C MET C 30 19.17 -31.51 -21.68
N GLU C 31 18.66 -30.52 -22.40
CA GLU C 31 18.44 -30.66 -23.83
C GLU C 31 19.77 -30.57 -24.55
N VAL C 32 20.09 -31.62 -25.31
CA VAL C 32 21.29 -31.70 -26.13
C VAL C 32 20.85 -31.94 -27.56
N THR C 33 21.30 -31.09 -28.46
CA THR C 33 20.89 -31.14 -29.85
C THR C 33 22.02 -31.69 -30.70
N VAL C 34 21.78 -32.85 -31.31
CA VAL C 34 22.71 -33.49 -32.24
C VAL C 34 21.91 -34.11 -33.36
N PRO C 35 22.54 -34.36 -34.51
CA PRO C 35 21.89 -35.17 -35.54
C PRO C 35 21.93 -36.63 -35.15
N ALA C 36 20.77 -37.29 -35.17
CA ALA C 36 20.75 -38.71 -34.81
C ALA C 36 21.57 -39.54 -35.78
N THR C 37 21.56 -39.18 -37.06
CA THR C 37 22.35 -39.84 -38.09
C THR C 37 23.13 -38.76 -38.82
N LEU C 38 24.41 -39.01 -39.06
CA LEU C 38 25.26 -38.09 -39.81
C LEU C 38 25.96 -38.90 -40.89
N ASN C 39 25.70 -38.57 -42.14
CA ASN C 39 26.23 -39.28 -43.30
C ASN C 39 27.29 -38.41 -43.94
N VAL C 40 28.51 -38.95 -44.04
CA VAL C 40 29.66 -38.19 -44.50
C VAL C 40 30.42 -39.02 -45.54
N LEU C 41 30.89 -38.37 -46.60
CA LEU C 41 31.68 -39.05 -47.62
C LEU C 41 33.06 -39.40 -47.09
N ASN C 42 33.50 -40.56 -47.43
CA ASN C 42 34.88 -40.98 -47.16
C ASN C 42 35.85 -39.93 -47.67
N GLY C 43 36.78 -39.51 -46.79
CA GLY C 43 37.78 -38.53 -47.15
C GLY C 43 37.40 -37.10 -46.84
N SER C 44 36.13 -36.81 -46.62
CA SER C 44 35.72 -35.45 -46.27
CA SER C 44 35.73 -35.46 -46.27
C SER C 44 35.89 -35.24 -44.77
N ASP C 45 35.70 -33.99 -44.34
CA ASP C 45 35.72 -33.65 -42.94
C ASP C 45 34.31 -33.76 -42.39
N ALA C 46 34.19 -34.36 -41.21
CA ALA C 46 32.90 -34.54 -40.56
C ALA C 46 32.87 -33.72 -39.28
N ARG C 47 32.05 -32.67 -39.28
CA ARG C 47 31.77 -31.96 -38.04
C ARG C 47 30.62 -32.68 -37.35
N LEU C 48 30.85 -33.08 -36.13
CA LEU C 48 29.84 -33.70 -35.29
C LEU C 48 29.22 -32.58 -34.45
N PRO C 49 28.06 -32.03 -34.85
CA PRO C 49 27.52 -30.89 -34.12
C PRO C 49 26.88 -31.31 -32.82
N CYS C 50 27.12 -30.51 -31.78
CA CYS C 50 26.48 -30.77 -30.49
C CYS C 50 26.39 -29.45 -29.74
N THR C 51 25.17 -29.00 -29.48
CA THR C 51 24.92 -27.85 -28.62
C THR C 51 24.00 -28.28 -27.49
N PHE C 52 23.98 -27.54 -26.37
CA PHE C 52 23.16 -27.94 -25.20
C PHE C 52 22.50 -26.73 -24.54
N ASN C 53 21.22 -26.82 -24.24
CA ASN C 53 20.53 -25.67 -23.68
C ASN C 53 20.57 -25.66 -22.16
N SER C 54 21.70 -25.23 -21.61
CA SER C 54 21.80 -25.12 -20.17
C SER C 54 21.76 -23.65 -19.83
N CYS C 55 20.82 -23.30 -18.95
CA CYS C 55 20.62 -21.91 -18.52
C CYS C 55 21.76 -21.28 -17.77
N TYR C 56 22.44 -22.06 -16.97
CA TYR C 56 23.57 -21.57 -16.18
C TYR C 56 24.78 -21.26 -17.05
N THR C 57 25.50 -20.19 -16.71
CA THR C 57 26.70 -19.82 -17.46
C THR C 57 27.76 -20.89 -17.38
N VAL C 58 28.52 -21.08 -18.47
CA VAL C 58 29.54 -22.12 -18.50
C VAL C 58 30.80 -21.70 -17.76
N ASN C 59 31.03 -22.32 -16.60
CA ASN C 59 32.22 -22.03 -15.81
C ASN C 59 33.30 -23.02 -16.22
N HIS C 60 34.35 -22.52 -16.90
CA HIS C 60 35.38 -23.42 -17.39
C HIS C 60 36.08 -24.18 -16.27
N LYS C 61 36.01 -23.69 -15.03
CA LYS C 61 36.66 -24.40 -13.93
C LYS C 61 35.83 -25.58 -13.41
N GLN C 62 34.57 -25.68 -13.83
CA GLN C 62 33.70 -26.76 -13.37
C GLN C 62 33.03 -27.52 -14.52
N PHE C 63 32.92 -26.94 -15.70
CA PHE C 63 32.27 -27.58 -16.83
C PHE C 63 32.97 -28.89 -17.18
N SER C 64 32.18 -29.89 -17.56
CA SER C 64 32.70 -31.20 -17.91
C SER C 64 32.11 -31.66 -19.23
N LEU C 65 32.97 -32.16 -20.11
CA LEU C 65 32.56 -32.72 -21.40
C LEU C 65 33.37 -33.98 -21.63
N ASN C 66 32.69 -35.06 -22.03
CA ASN C 66 33.36 -36.28 -22.46
C ASN C 66 32.77 -36.67 -23.80
N TRP C 67 33.63 -36.93 -24.78
CA TRP C 67 33.23 -37.53 -26.04
C TRP C 67 33.76 -38.95 -26.11
N THR C 68 32.88 -39.90 -26.37
CA THR C 68 33.27 -41.30 -26.42
C THR C 68 32.89 -41.92 -27.75
N TYR C 69 33.32 -43.16 -27.97
CA TYR C 69 33.03 -43.83 -29.22
C TYR C 69 32.75 -45.32 -29.02
N GLN C 70 31.58 -45.77 -29.43
CA GLN C 70 31.28 -47.20 -29.36
C GLN C 70 30.86 -47.71 -30.74
N GLU C 71 31.34 -48.89 -31.10
CA GLU C 71 31.01 -49.45 -32.40
C GLU C 71 29.54 -49.80 -32.50
N CYS C 72 28.92 -50.14 -31.38
CA CYS C 72 27.53 -50.57 -31.38
C CYS C 72 26.91 -50.22 -30.03
N ASN C 73 25.58 -50.26 -29.97
CA ASN C 73 24.88 -49.84 -28.76
C ASN C 73 25.27 -50.69 -27.56
N ASN C 74 25.69 -51.93 -27.80
CA ASN C 74 26.04 -52.86 -26.72
C ASN C 74 27.54 -53.17 -26.73
N CYS C 75 28.34 -52.25 -27.25
CA CYS C 75 29.79 -52.38 -27.38
C CYS C 75 30.50 -51.42 -26.43
N SER C 76 31.82 -51.55 -26.35
CA SER C 76 32.58 -50.72 -25.42
C SER C 76 32.80 -49.29 -25.89
N GLU C 77 32.67 -48.33 -24.97
CA GLU C 77 32.91 -46.93 -25.29
C GLU C 77 34.37 -46.57 -25.06
N GLU C 78 34.94 -45.82 -26.00
CA GLU C 78 36.31 -45.34 -25.93
C GLU C 78 36.28 -43.82 -25.87
N MET C 79 36.69 -43.24 -24.73
CA MET C 79 36.75 -41.79 -24.62
C MET C 79 37.87 -41.28 -25.51
N PHE C 80 37.59 -40.25 -26.31
CA PHE C 80 38.60 -39.70 -27.20
C PHE C 80 38.88 -38.22 -27.00
N LEU C 81 38.01 -37.49 -26.31
CA LEU C 81 38.25 -36.09 -26.03
C LEU C 81 37.50 -35.74 -24.75
N GLN C 82 38.11 -34.91 -23.93
CA GLN C 82 37.50 -34.54 -22.64
C GLN C 82 37.84 -33.12 -22.26
N PHE C 83 36.91 -32.34 -21.77
CA PHE C 83 37.21 -30.99 -21.33
C PHE C 83 37.28 -30.94 -19.84
N ARG C 84 38.39 -30.47 -19.28
CA ARG C 84 38.51 -30.30 -17.82
C ARG C 84 39.29 -29.06 -17.61
N MET C 85 38.64 -27.90 -17.65
CA MET C 85 39.32 -26.61 -17.50
C MET C 85 40.16 -26.26 -18.70
N LYS C 86 40.03 -27.03 -19.78
CA LYS C 86 40.77 -26.76 -21.03
C LYS C 86 40.38 -27.86 -21.98
N ILE C 87 41.10 -28.00 -23.09
CA ILE C 87 40.80 -29.11 -23.99
C ILE C 87 41.75 -30.29 -23.79
N ILE C 88 41.21 -31.50 -23.71
CA ILE C 88 42.04 -32.70 -23.60
C ILE C 88 41.80 -33.71 -24.73
N ASN C 89 42.77 -33.87 -25.64
CA ASN C 89 42.61 -34.79 -26.75
C ASN C 89 43.40 -36.05 -26.42
N LEU C 90 42.71 -37.18 -26.29
CA LEU C 90 43.39 -38.40 -25.85
C LEU C 90 44.22 -39.05 -26.94
N LYS C 91 44.09 -38.59 -28.18
CA LYS C 91 44.91 -39.07 -29.28
C LYS C 91 44.84 -40.59 -29.43
N LEU C 92 43.60 -41.10 -29.43
CA LEU C 92 43.42 -42.54 -29.59
C LEU C 92 44.03 -43.01 -30.91
N GLU C 93 44.68 -44.17 -30.87
CA GLU C 93 45.31 -44.70 -32.07
C GLU C 93 44.30 -44.85 -33.21
N ARG C 94 43.05 -45.21 -32.89
CA ARG C 94 42.08 -45.46 -33.94
C ARG C 94 41.74 -44.22 -34.76
N PHE C 95 42.01 -43.04 -34.23
CA PHE C 95 41.72 -41.80 -34.97
C PHE C 95 42.97 -41.12 -35.51
N GLN C 96 44.15 -41.65 -35.21
CA GLN C 96 45.41 -40.97 -35.56
C GLN C 96 45.37 -39.58 -34.92
N ASP C 97 45.62 -38.52 -35.66
CA ASP C 97 45.53 -37.16 -35.17
C ASP C 97 44.43 -36.41 -35.90
N ARG C 98 43.35 -37.11 -36.24
CA ARG C 98 42.29 -36.54 -37.05
C ARG C 98 41.17 -35.90 -36.23
N VAL C 99 41.14 -36.12 -34.90
CA VAL C 99 40.14 -35.49 -34.04
C VAL C 99 40.58 -34.08 -33.67
N GLU C 100 39.63 -33.15 -33.74
CA GLU C 100 39.82 -31.80 -33.25
C GLU C 100 38.57 -31.36 -32.51
N PHE C 101 38.75 -30.56 -31.48
CA PHE C 101 37.61 -29.85 -30.92
C PHE C 101 37.17 -28.78 -31.91
N SER C 102 35.87 -28.57 -32.01
CA SER C 102 35.33 -27.61 -32.96
C SER C 102 34.17 -26.84 -32.35
N GLY C 103 34.19 -26.66 -31.04
CA GLY C 103 33.14 -25.95 -30.35
C GLY C 103 33.61 -24.71 -29.61
N ASN C 104 32.81 -24.31 -28.65
CA ASN C 104 33.02 -23.11 -27.86
C ASN C 104 32.15 -23.27 -26.64
N PRO C 105 32.67 -23.80 -25.53
CA PRO C 105 31.79 -24.14 -24.39
C PRO C 105 30.99 -22.97 -23.87
N SER C 106 31.59 -21.78 -23.81
CA SER C 106 30.87 -20.61 -23.30
CA SER C 106 30.89 -20.60 -23.30
C SER C 106 29.67 -20.27 -24.15
N LYS C 107 29.68 -20.64 -25.42
CA LYS C 107 28.54 -20.47 -26.32
C LYS C 107 27.72 -21.74 -26.44
N TYR C 108 27.89 -22.68 -25.50
CA TYR C 108 27.04 -23.87 -25.40
C TYR C 108 27.21 -24.80 -26.60
N ASP C 109 28.41 -24.78 -27.20
CA ASP C 109 28.72 -25.60 -28.36
C ASP C 109 29.89 -26.50 -28.01
N VAL C 110 29.70 -27.81 -28.10
CA VAL C 110 30.75 -28.78 -27.75
C VAL C 110 31.06 -29.69 -28.93
N SER C 111 30.88 -29.17 -30.15
CA SER C 111 31.08 -29.96 -31.35
CA SER C 111 31.07 -29.98 -31.34
C SER C 111 32.53 -30.40 -31.50
N VAL C 112 32.71 -31.51 -32.23
CA VAL C 112 34.03 -32.00 -32.58
C VAL C 112 34.10 -32.15 -34.10
N MET C 113 35.33 -32.23 -34.59
CA MET C 113 35.63 -32.37 -36.00
C MET C 113 36.46 -33.62 -36.19
N LEU C 114 36.09 -34.44 -37.16
CA LEU C 114 36.88 -35.60 -37.54
C LEU C 114 37.36 -35.35 -38.96
N ARG C 115 38.63 -35.02 -39.11
CA ARG C 115 39.16 -34.72 -40.43
C ARG C 115 39.34 -35.98 -41.26
N ASN C 116 39.18 -35.82 -42.57
CA ASN C 116 39.54 -36.85 -43.55
C ASN C 116 38.98 -38.21 -43.11
N VAL C 117 37.64 -38.27 -43.03
CA VAL C 117 36.95 -39.42 -42.47
C VAL C 117 37.32 -40.70 -43.22
N GLN C 118 37.50 -41.77 -42.45
CA GLN C 118 37.82 -43.09 -42.99
C GLN C 118 36.67 -44.06 -42.72
N PRO C 119 36.58 -45.16 -43.48
CA PRO C 119 35.45 -46.08 -43.27
C PRO C 119 35.37 -46.62 -41.85
N GLU C 120 36.52 -46.83 -41.19
CA GLU C 120 36.51 -47.38 -39.83
C GLU C 120 35.94 -46.40 -38.81
N ASP C 121 35.77 -45.13 -39.18
CA ASP C 121 35.17 -44.15 -38.27
C ASP C 121 33.66 -44.36 -38.10
N GLU C 122 33.04 -45.14 -38.96
CA GLU C 122 31.62 -45.44 -38.79
C GLU C 122 31.36 -45.98 -37.38
N GLY C 123 30.31 -45.49 -36.76
CA GLY C 123 29.93 -45.97 -35.44
C GLY C 123 29.12 -44.93 -34.69
N ILE C 124 29.15 -45.04 -33.37
CA ILE C 124 28.34 -44.21 -32.48
C ILE C 124 29.25 -43.27 -31.71
N TYR C 125 28.93 -41.97 -31.72
CA TYR C 125 29.70 -40.99 -30.96
C TYR C 125 28.80 -40.32 -29.92
N ASN C 126 29.30 -40.17 -28.69
CA ASN C 126 28.47 -39.61 -27.61
C ASN C 126 28.98 -38.32 -26.97
N CYS C 127 28.17 -37.27 -26.95
CA CYS C 127 28.57 -36.04 -26.23
C CYS C 127 27.97 -35.98 -24.82
N TYR C 128 28.79 -36.20 -23.78
CA TYR C 128 28.31 -36.13 -22.39
C TYR C 128 28.61 -34.75 -21.85
N ILE C 129 27.69 -34.18 -21.06
CA ILE C 129 27.87 -32.78 -20.67
C ILE C 129 27.38 -32.59 -19.25
N MET C 130 28.21 -31.96 -18.42
CA MET C 130 27.79 -31.49 -17.11
C MET C 130 28.17 -30.03 -16.98
N ASN C 131 27.22 -29.22 -16.54
CA ASN C 131 27.39 -27.77 -16.40
C ASN C 131 26.97 -27.40 -14.98
N PRO C 132 27.81 -27.70 -13.98
CA PRO C 132 27.48 -27.35 -12.60
C PRO C 132 27.18 -25.86 -12.44
N PRO C 133 26.21 -25.49 -11.60
CA PRO C 133 25.44 -26.33 -10.66
C PRO C 133 24.17 -26.93 -11.27
N ASP C 134 24.02 -26.86 -12.59
CA ASP C 134 22.90 -27.53 -13.24
C ASP C 134 22.95 -29.01 -12.86
N ARG C 135 21.81 -29.53 -12.40
CA ARG C 135 21.80 -30.87 -11.81
C ARG C 135 21.92 -31.96 -12.87
N HIS C 136 21.23 -31.80 -14.00
CA HIS C 136 21.08 -32.89 -14.95
C HIS C 136 22.24 -32.94 -15.94
N ARG C 137 22.72 -34.17 -16.18
CA ARG C 137 23.77 -34.45 -17.15
C ARG C 137 23.13 -34.61 -18.52
N GLY C 138 23.77 -34.07 -19.54
CA GLY C 138 23.29 -34.18 -20.90
C GLY C 138 23.99 -35.28 -21.66
N HIS C 139 23.30 -35.84 -22.65
CA HIS C 139 23.86 -36.91 -23.46
C HIS C 139 23.33 -36.77 -24.88
N GLY C 140 24.23 -36.58 -25.84
CA GLY C 140 23.89 -36.62 -27.26
C GLY C 140 24.54 -37.84 -27.89
N LYS C 141 23.82 -38.45 -28.83
CA LYS C 141 24.31 -39.65 -29.51
C LYS C 141 24.16 -39.48 -31.01
N ILE C 142 25.26 -39.61 -31.75
CA ILE C 142 25.28 -39.47 -33.20
C ILE C 142 25.71 -40.80 -33.81
N HIS C 143 24.96 -41.27 -34.81
CA HIS C 143 25.35 -42.42 -35.60
C HIS C 143 26.02 -41.89 -36.86
N LEU C 144 27.34 -42.05 -36.95
CA LEU C 144 28.10 -41.58 -38.10
C LEU C 144 28.19 -42.72 -39.11
N GLN C 145 27.78 -42.45 -40.33
CA GLN C 145 27.87 -43.41 -41.43
C GLN C 145 28.78 -42.85 -42.51
N VAL C 146 29.65 -43.70 -43.05
CA VAL C 146 30.65 -43.27 -44.02
C VAL C 146 30.24 -43.78 -45.39
N LEU C 147 30.03 -42.84 -46.30
CA LEU C 147 29.60 -43.13 -47.66
C LEU C 147 30.81 -43.30 -48.58
N MET C 148 30.59 -44.01 -49.68
CA MET C 148 31.64 -44.26 -50.67
C MET C 148 32.14 -42.95 -51.27
#